data_2YPM
# 
_entry.id   2YPM 
# 
_audit_conform.dict_name       mmcif_pdbx.dic 
_audit_conform.dict_version    5.399 
_audit_conform.dict_location   http://mmcif.pdb.org/dictionaries/ascii/mmcif_pdbx.dic 
# 
loop_
_database_2.database_id 
_database_2.database_code 
_database_2.pdbx_database_accession 
_database_2.pdbx_DOI 
PDB   2YPM         pdb_00002ypm 10.2210/pdb2ypm/pdb 
PDBE  EBI-54579    ?            ?                   
WWPDB D_1290054579 ?            ?                   
# 
loop_
_pdbx_audit_revision_history.ordinal 
_pdbx_audit_revision_history.data_content_type 
_pdbx_audit_revision_history.major_revision 
_pdbx_audit_revision_history.minor_revision 
_pdbx_audit_revision_history.revision_date 
1 'Structure model' 1 0 2013-08-21 
2 'Structure model' 1 1 2013-09-25 
3 'Structure model' 1 2 2019-03-06 
4 'Structure model' 1 3 2023-12-20 
5 'Structure model' 1 4 2024-11-20 
# 
_pdbx_audit_revision_details.ordinal             1 
_pdbx_audit_revision_details.revision_ordinal    1 
_pdbx_audit_revision_details.data_content_type   'Structure model' 
_pdbx_audit_revision_details.provider            repository 
_pdbx_audit_revision_details.type                'Initial release' 
_pdbx_audit_revision_details.description         ? 
_pdbx_audit_revision_details.details             ? 
# 
loop_
_pdbx_audit_revision_group.ordinal 
_pdbx_audit_revision_group.revision_ordinal 
_pdbx_audit_revision_group.data_content_type 
_pdbx_audit_revision_group.group 
1  2 'Structure model' 'Database references'      
2  3 'Structure model' Advisory                   
3  3 'Structure model' 'Data collection'          
4  3 'Structure model' 'Experimental preparation' 
5  3 'Structure model' Other                      
6  4 'Structure model' Advisory                   
7  4 'Structure model' 'Data collection'          
8  4 'Structure model' 'Database references'      
9  4 'Structure model' Other                      
10 4 'Structure model' 'Refinement description'   
11 5 'Structure model' 'Structure summary'        
# 
loop_
_pdbx_audit_revision_category.ordinal 
_pdbx_audit_revision_category.revision_ordinal 
_pdbx_audit_revision_category.data_content_type 
_pdbx_audit_revision_category.category 
1  3 'Structure model' database_PDB_rev              
2  3 'Structure model' database_PDB_rev_record       
3  3 'Structure model' exptl_crystal_grow            
4  3 'Structure model' pdbx_database_proc            
5  3 'Structure model' pdbx_database_status          
6  3 'Structure model' pdbx_unobs_or_zero_occ_atoms  
7  3 'Structure model' struct_biol                   
8  4 'Structure model' chem_comp_atom                
9  4 'Structure model' chem_comp_bond                
10 4 'Structure model' database_2                    
11 4 'Structure model' pdbx_database_status          
12 4 'Structure model' pdbx_initial_refinement_model 
13 4 'Structure model' pdbx_unobs_or_zero_occ_atoms  
14 5 'Structure model' pdbx_entry_details            
15 5 'Structure model' pdbx_modification_feature     
# 
loop_
_pdbx_audit_revision_item.ordinal 
_pdbx_audit_revision_item.revision_ordinal 
_pdbx_audit_revision_item.data_content_type 
_pdbx_audit_revision_item.item 
1 3 'Structure model' '_exptl_crystal_grow.method'                   
2 3 'Structure model' '_exptl_crystal_grow.temp'                     
3 3 'Structure model' '_pdbx_database_status.recvd_author_approval'  
4 4 'Structure model' '_database_2.pdbx_DOI'                         
5 4 'Structure model' '_database_2.pdbx_database_accession'          
6 4 'Structure model' '_pdbx_database_status.status_code_sf'         
7 5 'Structure model' '_pdbx_entry_details.has_protein_modification' 
# 
_pdbx_database_status.status_code                     REL 
_pdbx_database_status.entry_id                        2YPM 
_pdbx_database_status.deposit_site                    PDBE 
_pdbx_database_status.process_site                    PDBE 
_pdbx_database_status.SG_entry                        . 
_pdbx_database_status.recvd_initial_deposition_date   2012-10-30 
_pdbx_database_status.pdb_format_compatible           Y 
_pdbx_database_status.status_code_sf                  REL 
_pdbx_database_status.status_code_mr                  ? 
_pdbx_database_status.status_code_cs                  ? 
_pdbx_database_status.methods_development_category    ? 
_pdbx_database_status.status_code_nmr_data            ? 
# 
loop_
_pdbx_database_related.db_name 
_pdbx_database_related.db_id 
_pdbx_database_related.content_type 
_pdbx_database_related.details 
PDB 2YN1 unspecified 
;CRYSTAL STRUCTURE OF ANCESTRAL THIOREDOXIN RELATIVE TO LAST GAMMA-PROTEOBACTERIA COMMON ANCESTOR (LGPCA) FROM THE PRECAMBRIAN PERIOD
;
PDB 2YNX unspecified 
'CRYSTAL STRUCTURE OF ANCESTRAL THIOREDOXIN RELATIVE TO LAST ARCHAEA COMMON ANCESTOR (LACA) FROM THE PRECAMBRIAN PERIOD' 
PDB 2YOI unspecified 
'CRYSTAL STRUCTURE OF ANCESTRAL THIOREDOXIN RELATIVE TO LAST EUKARYOTES COMMON ANCESTOR (LECA) FROM THE PRECAMBRIAN PERIOD' 
PDB 4BA7 unspecified 
'CRYSTAL STRUCTURE OF ANCESTRAL THIOREDOXIN RELATIVE TO LAST BACTERIA COMMON ANCESTOR (LBCA) FROM THE PRECAMBRIAN PERIOD' 
PDB 2YJ7 unspecified 'CRYSTAL STRUCTURE OF A HYPERSTABLE PROTEIN FROM THE PRECAMBRIAN PERIOD' 
PDB 3ZIV unspecified 
'CRYSTAL STRUCTURE OF ANCESTRAL THIOREDOXIN RELATIVE TO LAST ARCHAEA-EUKARYOTES COMMON ANCESTOR (AECA) FROM THE PRECAMBRIAN PERIOD' 
# 
loop_
_audit_author.name 
_audit_author.pdbx_ordinal 
_audit_author.identifier_ORCID 
'Gavira, J.A.'       1 ? 
'Ingles-Prieto, A.'  2 ? 
'Ibarra-Molero, B.'  3 ? 
'Sanchez-Ruiz, J.M.' 4 ? 
# 
_citation.id                        primary 
_citation.title                     'Conservation of Protein Structure Over Four Billion Years' 
_citation.journal_abbrev            Structure 
_citation.journal_volume            21 
_citation.page_first                1690 
_citation.page_last                 ? 
_citation.year                      2013 
_citation.journal_id_ASTM           STRUE6 
_citation.country                   UK 
_citation.journal_id_ISSN           0969-2126 
_citation.journal_id_CSD            2005 
_citation.book_publisher            ? 
_citation.pdbx_database_id_PubMed   23932589 
_citation.pdbx_database_id_DOI      10.1016/J.STR.2013.06.020 
# 
loop_
_citation_author.citation_id 
_citation_author.name 
_citation_author.ordinal 
_citation_author.identifier_ORCID 
primary 'Ingles-Prieto, A.'   1 ? 
primary 'Ibarra-Molero, B.'   2 ? 
primary 'Delgado-Delgado, A.' 3 ? 
primary 'Perez-Jimenez, R.'   4 ? 
primary 'Fernandez, J.M.'     5 ? 
primary 'Gaucher, E.A.'       6 ? 
primary 'Sanchez-Ruiz, J.M.'  7 ? 
primary 'Gavira, J.A.'        8 ? 
# 
loop_
_entity.id 
_entity.type 
_entity.src_method 
_entity.pdbx_description 
_entity.formula_weight 
_entity.pdbx_number_of_molecules 
_entity.pdbx_ec 
_entity.pdbx_mutation 
_entity.pdbx_fragment 
_entity.details 
1 polymer man 'LAFCA THIOREDOXIN' 11906.608 1  1.8.1.9 ? ? ? 
2 water   nat water               18.015    52 ?       ? ? ? 
# 
_entity_poly.entity_id                      1 
_entity_poly.type                           'polypeptide(L)' 
_entity_poly.nstd_linkage                   no 
_entity_poly.nstd_monomer                   no 
_entity_poly.pdbx_seq_one_letter_code       
;MVIQVTNKDEFESILSEADKLVVVDFTATWCGPCKMIAPKFEELSEEYPDNVVFLKVDVDEVEDVAAEYGISAMPTFQFF
KNGKKVDELTGANQEKLKAMIKKHAA
;
_entity_poly.pdbx_seq_one_letter_code_can   
;MVIQVTNKDEFESILSEADKLVVVDFTATWCGPCKMIAPKFEELSEEYPDNVVFLKVDVDEVEDVAAEYGISAMPTFQFF
KNGKKVDELTGANQEKLKAMIKKHAA
;
_entity_poly.pdbx_strand_id                 A 
_entity_poly.pdbx_target_identifier         ? 
# 
_pdbx_entity_nonpoly.entity_id   2 
_pdbx_entity_nonpoly.name        water 
_pdbx_entity_nonpoly.comp_id     HOH 
# 
loop_
_entity_poly_seq.entity_id 
_entity_poly_seq.num 
_entity_poly_seq.mon_id 
_entity_poly_seq.hetero 
1 1   MET n 
1 2   VAL n 
1 3   ILE n 
1 4   GLN n 
1 5   VAL n 
1 6   THR n 
1 7   ASN n 
1 8   LYS n 
1 9   ASP n 
1 10  GLU n 
1 11  PHE n 
1 12  GLU n 
1 13  SER n 
1 14  ILE n 
1 15  LEU n 
1 16  SER n 
1 17  GLU n 
1 18  ALA n 
1 19  ASP n 
1 20  LYS n 
1 21  LEU n 
1 22  VAL n 
1 23  VAL n 
1 24  VAL n 
1 25  ASP n 
1 26  PHE n 
1 27  THR n 
1 28  ALA n 
1 29  THR n 
1 30  TRP n 
1 31  CYS n 
1 32  GLY n 
1 33  PRO n 
1 34  CYS n 
1 35  LYS n 
1 36  MET n 
1 37  ILE n 
1 38  ALA n 
1 39  PRO n 
1 40  LYS n 
1 41  PHE n 
1 42  GLU n 
1 43  GLU n 
1 44  LEU n 
1 45  SER n 
1 46  GLU n 
1 47  GLU n 
1 48  TYR n 
1 49  PRO n 
1 50  ASP n 
1 51  ASN n 
1 52  VAL n 
1 53  VAL n 
1 54  PHE n 
1 55  LEU n 
1 56  LYS n 
1 57  VAL n 
1 58  ASP n 
1 59  VAL n 
1 60  ASP n 
1 61  GLU n 
1 62  VAL n 
1 63  GLU n 
1 64  ASP n 
1 65  VAL n 
1 66  ALA n 
1 67  ALA n 
1 68  GLU n 
1 69  TYR n 
1 70  GLY n 
1 71  ILE n 
1 72  SER n 
1 73  ALA n 
1 74  MET n 
1 75  PRO n 
1 76  THR n 
1 77  PHE n 
1 78  GLN n 
1 79  PHE n 
1 80  PHE n 
1 81  LYS n 
1 82  ASN n 
1 83  GLY n 
1 84  LYS n 
1 85  LYS n 
1 86  VAL n 
1 87  ASP n 
1 88  GLU n 
1 89  LEU n 
1 90  THR n 
1 91  GLY n 
1 92  ALA n 
1 93  ASN n 
1 94  GLN n 
1 95  GLU n 
1 96  LYS n 
1 97  LEU n 
1 98  LYS n 
1 99  ALA n 
1 100 MET n 
1 101 ILE n 
1 102 LYS n 
1 103 LYS n 
1 104 HIS n 
1 105 ALA n 
1 106 ALA n 
# 
_entity_src_gen.entity_id                          1 
_entity_src_gen.pdbx_src_id                        1 
_entity_src_gen.pdbx_alt_source_flag               sample 
_entity_src_gen.pdbx_seq_type                      ? 
_entity_src_gen.pdbx_beg_seq_num                   ? 
_entity_src_gen.pdbx_end_seq_num                   ? 
_entity_src_gen.gene_src_common_name               ? 
_entity_src_gen.gene_src_genus                     ? 
_entity_src_gen.pdbx_gene_src_gene                 ? 
_entity_src_gen.gene_src_species                   ? 
_entity_src_gen.gene_src_strain                    ? 
_entity_src_gen.gene_src_tissue                    ? 
_entity_src_gen.gene_src_tissue_fraction           ? 
_entity_src_gen.gene_src_details                   ? 
_entity_src_gen.pdbx_gene_src_fragment             ? 
_entity_src_gen.pdbx_gene_src_scientific_name      'SYNTHETIC CONSTRUCT' 
_entity_src_gen.pdbx_gene_src_ncbi_taxonomy_id     32630 
_entity_src_gen.pdbx_gene_src_variant              ? 
_entity_src_gen.pdbx_gene_src_cell_line            ? 
_entity_src_gen.pdbx_gene_src_atcc                 ? 
_entity_src_gen.pdbx_gene_src_organ                ? 
_entity_src_gen.pdbx_gene_src_organelle            ? 
_entity_src_gen.pdbx_gene_src_cell                 ? 
_entity_src_gen.pdbx_gene_src_cellular_location    ? 
_entity_src_gen.host_org_common_name               ? 
_entity_src_gen.pdbx_host_org_scientific_name      'ESCHERICHIA COLI' 
_entity_src_gen.pdbx_host_org_ncbi_taxonomy_id     469008 
_entity_src_gen.host_org_genus                     ? 
_entity_src_gen.pdbx_host_org_gene                 ? 
_entity_src_gen.pdbx_host_org_organ                ? 
_entity_src_gen.host_org_species                   ? 
_entity_src_gen.pdbx_host_org_tissue               ? 
_entity_src_gen.pdbx_host_org_tissue_fraction      ? 
_entity_src_gen.pdbx_host_org_strain               'BL21(DE3)' 
_entity_src_gen.pdbx_host_org_variant              ? 
_entity_src_gen.pdbx_host_org_cell_line            ? 
_entity_src_gen.pdbx_host_org_atcc                 ? 
_entity_src_gen.pdbx_host_org_culture_collection   ? 
_entity_src_gen.pdbx_host_org_cell                 ? 
_entity_src_gen.pdbx_host_org_organelle            ? 
_entity_src_gen.pdbx_host_org_cellular_location    ? 
_entity_src_gen.pdbx_host_org_vector_type          PLASMID 
_entity_src_gen.pdbx_host_org_vector               ? 
_entity_src_gen.host_org_details                   ? 
_entity_src_gen.expression_system_id               ? 
_entity_src_gen.plasmid_name                       'PET30A PLUS' 
_entity_src_gen.plasmid_details                    ? 
_entity_src_gen.pdbx_description                   ? 
# 
loop_
_chem_comp.id 
_chem_comp.type 
_chem_comp.mon_nstd_flag 
_chem_comp.name 
_chem_comp.pdbx_synonyms 
_chem_comp.formula 
_chem_comp.formula_weight 
ALA 'L-peptide linking' y ALANINE         ? 'C3 H7 N O2'     89.093  
ASN 'L-peptide linking' y ASPARAGINE      ? 'C4 H8 N2 O3'    132.118 
ASP 'L-peptide linking' y 'ASPARTIC ACID' ? 'C4 H7 N O4'     133.103 
CYS 'L-peptide linking' y CYSTEINE        ? 'C3 H7 N O2 S'   121.158 
GLN 'L-peptide linking' y GLUTAMINE       ? 'C5 H10 N2 O3'   146.144 
GLU 'L-peptide linking' y 'GLUTAMIC ACID' ? 'C5 H9 N O4'     147.129 
GLY 'peptide linking'   y GLYCINE         ? 'C2 H5 N O2'     75.067  
HIS 'L-peptide linking' y HISTIDINE       ? 'C6 H10 N3 O2 1' 156.162 
HOH non-polymer         . WATER           ? 'H2 O'           18.015  
ILE 'L-peptide linking' y ISOLEUCINE      ? 'C6 H13 N O2'    131.173 
LEU 'L-peptide linking' y LEUCINE         ? 'C6 H13 N O2'    131.173 
LYS 'L-peptide linking' y LYSINE          ? 'C6 H15 N2 O2 1' 147.195 
MET 'L-peptide linking' y METHIONINE      ? 'C5 H11 N O2 S'  149.211 
PHE 'L-peptide linking' y PHENYLALANINE   ? 'C9 H11 N O2'    165.189 
PRO 'L-peptide linking' y PROLINE         ? 'C5 H9 N O2'     115.130 
SER 'L-peptide linking' y SERINE          ? 'C3 H7 N O3'     105.093 
THR 'L-peptide linking' y THREONINE       ? 'C4 H9 N O3'     119.119 
TRP 'L-peptide linking' y TRYPTOPHAN      ? 'C11 H12 N2 O2'  204.225 
TYR 'L-peptide linking' y TYROSINE        ? 'C9 H11 N O3'    181.189 
VAL 'L-peptide linking' y VALINE          ? 'C5 H11 N O2'    117.146 
# 
loop_
_pdbx_poly_seq_scheme.asym_id 
_pdbx_poly_seq_scheme.entity_id 
_pdbx_poly_seq_scheme.seq_id 
_pdbx_poly_seq_scheme.mon_id 
_pdbx_poly_seq_scheme.ndb_seq_num 
_pdbx_poly_seq_scheme.pdb_seq_num 
_pdbx_poly_seq_scheme.auth_seq_num 
_pdbx_poly_seq_scheme.pdb_mon_id 
_pdbx_poly_seq_scheme.auth_mon_id 
_pdbx_poly_seq_scheme.pdb_strand_id 
_pdbx_poly_seq_scheme.pdb_ins_code 
_pdbx_poly_seq_scheme.hetero 
A 1 1   MET 1   1   1   MET MET A . n 
A 1 2   VAL 2   2   2   VAL VAL A . n 
A 1 3   ILE 3   3   3   ILE ILE A . n 
A 1 4   GLN 4   4   4   GLN GLN A . n 
A 1 5   VAL 5   5   5   VAL VAL A . n 
A 1 6   THR 6   6   6   THR THR A . n 
A 1 7   ASN 7   7   7   ASN ASN A . n 
A 1 8   LYS 8   8   8   LYS LYS A . n 
A 1 9   ASP 9   9   9   ASP ASP A . n 
A 1 10  GLU 10  10  10  GLU GLU A . n 
A 1 11  PHE 11  11  11  PHE PHE A . n 
A 1 12  GLU 12  12  12  GLU GLU A . n 
A 1 13  SER 13  13  13  SER SER A . n 
A 1 14  ILE 14  14  14  ILE ILE A . n 
A 1 15  LEU 15  15  15  LEU LEU A . n 
A 1 16  SER 16  16  16  SER SER A . n 
A 1 17  GLU 17  17  17  GLU GLU A . n 
A 1 18  ALA 18  18  18  ALA ALA A . n 
A 1 19  ASP 19  19  19  ASP ASP A . n 
A 1 20  LYS 20  20  20  LYS LYS A . n 
A 1 21  LEU 21  21  21  LEU LEU A . n 
A 1 22  VAL 22  22  22  VAL VAL A . n 
A 1 23  VAL 23  23  23  VAL VAL A . n 
A 1 24  VAL 24  24  24  VAL VAL A . n 
A 1 25  ASP 25  25  25  ASP ASP A . n 
A 1 26  PHE 26  26  26  PHE PHE A . n 
A 1 27  THR 27  27  27  THR THR A . n 
A 1 28  ALA 28  28  28  ALA ALA A . n 
A 1 29  THR 29  29  29  THR THR A . n 
A 1 30  TRP 30  30  30  TRP TRP A . n 
A 1 31  CYS 31  31  31  CYS CYS A . n 
A 1 32  GLY 32  32  32  GLY GLY A . n 
A 1 33  PRO 33  33  33  PRO PRO A . n 
A 1 34  CYS 34  34  34  CYS CYS A . n 
A 1 35  LYS 35  35  35  LYS LYS A . n 
A 1 36  MET 36  36  36  MET MET A . n 
A 1 37  ILE 37  37  37  ILE ILE A . n 
A 1 38  ALA 38  38  38  ALA ALA A . n 
A 1 39  PRO 39  39  39  PRO PRO A . n 
A 1 40  LYS 40  40  40  LYS LYS A . n 
A 1 41  PHE 41  41  41  PHE PHE A . n 
A 1 42  GLU 42  42  42  GLU GLU A . n 
A 1 43  GLU 43  43  43  GLU GLU A . n 
A 1 44  LEU 44  44  44  LEU LEU A . n 
A 1 45  SER 45  45  45  SER SER A . n 
A 1 46  GLU 46  46  46  GLU GLU A . n 
A 1 47  GLU 47  47  47  GLU GLU A . n 
A 1 48  TYR 48  48  48  TYR TYR A . n 
A 1 49  PRO 49  49  49  PRO PRO A . n 
A 1 50  ASP 50  50  50  ASP ASP A . n 
A 1 51  ASN 51  51  51  ASN ASN A . n 
A 1 52  VAL 52  52  52  VAL VAL A . n 
A 1 53  VAL 53  53  53  VAL VAL A . n 
A 1 54  PHE 54  54  54  PHE PHE A . n 
A 1 55  LEU 55  55  55  LEU LEU A . n 
A 1 56  LYS 56  56  56  LYS LYS A . n 
A 1 57  VAL 57  57  57  VAL VAL A . n 
A 1 58  ASP 58  58  58  ASP ASP A . n 
A 1 59  VAL 59  59  59  VAL VAL A . n 
A 1 60  ASP 60  60  60  ASP ASP A . n 
A 1 61  GLU 61  61  61  GLU GLU A . n 
A 1 62  VAL 62  62  62  VAL VAL A . n 
A 1 63  GLU 63  63  63  GLU GLU A . n 
A 1 64  ASP 64  64  64  ASP ASP A . n 
A 1 65  VAL 65  65  65  VAL VAL A . n 
A 1 66  ALA 66  66  66  ALA ALA A . n 
A 1 67  ALA 67  67  67  ALA ALA A . n 
A 1 68  GLU 68  68  68  GLU GLU A . n 
A 1 69  TYR 69  69  69  TYR TYR A . n 
A 1 70  GLY 70  70  70  GLY GLY A . n 
A 1 71  ILE 71  71  71  ILE ILE A . n 
A 1 72  SER 72  72  72  SER SER A . n 
A 1 73  ALA 73  73  73  ALA ALA A . n 
A 1 74  MET 74  74  74  MET MET A . n 
A 1 75  PRO 75  75  75  PRO PRO A . n 
A 1 76  THR 76  76  76  THR THR A . n 
A 1 77  PHE 77  77  77  PHE PHE A . n 
A 1 78  GLN 78  78  78  GLN GLN A . n 
A 1 79  PHE 79  79  79  PHE PHE A . n 
A 1 80  PHE 80  80  80  PHE PHE A . n 
A 1 81  LYS 81  81  81  LYS LYS A . n 
A 1 82  ASN 82  82  82  ASN ASN A . n 
A 1 83  GLY 83  83  83  GLY GLY A . n 
A 1 84  LYS 84  84  84  LYS LYS A . n 
A 1 85  LYS 85  85  85  LYS LYS A . n 
A 1 86  VAL 86  86  86  VAL VAL A . n 
A 1 87  ASP 87  87  87  ASP ASP A . n 
A 1 88  GLU 88  88  88  GLU GLU A . n 
A 1 89  LEU 89  89  89  LEU LEU A . n 
A 1 90  THR 90  90  90  THR THR A . n 
A 1 91  GLY 91  91  91  GLY GLY A . n 
A 1 92  ALA 92  92  92  ALA ALA A . n 
A 1 93  ASN 93  93  93  ASN ASN A . n 
A 1 94  GLN 94  94  94  GLN GLN A . n 
A 1 95  GLU 95  95  95  GLU GLU A . n 
A 1 96  LYS 96  96  96  LYS LYS A . n 
A 1 97  LEU 97  97  97  LEU LEU A . n 
A 1 98  LYS 98  98  98  LYS LYS A . n 
A 1 99  ALA 99  99  99  ALA ALA A . n 
A 1 100 MET 100 100 100 MET MET A . n 
A 1 101 ILE 101 101 101 ILE ILE A . n 
A 1 102 LYS 102 102 102 LYS LYS A . n 
A 1 103 LYS 103 103 103 LYS LYS A . n 
A 1 104 HIS 104 104 104 HIS HIS A . n 
A 1 105 ALA 105 105 105 ALA ALA A . n 
A 1 106 ALA 106 106 ?   ?   ?   A . n 
# 
loop_
_pdbx_nonpoly_scheme.asym_id 
_pdbx_nonpoly_scheme.entity_id 
_pdbx_nonpoly_scheme.mon_id 
_pdbx_nonpoly_scheme.ndb_seq_num 
_pdbx_nonpoly_scheme.pdb_seq_num 
_pdbx_nonpoly_scheme.auth_seq_num 
_pdbx_nonpoly_scheme.pdb_mon_id 
_pdbx_nonpoly_scheme.auth_mon_id 
_pdbx_nonpoly_scheme.pdb_strand_id 
_pdbx_nonpoly_scheme.pdb_ins_code 
B 2 HOH 1  2001 2001 HOH HOH A . 
B 2 HOH 2  2002 2002 HOH HOH A . 
B 2 HOH 3  2003 2003 HOH HOH A . 
B 2 HOH 4  2004 2004 HOH HOH A . 
B 2 HOH 5  2005 2005 HOH HOH A . 
B 2 HOH 6  2006 2006 HOH HOH A . 
B 2 HOH 7  2007 2007 HOH HOH A . 
B 2 HOH 8  2008 2008 HOH HOH A . 
B 2 HOH 9  2009 2009 HOH HOH A . 
B 2 HOH 10 2010 2010 HOH HOH A . 
B 2 HOH 11 2011 2011 HOH HOH A . 
B 2 HOH 12 2012 2012 HOH HOH A . 
B 2 HOH 13 2013 2013 HOH HOH A . 
B 2 HOH 14 2014 2014 HOH HOH A . 
B 2 HOH 15 2015 2015 HOH HOH A . 
B 2 HOH 16 2016 2016 HOH HOH A . 
B 2 HOH 17 2017 2017 HOH HOH A . 
B 2 HOH 18 2018 2018 HOH HOH A . 
B 2 HOH 19 2019 2019 HOH HOH A . 
B 2 HOH 20 2020 2020 HOH HOH A . 
B 2 HOH 21 2021 2021 HOH HOH A . 
B 2 HOH 22 2022 2022 HOH HOH A . 
B 2 HOH 23 2023 2023 HOH HOH A . 
B 2 HOH 24 2024 2024 HOH HOH A . 
B 2 HOH 25 2025 2025 HOH HOH A . 
B 2 HOH 26 2026 2026 HOH HOH A . 
B 2 HOH 27 2027 2027 HOH HOH A . 
B 2 HOH 28 2028 2028 HOH HOH A . 
B 2 HOH 29 2029 2029 HOH HOH A . 
B 2 HOH 30 2030 2030 HOH HOH A . 
B 2 HOH 31 2031 2031 HOH HOH A . 
B 2 HOH 32 2032 2032 HOH HOH A . 
B 2 HOH 33 2033 2033 HOH HOH A . 
B 2 HOH 34 2034 2034 HOH HOH A . 
B 2 HOH 35 2035 2035 HOH HOH A . 
B 2 HOH 36 2036 2036 HOH HOH A . 
B 2 HOH 37 2037 2037 HOH HOH A . 
B 2 HOH 38 2038 2038 HOH HOH A . 
B 2 HOH 39 2039 2039 HOH HOH A . 
B 2 HOH 40 2040 2040 HOH HOH A . 
B 2 HOH 41 2041 2041 HOH HOH A . 
B 2 HOH 42 2042 2042 HOH HOH A . 
B 2 HOH 43 2043 2043 HOH HOH A . 
B 2 HOH 44 2044 2044 HOH HOH A . 
B 2 HOH 45 2045 2045 HOH HOH A . 
B 2 HOH 46 2046 2046 HOH HOH A . 
B 2 HOH 47 2047 2047 HOH HOH A . 
B 2 HOH 48 2048 2048 HOH HOH A . 
B 2 HOH 49 2049 2049 HOH HOH A . 
B 2 HOH 50 2050 2050 HOH HOH A . 
B 2 HOH 51 2051 2051 HOH HOH A . 
B 2 HOH 52 2052 2052 HOH HOH A . 
# 
loop_
_pdbx_unobs_or_zero_occ_atoms.id 
_pdbx_unobs_or_zero_occ_atoms.PDB_model_num 
_pdbx_unobs_or_zero_occ_atoms.polymer_flag 
_pdbx_unobs_or_zero_occ_atoms.occupancy_flag 
_pdbx_unobs_or_zero_occ_atoms.auth_asym_id 
_pdbx_unobs_or_zero_occ_atoms.auth_comp_id 
_pdbx_unobs_or_zero_occ_atoms.auth_seq_id 
_pdbx_unobs_or_zero_occ_atoms.PDB_ins_code 
_pdbx_unobs_or_zero_occ_atoms.auth_atom_id 
_pdbx_unobs_or_zero_occ_atoms.label_alt_id 
_pdbx_unobs_or_zero_occ_atoms.label_asym_id 
_pdbx_unobs_or_zero_occ_atoms.label_comp_id 
_pdbx_unobs_or_zero_occ_atoms.label_seq_id 
_pdbx_unobs_or_zero_occ_atoms.label_atom_id 
1  1 Y 1 A LYS 40  ? CE  ? A LYS 40  CE  
2  1 Y 1 A LYS 40  ? NZ  ? A LYS 40  NZ  
3  1 Y 1 A GLU 61  ? CG  ? A GLU 61  CG  
4  1 Y 1 A GLU 61  ? CD  ? A GLU 61  CD  
5  1 Y 1 A GLU 61  ? OE1 ? A GLU 61  OE1 
6  1 Y 1 A GLU 61  ? OE2 ? A GLU 61  OE2 
7  1 Y 1 A GLU 63  ? OE1 ? A GLU 63  OE1 
8  1 Y 1 A GLU 63  ? OE2 ? A GLU 63  OE2 
9  1 Y 0 A ASP 64  ? CG  ? A ASP 64  CG  
10 1 Y 0 A ASP 64  ? OD1 ? A ASP 64  OD1 
11 1 Y 0 A ASP 64  ? OD2 ? A ASP 64  OD2 
12 1 Y 1 A LYS 81  ? CE  ? A LYS 81  CE  
13 1 Y 1 A LYS 81  ? NZ  ? A LYS 81  NZ  
14 1 Y 1 A LYS 84  ? CD  ? A LYS 84  CD  
15 1 Y 1 A LYS 84  ? CE  ? A LYS 84  CE  
16 1 Y 1 A LYS 84  ? NZ  ? A LYS 84  NZ  
17 1 Y 1 A LYS 98  ? CE  ? A LYS 98  CE  
18 1 Y 1 A LYS 98  ? NZ  ? A LYS 98  NZ  
19 1 Y 1 A LYS 102 ? CD  ? A LYS 102 CD  
20 1 Y 1 A LYS 102 ? CE  ? A LYS 102 CE  
21 1 Y 1 A LYS 102 ? NZ  ? A LYS 102 NZ  
# 
loop_
_software.name 
_software.classification 
_software.version 
_software.citation_id 
_software.pdbx_ordinal 
_software.date 
_software.type 
_software.location 
_software.language 
PHENIX    refinement       '(PHENIX.REFINE)' ? 1 ? ? ? ? 
DENZO     'data reduction' .                 ? 2 ? ? ? ? 
SCALEPACK 'data scaling'   .                 ? 3 ? ? ? ? 
MOLREP    phasing          .                 ? 4 ? ? ? ? 
# 
_cell.entry_id           2YPM 
_cell.length_a           37.493 
_cell.length_b           42.791 
_cell.length_c           55.920 
_cell.angle_alpha        90.00 
_cell.angle_beta         90.00 
_cell.angle_gamma        90.00 
_cell.Z_PDB              4 
_cell.pdbx_unique_axis   ? 
# 
_symmetry.entry_id                         2YPM 
_symmetry.space_group_name_H-M             'P 21 21 21' 
_symmetry.pdbx_full_space_group_name_H-M   ? 
_symmetry.cell_setting                     ? 
_symmetry.Int_Tables_number                19 
# 
_exptl.entry_id          2YPM 
_exptl.method            'X-RAY DIFFRACTION' 
_exptl.crystals_number   1 
# 
_exptl_crystal.id                    1 
_exptl_crystal.density_meas          ? 
_exptl_crystal.density_Matthews      1.95 
_exptl_crystal.density_percent_sol   36.82 
_exptl_crystal.description           NONE 
# 
_exptl_crystal_grow.crystal_id      1 
_exptl_crystal_grow.method          COUNTER-DIFFUSION 
_exptl_crystal_grow.temp            277 
_exptl_crystal_grow.temp_details    ? 
_exptl_crystal_grow.pH              5.5 
_exptl_crystal_grow.pdbx_pH_range   ? 
_exptl_crystal_grow.pdbx_details    'COUNTER-DIFFUSION: 0.1M TRIS-HCL, 30% PEG 4000, 0.2 M MGCL2, PH 8.50, T 277 K' 
# 
_diffrn.id                     1 
_diffrn.ambient_temp           100 
_diffrn.ambient_temp_details   ? 
_diffrn.crystal_id             1 
# 
_diffrn_detector.diffrn_id              1 
_diffrn_detector.detector               CCD 
_diffrn_detector.type                   'ADSC QUANTUM 210' 
_diffrn_detector.pdbx_collection_date   2011-11-20 
_diffrn_detector.details                ? 
# 
_diffrn_radiation.diffrn_id                        1 
_diffrn_radiation.wavelength_id                    1 
_diffrn_radiation.pdbx_monochromatic_or_laue_m_l   M 
_diffrn_radiation.monochromator                    ? 
_diffrn_radiation.pdbx_diffrn_protocol             'SINGLE WAVELENGTH' 
_diffrn_radiation.pdbx_scattering_type             x-ray 
# 
_diffrn_radiation_wavelength.id           1 
_diffrn_radiation_wavelength.wavelength   0.98 
_diffrn_radiation_wavelength.wt           1.0 
# 
_diffrn_source.diffrn_id                   1 
_diffrn_source.source                      SYNCHROTRON 
_diffrn_source.type                        'ESRF BEAMLINE BM16' 
_diffrn_source.pdbx_synchrotron_site       ESRF 
_diffrn_source.pdbx_synchrotron_beamline   BM16 
_diffrn_source.pdbx_wavelength             0.98 
_diffrn_source.pdbx_wavelength_list        ? 
# 
_reflns.pdbx_diffrn_id               1 
_reflns.pdbx_ordinal                 1 
_reflns.entry_id                     2YPM 
_reflns.observed_criterion_sigma_I   1.0 
_reflns.observed_criterion_sigma_F   ? 
_reflns.d_resolution_low             20.00 
_reflns.d_resolution_high            2.20 
_reflns.number_obs                   4904 
_reflns.number_all                   ? 
_reflns.percent_possible_obs         100.0 
_reflns.pdbx_Rmerge_I_obs            0.10 
_reflns.pdbx_Rsym_value              ? 
_reflns.pdbx_netI_over_sigmaI        23.26 
_reflns.B_iso_Wilson_estimate        29.19 
_reflns.pdbx_redundancy              10.4 
_reflns.pdbx_CC_half                 ? 
_reflns.pdbx_Rpim_I_all              ? 
_reflns.pdbx_Rrim_I_all              ? 
# 
_reflns_shell.pdbx_diffrn_id         1 
_reflns_shell.pdbx_ordinal           1 
_reflns_shell.d_res_high             2.20 
_reflns_shell.d_res_low              2.28 
_reflns_shell.percent_possible_all   100.0 
_reflns_shell.Rmerge_I_obs           0.49 
_reflns_shell.pdbx_Rsym_value        ? 
_reflns_shell.meanI_over_sigI_obs    4.95 
_reflns_shell.pdbx_redundancy        10.7 
_reflns_shell.number_measured_obs    ? 
_reflns_shell.number_unique_all      ? 
_reflns_shell.number_unique_obs      ? 
_reflns_shell.pdbx_CC_half           ? 
_reflns_shell.pdbx_Rpim_I_all        ? 
_reflns_shell.pdbx_Rrim_I_all        ? 
# 
_refine.pdbx_refine_id                           'X-RAY DIFFRACTION' 
_refine.entry_id                                 2YPM 
_refine.pdbx_diffrn_id                           1 
_refine.pdbx_TLS_residual_ADP_flag               ? 
_refine.ls_number_reflns_obs                     4874 
_refine.ls_number_reflns_all                     ? 
_refine.pdbx_ls_sigma_I                          ? 
_refine.pdbx_ls_sigma_F                          1.35 
_refine.pdbx_data_cutoff_high_absF               ? 
_refine.pdbx_data_cutoff_low_absF                ? 
_refine.pdbx_data_cutoff_high_rms_absF           ? 
_refine.ls_d_res_low                             19.983 
_refine.ls_d_res_high                            2.199 
_refine.ls_percent_reflns_obs                    99.59 
_refine.ls_R_factor_obs                          0.1701 
_refine.ls_R_factor_all                          ? 
_refine.ls_R_factor_R_work                       0.1666 
_refine.ls_R_factor_R_free                       0.2387 
_refine.ls_R_factor_R_free_error                 ? 
_refine.ls_R_factor_R_free_error_details         ? 
_refine.ls_percent_reflns_R_free                 4.7 
_refine.ls_number_reflns_R_free                  227 
_refine.ls_number_parameters                     ? 
_refine.ls_number_restraints                     ? 
_refine.occupancy_min                            ? 
_refine.occupancy_max                            ? 
_refine.correlation_coeff_Fo_to_Fc               ? 
_refine.correlation_coeff_Fo_to_Fc_free          ? 
_refine.B_iso_mean                               31.0 
_refine.aniso_B[1][1]                            -1.5204 
_refine.aniso_B[2][2]                            -1.2767 
_refine.aniso_B[3][3]                            2.7972 
_refine.aniso_B[1][2]                            0.0000 
_refine.aniso_B[1][3]                            0.0000 
_refine.aniso_B[2][3]                            0.0000 
_refine.solvent_model_details                    'FLAT BULK SOLVENT MODEL' 
_refine.solvent_model_param_ksol                 0.375 
_refine.solvent_model_param_bsol                 50.384 
_refine.pdbx_solvent_vdw_probe_radii             1.10 
_refine.pdbx_solvent_ion_probe_radii             ? 
_refine.pdbx_solvent_shrinkage_radii             0.86 
_refine.pdbx_ls_cross_valid_method               ? 
_refine.details                                  ? 
_refine.pdbx_starting_model                      'PDB ENTRY 1ERV' 
_refine.pdbx_method_to_determine_struct          'MOLECULAR REPLACEMENT' 
_refine.pdbx_isotropic_thermal_model             ? 
_refine.pdbx_stereochemistry_target_values       ML 
_refine.pdbx_stereochem_target_val_spec_case     ? 
_refine.pdbx_R_Free_selection_details            ? 
_refine.pdbx_overall_ESU_R                       ? 
_refine.pdbx_overall_ESU_R_Free                  ? 
_refine.overall_SU_ML                            0.26 
_refine.pdbx_overall_phase_error                 23.70 
_refine.overall_SU_B                             ? 
_refine.overall_SU_R_Cruickshank_DPI             ? 
_refine.pdbx_overall_SU_R_free_Cruickshank_DPI   ? 
_refine.pdbx_overall_SU_R_Blow_DPI               ? 
_refine.pdbx_overall_SU_R_free_Blow_DPI          ? 
# 
_refine_hist.pdbx_refine_id                   'X-RAY DIFFRACTION' 
_refine_hist.cycle_id                         LAST 
_refine_hist.pdbx_number_atoms_protein        810 
_refine_hist.pdbx_number_atoms_nucleic_acid   0 
_refine_hist.pdbx_number_atoms_ligand         0 
_refine_hist.number_atoms_solvent             52 
_refine_hist.number_atoms_total               862 
_refine_hist.d_res_high                       2.199 
_refine_hist.d_res_low                        19.983 
# 
loop_
_refine_ls_restr.type 
_refine_ls_restr.dev_ideal 
_refine_ls_restr.dev_ideal_target 
_refine_ls_restr.weight 
_refine_ls_restr.number 
_refine_ls_restr.pdbx_refine_id 
_refine_ls_restr.pdbx_restraint_function 
f_bond_d           0.008  ? ? 888  'X-RAY DIFFRACTION' ? 
f_angle_d          1.087  ? ? 1204 'X-RAY DIFFRACTION' ? 
f_dihedral_angle_d 15.476 ? ? 343  'X-RAY DIFFRACTION' ? 
f_chiral_restr     0.075  ? ? 136  'X-RAY DIFFRACTION' ? 
f_plane_restr      0.005  ? ? 156  'X-RAY DIFFRACTION' ? 
# 
loop_
_refine_ls_shell.pdbx_refine_id 
_refine_ls_shell.pdbx_total_number_of_bins_used 
_refine_ls_shell.d_res_high 
_refine_ls_shell.d_res_low 
_refine_ls_shell.number_reflns_R_work 
_refine_ls_shell.R_factor_R_work 
_refine_ls_shell.percent_reflns_obs 
_refine_ls_shell.R_factor_R_free 
_refine_ls_shell.R_factor_R_free_error 
_refine_ls_shell.percent_reflns_R_free 
_refine_ls_shell.number_reflns_R_free 
_refine_ls_shell.number_reflns_all 
_refine_ls_shell.R_factor_all 
_refine_ls_shell.R_factor_obs 
_refine_ls_shell.number_reflns_obs 
'X-RAY DIFFRACTION' . 2.1985 2.7687  2253 0.1940 99.00  0.3069 . . 109 . . . . 
'X-RAY DIFFRACTION' . 2.7687 19.9836 2394 0.1565 100.00 0.2140 . . 118 . . . . 
# 
_struct.entry_id                  2YPM 
_struct.title                     
'Crystal Structure of Ancestral Thioredoxin Relative to Last Animal and Fungi Common Ancestor (LAFCA) from the Precambrian Period' 
_struct.pdbx_model_details        ? 
_struct.pdbx_CASP_flag            ? 
_struct.pdbx_model_type_details   ? 
# 
_struct_keywords.entry_id        2YPM 
_struct_keywords.pdbx_keywords   OXIDOREDUCTASE 
_struct_keywords.text            'OXIDOREDUCTASE, ANCESTRAL RECONSTRUCTED' 
# 
loop_
_struct_asym.id 
_struct_asym.pdbx_blank_PDB_chainid_flag 
_struct_asym.pdbx_modified 
_struct_asym.entity_id 
_struct_asym.details 
A N N 1 ? 
B N N 2 ? 
# 
_struct_ref.id                         1 
_struct_ref.db_name                    PDB 
_struct_ref.db_code                    2YPM 
_struct_ref.entity_id                  1 
_struct_ref.pdbx_seq_one_letter_code   ? 
_struct_ref.pdbx_align_begin           ? 
_struct_ref.pdbx_db_accession          2YPM 
_struct_ref.pdbx_db_isoform            ? 
# 
_struct_ref_seq.align_id                      1 
_struct_ref_seq.ref_id                        1 
_struct_ref_seq.pdbx_PDB_id_code              2YPM 
_struct_ref_seq.pdbx_strand_id                A 
_struct_ref_seq.seq_align_beg                 1 
_struct_ref_seq.pdbx_seq_align_beg_ins_code   ? 
_struct_ref_seq.seq_align_end                 106 
_struct_ref_seq.pdbx_seq_align_end_ins_code   ? 
_struct_ref_seq.pdbx_db_accession             2YPM 
_struct_ref_seq.db_align_beg                  1 
_struct_ref_seq.pdbx_db_align_beg_ins_code    ? 
_struct_ref_seq.db_align_end                  106 
_struct_ref_seq.pdbx_db_align_end_ins_code    ? 
_struct_ref_seq.pdbx_auth_seq_align_beg       1 
_struct_ref_seq.pdbx_auth_seq_align_end       106 
# 
_pdbx_struct_assembly.id                   1 
_pdbx_struct_assembly.details              author_and_software_defined_assembly 
_pdbx_struct_assembly.method_details       PISA 
_pdbx_struct_assembly.oligomeric_details   monomeric 
_pdbx_struct_assembly.oligomeric_count     1 
# 
_pdbx_struct_assembly_gen.assembly_id       1 
_pdbx_struct_assembly_gen.oper_expression   1 
_pdbx_struct_assembly_gen.asym_id_list      A,B 
# 
_pdbx_struct_oper_list.id                   1 
_pdbx_struct_oper_list.type                 'identity operation' 
_pdbx_struct_oper_list.name                 1_555 
_pdbx_struct_oper_list.symmetry_operation   x,y,z 
_pdbx_struct_oper_list.matrix[1][1]         1.0000000000 
_pdbx_struct_oper_list.matrix[1][2]         0.0000000000 
_pdbx_struct_oper_list.matrix[1][3]         0.0000000000 
_pdbx_struct_oper_list.vector[1]            0.0000000000 
_pdbx_struct_oper_list.matrix[2][1]         0.0000000000 
_pdbx_struct_oper_list.matrix[2][2]         1.0000000000 
_pdbx_struct_oper_list.matrix[2][3]         0.0000000000 
_pdbx_struct_oper_list.vector[2]            0.0000000000 
_pdbx_struct_oper_list.matrix[3][1]         0.0000000000 
_pdbx_struct_oper_list.matrix[3][2]         0.0000000000 
_pdbx_struct_oper_list.matrix[3][3]         1.0000000000 
_pdbx_struct_oper_list.vector[3]            0.0000000000 
# 
loop_
_struct_conf.conf_type_id 
_struct_conf.id 
_struct_conf.pdbx_PDB_helix_id 
_struct_conf.beg_label_comp_id 
_struct_conf.beg_label_asym_id 
_struct_conf.beg_label_seq_id 
_struct_conf.pdbx_beg_PDB_ins_code 
_struct_conf.end_label_comp_id 
_struct_conf.end_label_asym_id 
_struct_conf.end_label_seq_id 
_struct_conf.pdbx_end_PDB_ins_code 
_struct_conf.beg_auth_comp_id 
_struct_conf.beg_auth_asym_id 
_struct_conf.beg_auth_seq_id 
_struct_conf.end_auth_comp_id 
_struct_conf.end_auth_asym_id 
_struct_conf.end_auth_seq_id 
_struct_conf.pdbx_PDB_helix_class 
_struct_conf.details 
_struct_conf.pdbx_PDB_helix_length 
HELX_P HELX_P1 1 ASN A 7  ? ALA A 18  ? ASN A 7  ALA A 18  1 ? 12 
HELX_P HELX_P2 2 CYS A 31 ? TYR A 48  ? CYS A 31 TYR A 48  1 ? 18 
HELX_P HELX_P3 3 VAL A 62 ? ALA A 67  ? VAL A 62 ALA A 67  1 ? 6  
HELX_P HELX_P4 4 ASN A 93 ? ALA A 105 ? ASN A 93 ALA A 105 1 ? 13 
# 
_struct_conf_type.id          HELX_P 
_struct_conf_type.criteria    ? 
_struct_conf_type.reference   ? 
# 
_struct_conn.id                            disulf1 
_struct_conn.conn_type_id                  disulf 
_struct_conn.pdbx_leaving_atom_flag        ? 
_struct_conn.pdbx_PDB_id                   ? 
_struct_conn.ptnr1_label_asym_id           A 
_struct_conn.ptnr1_label_comp_id           CYS 
_struct_conn.ptnr1_label_seq_id            31 
_struct_conn.ptnr1_label_atom_id           SG 
_struct_conn.pdbx_ptnr1_label_alt_id       ? 
_struct_conn.pdbx_ptnr1_PDB_ins_code       ? 
_struct_conn.pdbx_ptnr1_standard_comp_id   ? 
_struct_conn.ptnr1_symmetry                1_555 
_struct_conn.ptnr2_label_asym_id           A 
_struct_conn.ptnr2_label_comp_id           CYS 
_struct_conn.ptnr2_label_seq_id            34 
_struct_conn.ptnr2_label_atom_id           SG 
_struct_conn.pdbx_ptnr2_label_alt_id       ? 
_struct_conn.pdbx_ptnr2_PDB_ins_code       ? 
_struct_conn.ptnr1_auth_asym_id            A 
_struct_conn.ptnr1_auth_comp_id            CYS 
_struct_conn.ptnr1_auth_seq_id             31 
_struct_conn.ptnr2_auth_asym_id            A 
_struct_conn.ptnr2_auth_comp_id            CYS 
_struct_conn.ptnr2_auth_seq_id             34 
_struct_conn.ptnr2_symmetry                1_555 
_struct_conn.pdbx_ptnr3_label_atom_id      ? 
_struct_conn.pdbx_ptnr3_label_seq_id       ? 
_struct_conn.pdbx_ptnr3_label_comp_id      ? 
_struct_conn.pdbx_ptnr3_label_asym_id      ? 
_struct_conn.pdbx_ptnr3_label_alt_id       ? 
_struct_conn.pdbx_ptnr3_PDB_ins_code       ? 
_struct_conn.details                       ? 
_struct_conn.pdbx_dist_value               2.074 
_struct_conn.pdbx_value_order              ? 
_struct_conn.pdbx_role                     ? 
# 
_struct_conn_type.id          disulf 
_struct_conn_type.criteria    ? 
_struct_conn_type.reference   ? 
# 
_pdbx_modification_feature.ordinal                            1 
_pdbx_modification_feature.label_comp_id                      CYS 
_pdbx_modification_feature.label_asym_id                      A 
_pdbx_modification_feature.label_seq_id                       31 
_pdbx_modification_feature.label_alt_id                       ? 
_pdbx_modification_feature.modified_residue_label_comp_id     CYS 
_pdbx_modification_feature.modified_residue_label_asym_id     A 
_pdbx_modification_feature.modified_residue_label_seq_id      34 
_pdbx_modification_feature.modified_residue_label_alt_id      ? 
_pdbx_modification_feature.auth_comp_id                       CYS 
_pdbx_modification_feature.auth_asym_id                       A 
_pdbx_modification_feature.auth_seq_id                        31 
_pdbx_modification_feature.PDB_ins_code                       ? 
_pdbx_modification_feature.symmetry                           1_555 
_pdbx_modification_feature.modified_residue_auth_comp_id      CYS 
_pdbx_modification_feature.modified_residue_auth_asym_id      A 
_pdbx_modification_feature.modified_residue_auth_seq_id       34 
_pdbx_modification_feature.modified_residue_PDB_ins_code      ? 
_pdbx_modification_feature.modified_residue_symmetry          1_555 
_pdbx_modification_feature.comp_id_linking_atom               SG 
_pdbx_modification_feature.modified_residue_id_linking_atom   SG 
_pdbx_modification_feature.modified_residue_id                . 
_pdbx_modification_feature.ref_pcm_id                         . 
_pdbx_modification_feature.ref_comp_id                        . 
_pdbx_modification_feature.type                               None 
_pdbx_modification_feature.category                           'Disulfide bridge' 
# 
loop_
_struct_mon_prot_cis.pdbx_id 
_struct_mon_prot_cis.label_comp_id 
_struct_mon_prot_cis.label_seq_id 
_struct_mon_prot_cis.label_asym_id 
_struct_mon_prot_cis.label_alt_id 
_struct_mon_prot_cis.pdbx_PDB_ins_code 
_struct_mon_prot_cis.auth_comp_id 
_struct_mon_prot_cis.auth_seq_id 
_struct_mon_prot_cis.auth_asym_id 
_struct_mon_prot_cis.pdbx_label_comp_id_2 
_struct_mon_prot_cis.pdbx_label_seq_id_2 
_struct_mon_prot_cis.pdbx_label_asym_id_2 
_struct_mon_prot_cis.pdbx_PDB_ins_code_2 
_struct_mon_prot_cis.pdbx_auth_comp_id_2 
_struct_mon_prot_cis.pdbx_auth_seq_id_2 
_struct_mon_prot_cis.pdbx_auth_asym_id_2 
_struct_mon_prot_cis.pdbx_PDB_model_num 
_struct_mon_prot_cis.pdbx_omega_angle 
1 MET 74 A . ? MET 74 A PRO 75 A ? PRO 75 A 1 -4.80 
2 MET 74 A . ? MET 74 A PRO 75 A ? PRO 75 A 1 -3.81 
# 
_struct_sheet.id               AA 
_struct_sheet.type             ? 
_struct_sheet.number_strands   5 
_struct_sheet.details          ? 
# 
loop_
_struct_sheet_order.sheet_id 
_struct_sheet_order.range_id_1 
_struct_sheet_order.range_id_2 
_struct_sheet_order.offset 
_struct_sheet_order.sense 
AA 1 2 ? parallel      
AA 2 3 ? parallel      
AA 3 4 ? anti-parallel 
AA 4 5 ? anti-parallel 
# 
loop_
_struct_sheet_range.sheet_id 
_struct_sheet_range.id 
_struct_sheet_range.beg_label_comp_id 
_struct_sheet_range.beg_label_asym_id 
_struct_sheet_range.beg_label_seq_id 
_struct_sheet_range.pdbx_beg_PDB_ins_code 
_struct_sheet_range.end_label_comp_id 
_struct_sheet_range.end_label_asym_id 
_struct_sheet_range.end_label_seq_id 
_struct_sheet_range.pdbx_end_PDB_ins_code 
_struct_sheet_range.beg_auth_comp_id 
_struct_sheet_range.beg_auth_asym_id 
_struct_sheet_range.beg_auth_seq_id 
_struct_sheet_range.end_auth_comp_id 
_struct_sheet_range.end_auth_asym_id 
_struct_sheet_range.end_auth_seq_id 
AA 1 VAL A 2  ? VAL A 5  ? VAL A 2  VAL A 5  
AA 2 VAL A 52 ? ASP A 58 ? VAL A 52 ASP A 58 
AA 3 LEU A 21 ? THR A 27 ? LEU A 21 THR A 27 
AA 4 THR A 76 ? LYS A 81 ? THR A 76 LYS A 81 
AA 5 LYS A 84 ? THR A 90 ? LYS A 84 THR A 90 
# 
loop_
_pdbx_struct_sheet_hbond.sheet_id 
_pdbx_struct_sheet_hbond.range_id_1 
_pdbx_struct_sheet_hbond.range_id_2 
_pdbx_struct_sheet_hbond.range_1_label_atom_id 
_pdbx_struct_sheet_hbond.range_1_label_comp_id 
_pdbx_struct_sheet_hbond.range_1_label_asym_id 
_pdbx_struct_sheet_hbond.range_1_label_seq_id 
_pdbx_struct_sheet_hbond.range_1_PDB_ins_code 
_pdbx_struct_sheet_hbond.range_1_auth_atom_id 
_pdbx_struct_sheet_hbond.range_1_auth_comp_id 
_pdbx_struct_sheet_hbond.range_1_auth_asym_id 
_pdbx_struct_sheet_hbond.range_1_auth_seq_id 
_pdbx_struct_sheet_hbond.range_2_label_atom_id 
_pdbx_struct_sheet_hbond.range_2_label_comp_id 
_pdbx_struct_sheet_hbond.range_2_label_asym_id 
_pdbx_struct_sheet_hbond.range_2_label_seq_id 
_pdbx_struct_sheet_hbond.range_2_PDB_ins_code 
_pdbx_struct_sheet_hbond.range_2_auth_atom_id 
_pdbx_struct_sheet_hbond.range_2_auth_comp_id 
_pdbx_struct_sheet_hbond.range_2_auth_asym_id 
_pdbx_struct_sheet_hbond.range_2_auth_seq_id 
AA 1 2 N ILE A 3  ? N ILE A 3  O PHE A 54 ? O PHE A 54 
AA 2 3 N VAL A 53 ? N VAL A 53 O LEU A 21 ? O LEU A 21 
AA 3 4 N PHE A 26 ? N PHE A 26 O THR A 76 ? O THR A 76 
AA 4 5 N LYS A 81 ? N LYS A 81 O LYS A 84 ? O LYS A 84 
# 
_pdbx_entry_details.entry_id                   2YPM 
_pdbx_entry_details.compound_details           ? 
_pdbx_entry_details.source_details             ? 
_pdbx_entry_details.nonpolymer_details         ? 
_pdbx_entry_details.sequence_details           'ANCESTRAL RECONSTRUCTED' 
_pdbx_entry_details.has_ligand_of_interest     ? 
_pdbx_entry_details.has_protein_modification   Y 
# 
_pdbx_validate_close_contact.id               1 
_pdbx_validate_close_contact.PDB_model_num    1 
_pdbx_validate_close_contact.auth_atom_id_1   NZ 
_pdbx_validate_close_contact.auth_asym_id_1   A 
_pdbx_validate_close_contact.auth_comp_id_1   LYS 
_pdbx_validate_close_contact.auth_seq_id_1    20 
_pdbx_validate_close_contact.PDB_ins_code_1   ? 
_pdbx_validate_close_contact.label_alt_id_1   ? 
_pdbx_validate_close_contact.auth_atom_id_2   O 
_pdbx_validate_close_contact.auth_asym_id_2   A 
_pdbx_validate_close_contact.auth_comp_id_2   ASP 
_pdbx_validate_close_contact.auth_seq_id_2    50 
_pdbx_validate_close_contact.PDB_ins_code_2   ? 
_pdbx_validate_close_contact.label_alt_id_2   ? 
_pdbx_validate_close_contact.dist             2.19 
# 
_pdbx_validate_torsion.id              1 
_pdbx_validate_torsion.PDB_model_num   1 
_pdbx_validate_torsion.auth_comp_id    ALA 
_pdbx_validate_torsion.auth_asym_id    A 
_pdbx_validate_torsion.auth_seq_id     92 
_pdbx_validate_torsion.PDB_ins_code    ? 
_pdbx_validate_torsion.label_alt_id    ? 
_pdbx_validate_torsion.phi             -90.43 
_pdbx_validate_torsion.psi             55.68 
# 
loop_
_pdbx_refine_tls.pdbx_refine_id 
_pdbx_refine_tls.id 
_pdbx_refine_tls.details 
_pdbx_refine_tls.method 
_pdbx_refine_tls.origin_x 
_pdbx_refine_tls.origin_y 
_pdbx_refine_tls.origin_z 
_pdbx_refine_tls.T[1][1] 
_pdbx_refine_tls.T[2][2] 
_pdbx_refine_tls.T[3][3] 
_pdbx_refine_tls.T[1][2] 
_pdbx_refine_tls.T[1][3] 
_pdbx_refine_tls.T[2][3] 
_pdbx_refine_tls.L[1][1] 
_pdbx_refine_tls.L[2][2] 
_pdbx_refine_tls.L[3][3] 
_pdbx_refine_tls.L[1][2] 
_pdbx_refine_tls.L[1][3] 
_pdbx_refine_tls.L[2][3] 
_pdbx_refine_tls.S[1][1] 
_pdbx_refine_tls.S[1][2] 
_pdbx_refine_tls.S[1][3] 
_pdbx_refine_tls.S[2][1] 
_pdbx_refine_tls.S[2][2] 
_pdbx_refine_tls.S[2][3] 
_pdbx_refine_tls.S[3][1] 
_pdbx_refine_tls.S[3][2] 
_pdbx_refine_tls.S[3][3] 
'X-RAY DIFFRACTION' 1 ? refined -5.5723  4.6735  -7.8317 0.1957 0.1662 0.1968 -0.0644 -0.1206 0.0996  5.0566 3.3676 2.7875 -1.1328 -0.6955 0.9334  0.2560  0.3835  -0.1142 -0.4891 0.1296  0.6310  0.4853  -0.4766 -0.0477 
'X-RAY DIFFRACTION' 2 ? refined 4.4265   2.4182  0.1189  0.1273 0.0359 0.1757 -0.0392 0.0515  -0.0097 3.7473 3.1804 3.2275 -0.3878 0.3820  -0.1765 -0.0584 0.1689  -0.1157 -0.1459 0.1494  -0.4512 -0.1584 0.3333  0.1282  
'X-RAY DIFFRACTION' 3 ? refined -11.1531 7.0896  2.8224  0.1136 0.4990 0.3427 0.0659  0.0009  0.0449  0.6312 4.6345 0.7297 -0.4411 -0.5443 1.4428  -0.0811 0.1649  -0.1288 -0.1484 -0.1355 0.9143  -0.0943 -0.5861 0.0764  
'X-RAY DIFFRACTION' 4 ? refined -5.3139  -3.2650 1.4616  0.0793 0.1836 0.1584 -0.0498 0.1603  -0.0399 2.9518 1.2156 0.9390 0.1090  -0.6298 0.1723  0.0452  0.1759  -0.0779 -0.0024 0.1112  0.1154  0.0561  -0.3464 0.0182  
'X-RAY DIFFRACTION' 5 ? refined -1.0883  -7.5190 3.6724  0.1635 0.0949 0.2146 0.0078  0.1274  -0.0136 1.3106 2.1644 4.9762 1.4697  1.5213  2.9921  -0.1268 -0.0146 -0.3545 0.2128  -0.2111 -0.0013 0.5478  -0.0655 0.1325  
'X-RAY DIFFRACTION' 6 ? refined 8.2718   -8.0067 2.6951  0.1659 0.1198 0.3168 0.0345  0.1342  0.0527  1.5356 4.7292 3.8477 -0.1667 -0.9758 1.4846  -0.2326 -0.0461 -0.3358 -0.1580 0.0492  -0.6552 0.2227  0.3251  0.1863 
# 
loop_
_pdbx_refine_tls_group.pdbx_refine_id 
_pdbx_refine_tls_group.id 
_pdbx_refine_tls_group.refine_tls_id 
_pdbx_refine_tls_group.beg_auth_asym_id 
_pdbx_refine_tls_group.beg_auth_seq_id 
_pdbx_refine_tls_group.beg_label_asym_id 
_pdbx_refine_tls_group.beg_label_seq_id 
_pdbx_refine_tls_group.end_auth_asym_id 
_pdbx_refine_tls_group.end_auth_seq_id 
_pdbx_refine_tls_group.end_label_asym_id 
_pdbx_refine_tls_group.end_label_seq_id 
_pdbx_refine_tls_group.selection 
_pdbx_refine_tls_group.selection_details 
'X-RAY DIFFRACTION' 1 1 ? ? ? ? ? ? ? ? ? 'CHAIN A AND (RESSEQ 1:17)'   
'X-RAY DIFFRACTION' 2 2 ? ? ? ? ? ? ? ? ? 'CHAIN A AND (RESSEQ 18:58)'  
'X-RAY DIFFRACTION' 3 3 ? ? ? ? ? ? ? ? ? 'CHAIN A AND (RESSEQ 59:66)'  
'X-RAY DIFFRACTION' 4 4 ? ? ? ? ? ? ? ? ? 'CHAIN A AND (RESSEQ 67:83)'  
'X-RAY DIFFRACTION' 5 5 ? ? ? ? ? ? ? ? ? 'CHAIN A AND (RESSEQ 84:93)'  
'X-RAY DIFFRACTION' 6 6 ? ? ? ? ? ? ? ? ? 'CHAIN A AND (RESSEQ 94:105)' 
# 
_pdbx_unobs_or_zero_occ_residues.id               1 
_pdbx_unobs_or_zero_occ_residues.PDB_model_num    1 
_pdbx_unobs_or_zero_occ_residues.polymer_flag     Y 
_pdbx_unobs_or_zero_occ_residues.occupancy_flag   1 
_pdbx_unobs_or_zero_occ_residues.auth_asym_id     A 
_pdbx_unobs_or_zero_occ_residues.auth_comp_id     ALA 
_pdbx_unobs_or_zero_occ_residues.auth_seq_id      106 
_pdbx_unobs_or_zero_occ_residues.PDB_ins_code     ? 
_pdbx_unobs_or_zero_occ_residues.label_asym_id    A 
_pdbx_unobs_or_zero_occ_residues.label_comp_id    ALA 
_pdbx_unobs_or_zero_occ_residues.label_seq_id     106 
# 
loop_
_chem_comp_atom.comp_id 
_chem_comp_atom.atom_id 
_chem_comp_atom.type_symbol 
_chem_comp_atom.pdbx_aromatic_flag 
_chem_comp_atom.pdbx_stereo_config 
_chem_comp_atom.pdbx_ordinal 
ALA N    N N N 1   
ALA CA   C N S 2   
ALA C    C N N 3   
ALA O    O N N 4   
ALA CB   C N N 5   
ALA OXT  O N N 6   
ALA H    H N N 7   
ALA H2   H N N 8   
ALA HA   H N N 9   
ALA HB1  H N N 10  
ALA HB2  H N N 11  
ALA HB3  H N N 12  
ALA HXT  H N N 13  
ASN N    N N N 14  
ASN CA   C N S 15  
ASN C    C N N 16  
ASN O    O N N 17  
ASN CB   C N N 18  
ASN CG   C N N 19  
ASN OD1  O N N 20  
ASN ND2  N N N 21  
ASN OXT  O N N 22  
ASN H    H N N 23  
ASN H2   H N N 24  
ASN HA   H N N 25  
ASN HB2  H N N 26  
ASN HB3  H N N 27  
ASN HD21 H N N 28  
ASN HD22 H N N 29  
ASN HXT  H N N 30  
ASP N    N N N 31  
ASP CA   C N S 32  
ASP C    C N N 33  
ASP O    O N N 34  
ASP CB   C N N 35  
ASP CG   C N N 36  
ASP OD1  O N N 37  
ASP OD2  O N N 38  
ASP OXT  O N N 39  
ASP H    H N N 40  
ASP H2   H N N 41  
ASP HA   H N N 42  
ASP HB2  H N N 43  
ASP HB3  H N N 44  
ASP HD2  H N N 45  
ASP HXT  H N N 46  
CYS N    N N N 47  
CYS CA   C N R 48  
CYS C    C N N 49  
CYS O    O N N 50  
CYS CB   C N N 51  
CYS SG   S N N 52  
CYS OXT  O N N 53  
CYS H    H N N 54  
CYS H2   H N N 55  
CYS HA   H N N 56  
CYS HB2  H N N 57  
CYS HB3  H N N 58  
CYS HG   H N N 59  
CYS HXT  H N N 60  
GLN N    N N N 61  
GLN CA   C N S 62  
GLN C    C N N 63  
GLN O    O N N 64  
GLN CB   C N N 65  
GLN CG   C N N 66  
GLN CD   C N N 67  
GLN OE1  O N N 68  
GLN NE2  N N N 69  
GLN OXT  O N N 70  
GLN H    H N N 71  
GLN H2   H N N 72  
GLN HA   H N N 73  
GLN HB2  H N N 74  
GLN HB3  H N N 75  
GLN HG2  H N N 76  
GLN HG3  H N N 77  
GLN HE21 H N N 78  
GLN HE22 H N N 79  
GLN HXT  H N N 80  
GLU N    N N N 81  
GLU CA   C N S 82  
GLU C    C N N 83  
GLU O    O N N 84  
GLU CB   C N N 85  
GLU CG   C N N 86  
GLU CD   C N N 87  
GLU OE1  O N N 88  
GLU OE2  O N N 89  
GLU OXT  O N N 90  
GLU H    H N N 91  
GLU H2   H N N 92  
GLU HA   H N N 93  
GLU HB2  H N N 94  
GLU HB3  H N N 95  
GLU HG2  H N N 96  
GLU HG3  H N N 97  
GLU HE2  H N N 98  
GLU HXT  H N N 99  
GLY N    N N N 100 
GLY CA   C N N 101 
GLY C    C N N 102 
GLY O    O N N 103 
GLY OXT  O N N 104 
GLY H    H N N 105 
GLY H2   H N N 106 
GLY HA2  H N N 107 
GLY HA3  H N N 108 
GLY HXT  H N N 109 
HIS N    N N N 110 
HIS CA   C N S 111 
HIS C    C N N 112 
HIS O    O N N 113 
HIS CB   C N N 114 
HIS CG   C Y N 115 
HIS ND1  N Y N 116 
HIS CD2  C Y N 117 
HIS CE1  C Y N 118 
HIS NE2  N Y N 119 
HIS OXT  O N N 120 
HIS H    H N N 121 
HIS H2   H N N 122 
HIS HA   H N N 123 
HIS HB2  H N N 124 
HIS HB3  H N N 125 
HIS HD1  H N N 126 
HIS HD2  H N N 127 
HIS HE1  H N N 128 
HIS HE2  H N N 129 
HIS HXT  H N N 130 
HOH O    O N N 131 
HOH H1   H N N 132 
HOH H2   H N N 133 
ILE N    N N N 134 
ILE CA   C N S 135 
ILE C    C N N 136 
ILE O    O N N 137 
ILE CB   C N S 138 
ILE CG1  C N N 139 
ILE CG2  C N N 140 
ILE CD1  C N N 141 
ILE OXT  O N N 142 
ILE H    H N N 143 
ILE H2   H N N 144 
ILE HA   H N N 145 
ILE HB   H N N 146 
ILE HG12 H N N 147 
ILE HG13 H N N 148 
ILE HG21 H N N 149 
ILE HG22 H N N 150 
ILE HG23 H N N 151 
ILE HD11 H N N 152 
ILE HD12 H N N 153 
ILE HD13 H N N 154 
ILE HXT  H N N 155 
LEU N    N N N 156 
LEU CA   C N S 157 
LEU C    C N N 158 
LEU O    O N N 159 
LEU CB   C N N 160 
LEU CG   C N N 161 
LEU CD1  C N N 162 
LEU CD2  C N N 163 
LEU OXT  O N N 164 
LEU H    H N N 165 
LEU H2   H N N 166 
LEU HA   H N N 167 
LEU HB2  H N N 168 
LEU HB3  H N N 169 
LEU HG   H N N 170 
LEU HD11 H N N 171 
LEU HD12 H N N 172 
LEU HD13 H N N 173 
LEU HD21 H N N 174 
LEU HD22 H N N 175 
LEU HD23 H N N 176 
LEU HXT  H N N 177 
LYS N    N N N 178 
LYS CA   C N S 179 
LYS C    C N N 180 
LYS O    O N N 181 
LYS CB   C N N 182 
LYS CG   C N N 183 
LYS CD   C N N 184 
LYS CE   C N N 185 
LYS NZ   N N N 186 
LYS OXT  O N N 187 
LYS H    H N N 188 
LYS H2   H N N 189 
LYS HA   H N N 190 
LYS HB2  H N N 191 
LYS HB3  H N N 192 
LYS HG2  H N N 193 
LYS HG3  H N N 194 
LYS HD2  H N N 195 
LYS HD3  H N N 196 
LYS HE2  H N N 197 
LYS HE3  H N N 198 
LYS HZ1  H N N 199 
LYS HZ2  H N N 200 
LYS HZ3  H N N 201 
LYS HXT  H N N 202 
MET N    N N N 203 
MET CA   C N S 204 
MET C    C N N 205 
MET O    O N N 206 
MET CB   C N N 207 
MET CG   C N N 208 
MET SD   S N N 209 
MET CE   C N N 210 
MET OXT  O N N 211 
MET H    H N N 212 
MET H2   H N N 213 
MET HA   H N N 214 
MET HB2  H N N 215 
MET HB3  H N N 216 
MET HG2  H N N 217 
MET HG3  H N N 218 
MET HE1  H N N 219 
MET HE2  H N N 220 
MET HE3  H N N 221 
MET HXT  H N N 222 
PHE N    N N N 223 
PHE CA   C N S 224 
PHE C    C N N 225 
PHE O    O N N 226 
PHE CB   C N N 227 
PHE CG   C Y N 228 
PHE CD1  C Y N 229 
PHE CD2  C Y N 230 
PHE CE1  C Y N 231 
PHE CE2  C Y N 232 
PHE CZ   C Y N 233 
PHE OXT  O N N 234 
PHE H    H N N 235 
PHE H2   H N N 236 
PHE HA   H N N 237 
PHE HB2  H N N 238 
PHE HB3  H N N 239 
PHE HD1  H N N 240 
PHE HD2  H N N 241 
PHE HE1  H N N 242 
PHE HE2  H N N 243 
PHE HZ   H N N 244 
PHE HXT  H N N 245 
PRO N    N N N 246 
PRO CA   C N S 247 
PRO C    C N N 248 
PRO O    O N N 249 
PRO CB   C N N 250 
PRO CG   C N N 251 
PRO CD   C N N 252 
PRO OXT  O N N 253 
PRO H    H N N 254 
PRO HA   H N N 255 
PRO HB2  H N N 256 
PRO HB3  H N N 257 
PRO HG2  H N N 258 
PRO HG3  H N N 259 
PRO HD2  H N N 260 
PRO HD3  H N N 261 
PRO HXT  H N N 262 
SER N    N N N 263 
SER CA   C N S 264 
SER C    C N N 265 
SER O    O N N 266 
SER CB   C N N 267 
SER OG   O N N 268 
SER OXT  O N N 269 
SER H    H N N 270 
SER H2   H N N 271 
SER HA   H N N 272 
SER HB2  H N N 273 
SER HB3  H N N 274 
SER HG   H N N 275 
SER HXT  H N N 276 
THR N    N N N 277 
THR CA   C N S 278 
THR C    C N N 279 
THR O    O N N 280 
THR CB   C N R 281 
THR OG1  O N N 282 
THR CG2  C N N 283 
THR OXT  O N N 284 
THR H    H N N 285 
THR H2   H N N 286 
THR HA   H N N 287 
THR HB   H N N 288 
THR HG1  H N N 289 
THR HG21 H N N 290 
THR HG22 H N N 291 
THR HG23 H N N 292 
THR HXT  H N N 293 
TRP N    N N N 294 
TRP CA   C N S 295 
TRP C    C N N 296 
TRP O    O N N 297 
TRP CB   C N N 298 
TRP CG   C Y N 299 
TRP CD1  C Y N 300 
TRP CD2  C Y N 301 
TRP NE1  N Y N 302 
TRP CE2  C Y N 303 
TRP CE3  C Y N 304 
TRP CZ2  C Y N 305 
TRP CZ3  C Y N 306 
TRP CH2  C Y N 307 
TRP OXT  O N N 308 
TRP H    H N N 309 
TRP H2   H N N 310 
TRP HA   H N N 311 
TRP HB2  H N N 312 
TRP HB3  H N N 313 
TRP HD1  H N N 314 
TRP HE1  H N N 315 
TRP HE3  H N N 316 
TRP HZ2  H N N 317 
TRP HZ3  H N N 318 
TRP HH2  H N N 319 
TRP HXT  H N N 320 
TYR N    N N N 321 
TYR CA   C N S 322 
TYR C    C N N 323 
TYR O    O N N 324 
TYR CB   C N N 325 
TYR CG   C Y N 326 
TYR CD1  C Y N 327 
TYR CD2  C Y N 328 
TYR CE1  C Y N 329 
TYR CE2  C Y N 330 
TYR CZ   C Y N 331 
TYR OH   O N N 332 
TYR OXT  O N N 333 
TYR H    H N N 334 
TYR H2   H N N 335 
TYR HA   H N N 336 
TYR HB2  H N N 337 
TYR HB3  H N N 338 
TYR HD1  H N N 339 
TYR HD2  H N N 340 
TYR HE1  H N N 341 
TYR HE2  H N N 342 
TYR HH   H N N 343 
TYR HXT  H N N 344 
VAL N    N N N 345 
VAL CA   C N S 346 
VAL C    C N N 347 
VAL O    O N N 348 
VAL CB   C N N 349 
VAL CG1  C N N 350 
VAL CG2  C N N 351 
VAL OXT  O N N 352 
VAL H    H N N 353 
VAL H2   H N N 354 
VAL HA   H N N 355 
VAL HB   H N N 356 
VAL HG11 H N N 357 
VAL HG12 H N N 358 
VAL HG13 H N N 359 
VAL HG21 H N N 360 
VAL HG22 H N N 361 
VAL HG23 H N N 362 
VAL HXT  H N N 363 
# 
loop_
_chem_comp_bond.comp_id 
_chem_comp_bond.atom_id_1 
_chem_comp_bond.atom_id_2 
_chem_comp_bond.value_order 
_chem_comp_bond.pdbx_aromatic_flag 
_chem_comp_bond.pdbx_stereo_config 
_chem_comp_bond.pdbx_ordinal 
ALA N   CA   sing N N 1   
ALA N   H    sing N N 2   
ALA N   H2   sing N N 3   
ALA CA  C    sing N N 4   
ALA CA  CB   sing N N 5   
ALA CA  HA   sing N N 6   
ALA C   O    doub N N 7   
ALA C   OXT  sing N N 8   
ALA CB  HB1  sing N N 9   
ALA CB  HB2  sing N N 10  
ALA CB  HB3  sing N N 11  
ALA OXT HXT  sing N N 12  
ASN N   CA   sing N N 13  
ASN N   H    sing N N 14  
ASN N   H2   sing N N 15  
ASN CA  C    sing N N 16  
ASN CA  CB   sing N N 17  
ASN CA  HA   sing N N 18  
ASN C   O    doub N N 19  
ASN C   OXT  sing N N 20  
ASN CB  CG   sing N N 21  
ASN CB  HB2  sing N N 22  
ASN CB  HB3  sing N N 23  
ASN CG  OD1  doub N N 24  
ASN CG  ND2  sing N N 25  
ASN ND2 HD21 sing N N 26  
ASN ND2 HD22 sing N N 27  
ASN OXT HXT  sing N N 28  
ASP N   CA   sing N N 29  
ASP N   H    sing N N 30  
ASP N   H2   sing N N 31  
ASP CA  C    sing N N 32  
ASP CA  CB   sing N N 33  
ASP CA  HA   sing N N 34  
ASP C   O    doub N N 35  
ASP C   OXT  sing N N 36  
ASP CB  CG   sing N N 37  
ASP CB  HB2  sing N N 38  
ASP CB  HB3  sing N N 39  
ASP CG  OD1  doub N N 40  
ASP CG  OD2  sing N N 41  
ASP OD2 HD2  sing N N 42  
ASP OXT HXT  sing N N 43  
CYS N   CA   sing N N 44  
CYS N   H    sing N N 45  
CYS N   H2   sing N N 46  
CYS CA  C    sing N N 47  
CYS CA  CB   sing N N 48  
CYS CA  HA   sing N N 49  
CYS C   O    doub N N 50  
CYS C   OXT  sing N N 51  
CYS CB  SG   sing N N 52  
CYS CB  HB2  sing N N 53  
CYS CB  HB3  sing N N 54  
CYS SG  HG   sing N N 55  
CYS OXT HXT  sing N N 56  
GLN N   CA   sing N N 57  
GLN N   H    sing N N 58  
GLN N   H2   sing N N 59  
GLN CA  C    sing N N 60  
GLN CA  CB   sing N N 61  
GLN CA  HA   sing N N 62  
GLN C   O    doub N N 63  
GLN C   OXT  sing N N 64  
GLN CB  CG   sing N N 65  
GLN CB  HB2  sing N N 66  
GLN CB  HB3  sing N N 67  
GLN CG  CD   sing N N 68  
GLN CG  HG2  sing N N 69  
GLN CG  HG3  sing N N 70  
GLN CD  OE1  doub N N 71  
GLN CD  NE2  sing N N 72  
GLN NE2 HE21 sing N N 73  
GLN NE2 HE22 sing N N 74  
GLN OXT HXT  sing N N 75  
GLU N   CA   sing N N 76  
GLU N   H    sing N N 77  
GLU N   H2   sing N N 78  
GLU CA  C    sing N N 79  
GLU CA  CB   sing N N 80  
GLU CA  HA   sing N N 81  
GLU C   O    doub N N 82  
GLU C   OXT  sing N N 83  
GLU CB  CG   sing N N 84  
GLU CB  HB2  sing N N 85  
GLU CB  HB3  sing N N 86  
GLU CG  CD   sing N N 87  
GLU CG  HG2  sing N N 88  
GLU CG  HG3  sing N N 89  
GLU CD  OE1  doub N N 90  
GLU CD  OE2  sing N N 91  
GLU OE2 HE2  sing N N 92  
GLU OXT HXT  sing N N 93  
GLY N   CA   sing N N 94  
GLY N   H    sing N N 95  
GLY N   H2   sing N N 96  
GLY CA  C    sing N N 97  
GLY CA  HA2  sing N N 98  
GLY CA  HA3  sing N N 99  
GLY C   O    doub N N 100 
GLY C   OXT  sing N N 101 
GLY OXT HXT  sing N N 102 
HIS N   CA   sing N N 103 
HIS N   H    sing N N 104 
HIS N   H2   sing N N 105 
HIS CA  C    sing N N 106 
HIS CA  CB   sing N N 107 
HIS CA  HA   sing N N 108 
HIS C   O    doub N N 109 
HIS C   OXT  sing N N 110 
HIS CB  CG   sing N N 111 
HIS CB  HB2  sing N N 112 
HIS CB  HB3  sing N N 113 
HIS CG  ND1  sing Y N 114 
HIS CG  CD2  doub Y N 115 
HIS ND1 CE1  doub Y N 116 
HIS ND1 HD1  sing N N 117 
HIS CD2 NE2  sing Y N 118 
HIS CD2 HD2  sing N N 119 
HIS CE1 NE2  sing Y N 120 
HIS CE1 HE1  sing N N 121 
HIS NE2 HE2  sing N N 122 
HIS OXT HXT  sing N N 123 
HOH O   H1   sing N N 124 
HOH O   H2   sing N N 125 
ILE N   CA   sing N N 126 
ILE N   H    sing N N 127 
ILE N   H2   sing N N 128 
ILE CA  C    sing N N 129 
ILE CA  CB   sing N N 130 
ILE CA  HA   sing N N 131 
ILE C   O    doub N N 132 
ILE C   OXT  sing N N 133 
ILE CB  CG1  sing N N 134 
ILE CB  CG2  sing N N 135 
ILE CB  HB   sing N N 136 
ILE CG1 CD1  sing N N 137 
ILE CG1 HG12 sing N N 138 
ILE CG1 HG13 sing N N 139 
ILE CG2 HG21 sing N N 140 
ILE CG2 HG22 sing N N 141 
ILE CG2 HG23 sing N N 142 
ILE CD1 HD11 sing N N 143 
ILE CD1 HD12 sing N N 144 
ILE CD1 HD13 sing N N 145 
ILE OXT HXT  sing N N 146 
LEU N   CA   sing N N 147 
LEU N   H    sing N N 148 
LEU N   H2   sing N N 149 
LEU CA  C    sing N N 150 
LEU CA  CB   sing N N 151 
LEU CA  HA   sing N N 152 
LEU C   O    doub N N 153 
LEU C   OXT  sing N N 154 
LEU CB  CG   sing N N 155 
LEU CB  HB2  sing N N 156 
LEU CB  HB3  sing N N 157 
LEU CG  CD1  sing N N 158 
LEU CG  CD2  sing N N 159 
LEU CG  HG   sing N N 160 
LEU CD1 HD11 sing N N 161 
LEU CD1 HD12 sing N N 162 
LEU CD1 HD13 sing N N 163 
LEU CD2 HD21 sing N N 164 
LEU CD2 HD22 sing N N 165 
LEU CD2 HD23 sing N N 166 
LEU OXT HXT  sing N N 167 
LYS N   CA   sing N N 168 
LYS N   H    sing N N 169 
LYS N   H2   sing N N 170 
LYS CA  C    sing N N 171 
LYS CA  CB   sing N N 172 
LYS CA  HA   sing N N 173 
LYS C   O    doub N N 174 
LYS C   OXT  sing N N 175 
LYS CB  CG   sing N N 176 
LYS CB  HB2  sing N N 177 
LYS CB  HB3  sing N N 178 
LYS CG  CD   sing N N 179 
LYS CG  HG2  sing N N 180 
LYS CG  HG3  sing N N 181 
LYS CD  CE   sing N N 182 
LYS CD  HD2  sing N N 183 
LYS CD  HD3  sing N N 184 
LYS CE  NZ   sing N N 185 
LYS CE  HE2  sing N N 186 
LYS CE  HE3  sing N N 187 
LYS NZ  HZ1  sing N N 188 
LYS NZ  HZ2  sing N N 189 
LYS NZ  HZ3  sing N N 190 
LYS OXT HXT  sing N N 191 
MET N   CA   sing N N 192 
MET N   H    sing N N 193 
MET N   H2   sing N N 194 
MET CA  C    sing N N 195 
MET CA  CB   sing N N 196 
MET CA  HA   sing N N 197 
MET C   O    doub N N 198 
MET C   OXT  sing N N 199 
MET CB  CG   sing N N 200 
MET CB  HB2  sing N N 201 
MET CB  HB3  sing N N 202 
MET CG  SD   sing N N 203 
MET CG  HG2  sing N N 204 
MET CG  HG3  sing N N 205 
MET SD  CE   sing N N 206 
MET CE  HE1  sing N N 207 
MET CE  HE2  sing N N 208 
MET CE  HE3  sing N N 209 
MET OXT HXT  sing N N 210 
PHE N   CA   sing N N 211 
PHE N   H    sing N N 212 
PHE N   H2   sing N N 213 
PHE CA  C    sing N N 214 
PHE CA  CB   sing N N 215 
PHE CA  HA   sing N N 216 
PHE C   O    doub N N 217 
PHE C   OXT  sing N N 218 
PHE CB  CG   sing N N 219 
PHE CB  HB2  sing N N 220 
PHE CB  HB3  sing N N 221 
PHE CG  CD1  doub Y N 222 
PHE CG  CD2  sing Y N 223 
PHE CD1 CE1  sing Y N 224 
PHE CD1 HD1  sing N N 225 
PHE CD2 CE2  doub Y N 226 
PHE CD2 HD2  sing N N 227 
PHE CE1 CZ   doub Y N 228 
PHE CE1 HE1  sing N N 229 
PHE CE2 CZ   sing Y N 230 
PHE CE2 HE2  sing N N 231 
PHE CZ  HZ   sing N N 232 
PHE OXT HXT  sing N N 233 
PRO N   CA   sing N N 234 
PRO N   CD   sing N N 235 
PRO N   H    sing N N 236 
PRO CA  C    sing N N 237 
PRO CA  CB   sing N N 238 
PRO CA  HA   sing N N 239 
PRO C   O    doub N N 240 
PRO C   OXT  sing N N 241 
PRO CB  CG   sing N N 242 
PRO CB  HB2  sing N N 243 
PRO CB  HB3  sing N N 244 
PRO CG  CD   sing N N 245 
PRO CG  HG2  sing N N 246 
PRO CG  HG3  sing N N 247 
PRO CD  HD2  sing N N 248 
PRO CD  HD3  sing N N 249 
PRO OXT HXT  sing N N 250 
SER N   CA   sing N N 251 
SER N   H    sing N N 252 
SER N   H2   sing N N 253 
SER CA  C    sing N N 254 
SER CA  CB   sing N N 255 
SER CA  HA   sing N N 256 
SER C   O    doub N N 257 
SER C   OXT  sing N N 258 
SER CB  OG   sing N N 259 
SER CB  HB2  sing N N 260 
SER CB  HB3  sing N N 261 
SER OG  HG   sing N N 262 
SER OXT HXT  sing N N 263 
THR N   CA   sing N N 264 
THR N   H    sing N N 265 
THR N   H2   sing N N 266 
THR CA  C    sing N N 267 
THR CA  CB   sing N N 268 
THR CA  HA   sing N N 269 
THR C   O    doub N N 270 
THR C   OXT  sing N N 271 
THR CB  OG1  sing N N 272 
THR CB  CG2  sing N N 273 
THR CB  HB   sing N N 274 
THR OG1 HG1  sing N N 275 
THR CG2 HG21 sing N N 276 
THR CG2 HG22 sing N N 277 
THR CG2 HG23 sing N N 278 
THR OXT HXT  sing N N 279 
TRP N   CA   sing N N 280 
TRP N   H    sing N N 281 
TRP N   H2   sing N N 282 
TRP CA  C    sing N N 283 
TRP CA  CB   sing N N 284 
TRP CA  HA   sing N N 285 
TRP C   O    doub N N 286 
TRP C   OXT  sing N N 287 
TRP CB  CG   sing N N 288 
TRP CB  HB2  sing N N 289 
TRP CB  HB3  sing N N 290 
TRP CG  CD1  doub Y N 291 
TRP CG  CD2  sing Y N 292 
TRP CD1 NE1  sing Y N 293 
TRP CD1 HD1  sing N N 294 
TRP CD2 CE2  doub Y N 295 
TRP CD2 CE3  sing Y N 296 
TRP NE1 CE2  sing Y N 297 
TRP NE1 HE1  sing N N 298 
TRP CE2 CZ2  sing Y N 299 
TRP CE3 CZ3  doub Y N 300 
TRP CE3 HE3  sing N N 301 
TRP CZ2 CH2  doub Y N 302 
TRP CZ2 HZ2  sing N N 303 
TRP CZ3 CH2  sing Y N 304 
TRP CZ3 HZ3  sing N N 305 
TRP CH2 HH2  sing N N 306 
TRP OXT HXT  sing N N 307 
TYR N   CA   sing N N 308 
TYR N   H    sing N N 309 
TYR N   H2   sing N N 310 
TYR CA  C    sing N N 311 
TYR CA  CB   sing N N 312 
TYR CA  HA   sing N N 313 
TYR C   O    doub N N 314 
TYR C   OXT  sing N N 315 
TYR CB  CG   sing N N 316 
TYR CB  HB2  sing N N 317 
TYR CB  HB3  sing N N 318 
TYR CG  CD1  doub Y N 319 
TYR CG  CD2  sing Y N 320 
TYR CD1 CE1  sing Y N 321 
TYR CD1 HD1  sing N N 322 
TYR CD2 CE2  doub Y N 323 
TYR CD2 HD2  sing N N 324 
TYR CE1 CZ   doub Y N 325 
TYR CE1 HE1  sing N N 326 
TYR CE2 CZ   sing Y N 327 
TYR CE2 HE2  sing N N 328 
TYR CZ  OH   sing N N 329 
TYR OH  HH   sing N N 330 
TYR OXT HXT  sing N N 331 
VAL N   CA   sing N N 332 
VAL N   H    sing N N 333 
VAL N   H2   sing N N 334 
VAL CA  C    sing N N 335 
VAL CA  CB   sing N N 336 
VAL CA  HA   sing N N 337 
VAL C   O    doub N N 338 
VAL C   OXT  sing N N 339 
VAL CB  CG1  sing N N 340 
VAL CB  CG2  sing N N 341 
VAL CB  HB   sing N N 342 
VAL CG1 HG11 sing N N 343 
VAL CG1 HG12 sing N N 344 
VAL CG1 HG13 sing N N 345 
VAL CG2 HG21 sing N N 346 
VAL CG2 HG22 sing N N 347 
VAL CG2 HG23 sing N N 348 
VAL OXT HXT  sing N N 349 
# 
_pdbx_initial_refinement_model.id               1 
_pdbx_initial_refinement_model.entity_id_list   ? 
_pdbx_initial_refinement_model.type             'experimental model' 
_pdbx_initial_refinement_model.source_name      PDB 
_pdbx_initial_refinement_model.accession_code   1ERV 
_pdbx_initial_refinement_model.details          'PDB ENTRY 1ERV' 
# 
_atom_sites.entry_id                    2YPM 
_atom_sites.fract_transf_matrix[1][1]   0.02434527 
_atom_sites.fract_transf_matrix[1][2]   -0.01087722 
_atom_sites.fract_transf_matrix[1][3]   -0.00062427 
_atom_sites.fract_transf_matrix[2][1]   0.00603584 
_atom_sites.fract_transf_matrix[2][2]   0.01450236 
_atom_sites.fract_transf_matrix[2][3]   -0.01730203 
_atom_sites.fract_transf_matrix[3][1]   0.00565933 
_atom_sites.fract_transf_matrix[3][2]   0.01197716 
_atom_sites.fract_transf_matrix[3][3]   0.01201338 
_atom_sites.fract_transf_vector[1]      -0.425019 
_atom_sites.fract_transf_vector[2]      -0.084630 
_atom_sites.fract_transf_vector[3]      0.146176 
# 
loop_
_atom_type.symbol 
C 
N 
O 
S 
# 
loop_
_atom_site.group_PDB 
_atom_site.id 
_atom_site.type_symbol 
_atom_site.label_atom_id 
_atom_site.label_alt_id 
_atom_site.label_comp_id 
_atom_site.label_asym_id 
_atom_site.label_entity_id 
_atom_site.label_seq_id 
_atom_site.pdbx_PDB_ins_code 
_atom_site.Cartn_x 
_atom_site.Cartn_y 
_atom_site.Cartn_z 
_atom_site.occupancy 
_atom_site.B_iso_or_equiv 
_atom_site.pdbx_formal_charge 
_atom_site.auth_seq_id 
_atom_site.auth_comp_id 
_atom_site.auth_asym_id 
_atom_site.auth_atom_id 
_atom_site.pdbx_PDB_model_num 
ATOM   1   N N   . MET A 1 1   ? 9.208   6.984   -4.980  1.00   22.34 ? 1    MET A N   1 
ATOM   2   C CA  . MET A 1 1   ? 8.418   6.715   -6.177  1.00   26.53 ? 1    MET A CA  1 
ATOM   3   C C   . MET A 1 1   ? 6.996   6.237   -5.829  1.00   27.62 ? 1    MET A C   1 
ATOM   4   O O   . MET A 1 1   ? 6.563   5.166   -6.257  1.00   32.73 ? 1    MET A O   1 
ATOM   5   C CB  . MET A 1 1   ? 9.152   5.703   -7.067  1.00   25.08 ? 1    MET A CB  1 
ATOM   6   C CG  . MET A 1 1   ? 8.614   5.600   -8.486  1.00   19.66 ? 1    MET A CG  1 
ATOM   7   S SD  . MET A 1 1   ? 9.699   4.689   -9.593  1.00   32.66 ? 1    MET A SD  1 
ATOM   8   C CE  . MET A 1 1   ? 11.239  5.556   -9.369  1.00   25.46 ? 1    MET A CE  1 
ATOM   9   N N   . VAL A 1 2   ? 6.272   7.056   -5.070  1.00   22.21 ? 2    VAL A N   1 
ATOM   10  C CA  . VAL A 1 2   ? 4.975   6.676   -4.511  1.00   16.00 ? 2    VAL A CA  1 
ATOM   11  C C   . VAL A 1 2   ? 3.887   7.598   -5.051  1.00   16.88 ? 2    VAL A C   1 
ATOM   12  O O   . VAL A 1 2   ? 4.083   8.812   -5.167  1.00   15.61 ? 2    VAL A O   1 
ATOM   13  C CB  . VAL A 1 2   ? 4.995   6.764   -2.967  1.00   11.60 ? 2    VAL A CB  1 
ATOM   14  C CG1 . VAL A 1 2   ? 3.603   6.535   -2.365  1.00   15.26 ? 2    VAL A CG1 1 
ATOM   15  C CG2 . VAL A 1 2   ? 5.952   5.769   -2.399  1.00   11.67 ? 2    VAL A CG2 1 
ATOM   16  N N   . ILE A 1 3   ? 2.733   7.029   -5.379  1.00   15.86 ? 3    ILE A N   1 
ATOM   17  C CA  . ILE A 1 3   ? 1.638   7.814   -5.936  1.00   12.05 ? 3    ILE A CA  1 
ATOM   18  C C   . ILE A 1 3   ? 0.544   7.979   -4.871  1.00   15.47 ? 3    ILE A C   1 
ATOM   19  O O   . ILE A 1 3   ? 0.023   6.993   -4.347  1.00   15.97 ? 3    ILE A O   1 
ATOM   20  C CB  . ILE A 1 3   ? 1.078   7.116   -7.194  1.00   18.71 ? 3    ILE A CB  1 
ATOM   21  C CG1 . ILE A 1 3   ? 2.154   7.032   -8.278  1.00   10.78 ? 3    ILE A CG1 1 
ATOM   22  C CG2 . ILE A 1 3   ? -0.166  7.809   -7.706  1.00   17.57 ? 3    ILE A CG2 1 
ATOM   23  C CD1 . ILE A 1 3   ? 1.690   6.328   -9.497  1.00   12.14 ? 3    ILE A CD1 1 
ATOM   24  N N   . GLN A 1 4   ? 0.207   9.218   -4.528  1.00   22.01 ? 4    GLN A N   1 
ATOM   25  C CA  . GLN A 1 4   ? -0.881  9.454   -3.570  1.00   20.44 ? 4    GLN A CA  1 
ATOM   26  C C   . GLN A 1 4   ? -2.247  9.360   -4.232  1.00   20.29 ? 4    GLN A C   1 
ATOM   27  O O   . GLN A 1 4   ? -2.561  10.126  -5.141  1.00   24.11 ? 4    GLN A O   1 
ATOM   28  C CB  . GLN A 1 4   ? -0.757  10.816  -2.911  1.00   21.11 ? 4    GLN A CB  1 
ATOM   29  C CG  . GLN A 1 4   ? -1.716  10.992  -1.731  1.00   19.14 ? 4    GLN A CG  1 
ATOM   30  C CD  . GLN A 1 4   ? -1.059  10.645  -0.400  1.00   21.85 ? 4    GLN A CD  1 
ATOM   31  O OE1 . GLN A 1 4   ? 0.136   10.869  -0.215  1.00   27.24 ? 4    GLN A OE1 1 
ATOM   32  N NE2 . GLN A 1 4   ? -1.833  10.088  0.526   1.00   20.62 ? 4    GLN A NE2 1 
ATOM   33  N N   . VAL A 1 5   ? -3.063  8.425   -3.770  1.00   21.85 ? 5    VAL A N   1 
ATOM   34  C CA  . VAL A 1 5   ? -4.391  8.266   -4.326  1.00   23.20 ? 5    VAL A CA  1 
ATOM   35  C C   . VAL A 1 5   ? -5.367  9.123   -3.543  1.00   22.92 ? 5    VAL A C   1 
ATOM   36  O O   . VAL A 1 5   ? -5.354  9.103   -2.311  1.00   28.25 ? 5    VAL A O   1 
ATOM   37  C CB  . VAL A 1 5   ? -4.841  6.811   -4.246  1.00   21.52 ? 5    VAL A CB  1 
ATOM   38  C CG1 . VAL A 1 5   ? -6.306  6.704   -4.648  1.00   19.13 ? 5    VAL A CG1 1 
ATOM   39  C CG2 . VAL A 1 5   ? -3.972  5.949   -5.136  1.00   18.28 ? 5    VAL A CG2 1 
ATOM   40  N N   . THR A 1 6   ? -6.228  9.853   -4.241  1.00   25.29 ? 6    THR A N   1 
ATOM   41  C CA  . THR A 1 6   ? -7.165  10.745  -3.560  1.00   26.35 ? 6    THR A CA  1 
ATOM   42  C C   . THR A 1 6   ? -8.651  10.473  -3.806  1.00   29.89 ? 6    THR A C   1 
ATOM   43  O O   . THR A 1 6   ? -9.496  11.162  -3.236  1.00   27.35 ? 6    THR A O   1 
ATOM   44  C CB  . THR A 1 6   ? -6.883  12.199  -3.899  1.00   22.74 ? 6    THR A CB  1 
ATOM   45  O OG1 . THR A 1 6   ? -6.860  12.345  -5.322  1.00   20.59 ? 6    THR A OG1 1 
ATOM   46  C CG2 . THR A 1 6   ? -5.535  12.619  -3.310  1.00   16.75 ? 6    THR A CG2 1 
ATOM   47  N N   . ASN A 1 7   ? -8.971  9.502   -4.659  1.00   29.92 ? 7    ASN A N   1 
ATOM   48  C CA  . ASN A 1 7   ? -10.356 9.050   -4.827  1.00   24.79 ? 7    ASN A CA  1 
ATOM   49  C C   . ASN A 1 7   ? -10.520 7.586   -5.247  1.00   30.24 ? 7    ASN A C   1 
ATOM   50  O O   . ASN A 1 7   ? -9.558  6.915   -5.644  1.00   28.03 ? 7    ASN A O   1 
ATOM   51  C CB  . ASN A 1 7   ? -11.184 9.982   -5.724  1.00   30.48 ? 7    ASN A CB  1 
ATOM   52  C CG  . ASN A 1 7   ? -10.823 9.872   -7.185  1.00   38.82 ? 7    ASN A CG  1 
ATOM   53  O OD1 . ASN A 1 7   ? -11.315 8.997   -7.896  1.00   39.86 ? 7    ASN A OD1 1 
ATOM   54  N ND2 . ASN A 1 7   ? -9.973  10.777  -7.649  1.00   41.22 ? 7    ASN A ND2 1 
ATOM   55  N N   . LYS A 1 8   ? -11.750 7.096   -5.143  1.00   30.75 ? 8    LYS A N   1 
ATOM   56  C CA  . LYS A 1 8   ? -12.000 5.670   -5.245  1.00   29.84 ? 8    LYS A CA  1 
ATOM   57  C C   . LYS A 1 8   ? -11.899 5.206   -6.684  1.00   29.89 ? 8    LYS A C   1 
ATOM   58  O O   . LYS A 1 8   ? -11.347 4.141   -6.960  1.00   38.28 ? 8    LYS A O   1 
ATOM   59  C CB  . LYS A 1 8   ? -13.379 5.335   -4.674  1.00   37.47 ? 8    LYS A CB  1 
ATOM   60  C CG  . LYS A 1 8   ? -13.501 3.945   -4.050  1.00   45.17 ? 8    LYS A CG  1 
ATOM   61  C CD  . LYS A 1 8   ? -13.998 2.899   -5.028  1.00   44.54 ? 8    LYS A CD  1 
ATOM   62  C CE  . LYS A 1 8   ? -15.466 3.120   -5.416  1.00   43.89 ? 8    LYS A CE  1 
ATOM   63  N NZ  . LYS A 1 8   ? -16.346 3.102   -4.204  1.00   36.26 ? 8    LYS A NZ  1 
ATOM   64  N N   . ASP A 1 9   ? -12.447 6.002   -7.597  1.00   25.97 ? 9    ASP A N   1 
ATOM   65  C CA  . ASP A 1 9   ? -12.485 5.636   -9.003  1.00   35.18 ? 9    ASP A CA  1 
ATOM   66  C C   . ASP A 1 9   ? -11.075 5.571   -9.541  1.00   37.41 ? 9    ASP A C   1 
ATOM   67  O O   . ASP A 1 9   ? -10.730 4.652   -10.293 1.00   42.87 ? 9    ASP A O   1 
ATOM   68  C CB  . ASP A 1 9   ? -13.313 6.648   -9.800  1.00   51.34 ? 9    ASP A CB  1 
ATOM   69  C CG  . ASP A 1 9   ? -14.806 6.447   -9.614  1.00   70.06 ? 9    ASP A CG  1 
ATOM   70  O OD1 . ASP A 1 9   ? -15.209 5.305   -9.300  1.00   73.60 ? 9    ASP A OD1 1 
ATOM   71  O OD2 . ASP A 1 9   ? -15.569 7.426   -9.783  1.00   73.12 ? 9    ASP A OD2 1 
ATOM   72  N N   . GLU A 1 10  ? -10.262 6.548   -9.142  1.00   29.94 ? 10   GLU A N   1 
ATOM   73  C CA  . GLU A 1 10  ? -8.862  6.607   -9.553  1.00   32.43 ? 10   GLU A CA  1 
ATOM   74  C C   . GLU A 1 10  ? -8.073  5.430   -8.994  1.00   28.38 ? 10   GLU A C   1 
ATOM   75  O O   . GLU A 1 10  ? -7.212  4.859   -9.665  1.00   34.10 ? 10   GLU A O   1 
ATOM   76  C CB  . GLU A 1 10  ? -8.254  7.937   -9.111  1.00   34.43 ? 10   GLU A CB  1 
ATOM   77  C CG  . GLU A 1 10  ? -6.759  7.946   -8.956  1.00   31.51 ? 10   GLU A CG  1 
ATOM   78  C CD  . GLU A 1 10  ? -6.286  9.176   -8.199  1.00   28.52 ? 10   GLU A CD  1 
ATOM   79  O OE1 . GLU A 1 10  ? -6.545  9.268   -6.989  1.00   27.05 ? 10   GLU A OE1 1 
ATOM   80  O OE2 . GLU A 1 10  ? -5.667  10.058  -8.819  1.00   43.68 ? 10   GLU A OE2 1 
ATOM   81  N N   . PHE A 1 11  ? -8.392  5.057   -7.763  1.00   26.85 ? 11   PHE A N   1 
ATOM   82  C CA  . PHE A 1 11  ? -7.785  3.897   -7.132  1.00   33.29 ? 11   PHE A CA  1 
ATOM   83  C C   . PHE A 1 11  ? -8.150  2.596   -7.857  1.00   29.85 ? 11   PHE A C   1 
ATOM   84  O O   . PHE A 1 11  ? -7.274  1.854   -8.285  1.00   27.75 ? 11   PHE A O   1 
ATOM   85  C CB  . PHE A 1 11  ? -8.235  3.828   -5.678  1.00   36.60 ? 11   PHE A CB  1 
ATOM   86  C CG  . PHE A 1 11  ? -7.522  2.798   -4.871  1.00   34.32 ? 11   PHE A CG  1 
ATOM   87  C CD1 . PHE A 1 11  ? -6.143  2.804   -4.783  1.00   34.96 ? 11   PHE A CD1 1 
ATOM   88  C CD2 . PHE A 1 11  ? -8.227  1.824   -4.188  1.00   39.93 ? 11   PHE A CD2 1 
ATOM   89  C CE1 . PHE A 1 11  ? -5.474  1.856   -4.019  1.00   29.27 ? 11   PHE A CE1 1 
ATOM   90  C CE2 . PHE A 1 11  ? -7.559  0.868   -3.428  1.00   39.26 ? 11   PHE A CE2 1 
ATOM   91  C CZ  . PHE A 1 11  ? -6.183  0.889   -3.347  1.00   30.56 ? 11   PHE A CZ  1 
ATOM   92  N N   . GLU A 1 12  ? -9.442  2.315   -7.979  1.00   26.34 ? 12   GLU A N   1 
ATOM   93  C CA  . GLU A 1 12  ? -9.900  1.112   -8.671  1.00   30.78 ? 12   GLU A CA  1 
ATOM   94  C C   . GLU A 1 12  ? -9.350  0.978   -10.101 1.00   36.50 ? 12   GLU A C   1 
ATOM   95  O O   . GLU A 1 12  ? -8.955  -0.106  -10.526 1.00   36.52 ? 12   GLU A O   1 
ATOM   96  C CB  . GLU A 1 12  ? -11.424 1.112   -8.733  1.00   37.25 ? 12   GLU A CB  1 
ATOM   97  C CG  . GLU A 1 12  ? -12.102 0.917   -7.402  1.00   47.56 ? 12   GLU A CG  1 
ATOM   98  C CD  . GLU A 1 12  ? -13.522 0.406   -7.562  1.00   66.84 ? 12   GLU A CD  1 
ATOM   99  O OE1 . GLU A 1 12  ? -14.055 0.470   -8.695  1.00   69.56 ? 12   GLU A OE1 1 
ATOM   100 O OE2 . GLU A 1 12  ? -14.089 -0.074  -6.558  1.00   75.81 ? 12   GLU A OE2 1 
ATOM   101 N N   . SER A 1 13  ? -9.369  2.083   -10.845 1.00   32.83 ? 13   SER A N   1 
ATOM   102 C CA  . SER A 1 13  ? -8.826  2.132   -12.196 1.00   38.91 ? 13   SER A CA  1 
ATOM   103 C C   . SER A 1 13  ? -7.329  1.802   -12.265 1.00   38.61 ? 13   SER A C   1 
ATOM   104 O O   . SER A 1 13  ? -6.861  1.223   -13.244 1.00   46.29 ? 13   SER A O   1 
ATOM   105 C CB  . SER A 1 13  ? -9.079  3.516   -12.795 1.00   47.31 ? 13   SER A CB  1 
ATOM   106 O OG  . SER A 1 13  ? -8.582  3.610   -14.116 1.00   56.45 ? 13   SER A OG  1 
ATOM   107 N N   . ILE A 1 14  ? -6.578  2.180   -11.236 1.00   31.00 ? 14   ILE A N   1 
ATOM   108 C CA  . ILE A 1 14  ? -5.155  1.850   -11.174 1.00   21.74 ? 14   ILE A CA  1 
ATOM   109 C C   . ILE A 1 14  ? -4.946  0.350   -10.973 1.00   27.76 ? 14   ILE A C   1 
ATOM   110 O O   . ILE A 1 14  ? -4.121  -0.263  -11.642 1.00   35.10 ? 14   ILE A O   1 
ATOM   111 C CB  . ILE A 1 14  ? -4.439  2.621   -10.052 1.00   24.84 ? 14   ILE A CB  1 
ATOM   112 C CG1 . ILE A 1 14  ? -4.250  4.084   -10.448 1.00   31.85 ? 14   ILE A CG1 1 
ATOM   113 C CG2 . ILE A 1 14  ? -3.075  2.014   -9.757  1.00   22.53 ? 14   ILE A CG2 1 
ATOM   114 C CD1 . ILE A 1 14  ? -3.572  4.908   -9.366  1.00   26.86 ? 14   ILE A CD1 1 
ATOM   115 N N   . LEU A 1 15  ? -5.689  -0.242  -10.043 1.00   28.11 ? 15   LEU A N   1 
ATOM   116 C CA  . LEU A 1 15  ? -5.599  -1.673  -9.816  1.00   31.61 ? 15   LEU A CA  1 
ATOM   117 C C   . LEU A 1 15  ? -6.068  -2.390  -11.067 1.00   35.83 ? 15   LEU A C   1 
ATOM   118 O O   . LEU A 1 15  ? -5.431  -3.333  -11.525 1.00   42.62 ? 15   LEU A O   1 
ATOM   119 C CB  . LEU A 1 15  ? -6.451  -2.094  -8.619  1.00   34.88 ? 15   LEU A CB  1 
ATOM   120 C CG  . LEU A 1 15  ? -6.179  -1.409  -7.274  1.00   35.10 ? 15   LEU A CG  1 
ATOM   121 C CD1 . LEU A 1 15  ? -7.045  -2.022  -6.186  1.00   22.08 ? 15   LEU A CD1 1 
ATOM   122 C CD2 . LEU A 1 15  ? -4.704  -1.467  -6.898  1.00   27.99 ? 15   LEU A CD2 1 
ATOM   123 N N   . SER A 1 16  ? -7.177  -1.912  -11.623 1.00   41.25 ? 16   SER A N   1 
ATOM   124 C CA  . SER A 1 16  ? -7.741  -2.462  -12.853 1.00   52.33 ? 16   SER A CA  1 
ATOM   125 C C   . SER A 1 16  ? -6.735  -2.505  -14.002 1.00   49.79 ? 16   SER A C   1 
ATOM   126 O O   . SER A 1 16  ? -6.617  -3.519  -14.690 1.00   46.16 ? 16   SER A O   1 
ATOM   127 C CB  . SER A 1 16  ? -8.975  -1.657  -13.286 1.00   57.07 ? 16   SER A CB  1 
ATOM   128 O OG  . SER A 1 16  ? -9.992  -1.686  -12.294 1.00   58.37 ? 16   SER A OG  1 
ATOM   129 N N   . GLU A 1 17  ? -6.006  -1.409  -14.196 1.00   40.19 ? 17   GLU A N   1 
ATOM   130 C CA  . GLU A 1 17  ? -5.180  -1.254  -15.387 1.00   40.66 ? 17   GLU A CA  1 
ATOM   131 C C   . GLU A 1 17  ? -3.726  -1.604  -15.155 1.00   46.70 ? 17   GLU A C   1 
ATOM   132 O O   . GLU A 1 17  ? -2.924  -1.590  -16.091 1.00   50.94 ? 17   GLU A O   1 
ATOM   133 C CB  . GLU A 1 17  ? -5.291  0.172   -15.939 1.00   46.23 ? 17   GLU A CB  1 
ATOM   134 C CG  . GLU A 1 17  ? -6.708  0.574   -16.366 1.00   54.46 ? 17   GLU A CG  1 
ATOM   135 C CD  . GLU A 1 17  ? -7.277  -0.306  -17.479 1.00   70.47 ? 17   GLU A CD  1 
ATOM   136 O OE1 . GLU A 1 17  ? -6.568  -0.552  -18.484 1.00   78.88 ? 17   GLU A OE1 1 
ATOM   137 O OE2 . GLU A 1 17  ? -8.440  -0.750  -17.346 1.00   73.02 ? 17   GLU A OE2 1 
ATOM   138 N N   . ALA A 1 18  ? -3.382  -1.906  -13.909 1.00   42.70 ? 18   ALA A N   1 
ATOM   139 C CA  . ALA A 1 18  ? -2.006  -2.251  -13.568 1.00   45.72 ? 18   ALA A CA  1 
ATOM   140 C C   . ALA A 1 18  ? -1.537  -3.546  -14.228 1.00   53.88 ? 18   ALA A C   1 
ATOM   141 O O   . ALA A 1 18  ? -2.173  -4.590  -14.093 1.00   65.36 ? 18   ALA A O   1 
ATOM   142 C CB  . ALA A 1 18  ? -1.841  -2.353  -12.073 1.00   41.23 ? 18   ALA A CB  1 
ATOM   143 N N   . ASP A 1 19  ? -0.413  -3.464  -14.931 1.00   48.10 ? 19   ASP A N   1 
ATOM   144 C CA  . ASP A 1 19  ? 0.263   -4.640  -15.449 1.00   56.73 ? 19   ASP A CA  1 
ATOM   145 C C   . ASP A 1 19  ? 1.410   -5.026  -14.520 1.00   59.14 ? 19   ASP A C   1 
ATOM   146 O O   . ASP A 1 19  ? 2.184   -5.939  -14.815 1.00   60.39 ? 19   ASP A O   1 
ATOM   147 C CB  . ASP A 1 19  ? 0.797   -4.372  -16.854 1.00   65.20 ? 19   ASP A CB  1 
ATOM   148 C CG  . ASP A 1 19  ? -0.311  -4.124  -17.861 1.00   76.11 ? 19   ASP A CG  1 
ATOM   149 O OD1 . ASP A 1 19  ? -1.477  -4.461  -17.556 1.00   75.97 ? 19   ASP A OD1 1 
ATOM   150 O OD2 . ASP A 1 19  ? -0.014  -3.606  -18.962 1.00   81.57 ? 19   ASP A OD2 1 
ATOM   151 N N   . LYS A 1 20  ? 1.517   -4.310  -13.401 1.00   53.54 ? 20   LYS A N   1 
ATOM   152 C CA  . LYS A 1 20  ? 2.533   -4.589  -12.382 1.00   46.94 ? 20   LYS A CA  1 
ATOM   153 C C   . LYS A 1 20  ? 1.884   -5.053  -11.080 1.00   42.33 ? 20   LYS A C   1 
ATOM   154 O O   . LYS A 1 20  ? 0.663   -4.989  -10.915 1.00   39.97 ? 20   LYS A O   1 
ATOM   155 C CB  . LYS A 1 20  ? 3.364   -3.338  -12.072 1.00   40.49 ? 20   LYS A CB  1 
ATOM   156 C CG  . LYS A 1 20  ? 4.117   -2.747  -13.243 1.00   45.67 ? 20   LYS A CG  1 
ATOM   157 C CD  . LYS A 1 20  ? 4.750   -1.436  -12.831 1.00   44.33 ? 20   LYS A CD  1 
ATOM   158 C CE  . LYS A 1 20  ? 5.421   -0.765  -14.004 1.00   45.88 ? 20   LYS A CE  1 
ATOM   159 N NZ  . LYS A 1 20  ? 6.440   -1.677  -14.567 1.00   52.19 ? 20   LYS A NZ  1 
ATOM   160 N N   . LEU A 1 21  ? 2.712   -5.519  -10.155 1.00   35.62 ? 21   LEU A N   1 
ATOM   161 C CA  . LEU A 1 21  ? 2.259   -5.736  -8.805  1.00   29.55 ? 21   LEU A CA  1 
ATOM   162 C C   . LEU A 1 21  ? 2.015   -4.345  -8.231  1.00   31.99 ? 21   LEU A C   1 
ATOM   163 O O   . LEU A 1 21  ? 2.821   -3.434  -8.454  1.00   30.03 ? 21   LEU A O   1 
ATOM   164 C CB  . LEU A 1 21  ? 3.340   -6.448  -7.995  1.00   28.17 ? 21   LEU A CB  1 
ATOM   165 C CG  . LEU A 1 21  ? 3.108   -6.349  -6.483  1.00   29.85 ? 21   LEU A CG  1 
ATOM   166 C CD1 . LEU A 1 21  ? 1.925   -7.195  -6.060  1.00   28.30 ? 21   LEU A CD1 1 
ATOM   167 C CD2 . LEU A 1 21  ? 4.346   -6.713  -5.699  1.00   16.96 ? 21   LEU A CD2 1 
ATOM   168 N N   . VAL A 1 22  ? 0.906   -4.173  -7.519  1.00   17.52 ? 22   VAL A N   1 
ATOM   169 C CA  . VAL A 1 22  ? 0.633   -2.918  -6.828  1.00   20.75 ? 22   VAL A CA  1 
ATOM   170 C C   . VAL A 1 22  ? 0.677   -3.129  -5.315  1.00   23.93 ? 22   VAL A C   1 
ATOM   171 O O   . VAL A 1 22  ? 0.066   -4.060  -4.795  1.00   24.77 ? 22   VAL A O   1 
ATOM   172 C CB  . VAL A 1 22  ? -0.739  -2.333  -7.237  1.00   27.98 ? 22   VAL A CB  1 
ATOM   173 C CG1 . VAL A 1 22  ? -1.086  -1.105  -6.397  1.00   22.90 ? 22   VAL A CG1 1 
ATOM   174 C CG2 . VAL A 1 22  ? -0.744  -1.994  -8.714  1.00   28.66 ? 22   VAL A CG2 1 
ATOM   175 N N   . VAL A 1 23  ? 1.420   -2.266  -4.625  1.00   18.45 ? 23   VAL A N   1 
ATOM   176 C CA  . VAL A 1 23  ? 1.452   -2.246  -3.171  1.00   18.14 ? 23   VAL A CA  1 
ATOM   177 C C   . VAL A 1 23  ? 0.780   -0.948  -2.670  1.00   11.71 ? 23   VAL A C   1 
ATOM   178 O O   . VAL A 1 23  ? 1.105   0.147   -3.112  1.00   16.30 ? 23   VAL A O   1 
ATOM   179 C CB  . VAL A 1 23  ? 2.913   -2.384  -2.651  1.00   20.81 ? 23   VAL A CB  1 
ATOM   180 C CG1 . VAL A 1 23  ? 2.934   -2.685  -1.181  1.00   14.36 ? 23   VAL A CG1 1 
ATOM   181 C CG2 . VAL A 1 23  ? 3.591   -3.508  -3.358  1.00   24.83 ? 23   VAL A CG2 1 
ATOM   182 N N   . VAL A 1 24  ? -0.179  -1.082  -1.762  1.00   18.08 ? 24   VAL A N   1 
ATOM   183 C CA  . VAL A 1 24  ? -0.896  0.078   -1.251  1.00   23.05 ? 24   VAL A CA  1 
ATOM   184 C C   . VAL A 1 24  ? -0.671  0.325   0.232   1.00   18.81 ? 24   VAL A C   1 
ATOM   185 O O   . VAL A 1 24  ? -0.939  -0.540  1.046   1.00   20.92 ? 24   VAL A O   1 
ATOM   186 C CB  . VAL A 1 24  ? -2.411  -0.026  -1.467  1.00   15.05 ? 24   VAL A CB  1 
ATOM   187 C CG1 . VAL A 1 24  ? -3.045  1.326   -1.196  1.00   9.63  ? 24   VAL A CG1 1 
ATOM   188 C CG2 . VAL A 1 24  ? -2.721  -0.460  -2.873  1.00   18.98 ? 24   VAL A CG2 1 
ATOM   189 N N   . ASP A 1 25  ? -0.199  1.523   0.567   1.00   17.78 ? 25   ASP A N   1 
ATOM   190 C CA  . ASP A 1 25  ? -0.045  1.948   1.954   1.00   16.08 ? 25   ASP A CA  1 
ATOM   191 C C   . ASP A 1 25  ? -1.289  2.701   2.416   1.00   16.90 ? 25   ASP A C   1 
ATOM   192 O O   . ASP A 1 25  ? -1.503  3.833   2.006   1.00   15.17 ? 25   ASP A O   1 
ATOM   193 C CB  . ASP A 1 25  ? 1.183   2.860   2.098   1.00   25.41 ? 25   ASP A CB  1 
ATOM   194 C CG  . ASP A 1 25  ? 1.468   3.258   3.547   1.00   29.88 ? 25   ASP A CG  1 
ATOM   195 O OD1 . ASP A 1 25  ? 0.623   2.993   4.431   1.00   33.33 ? 25   ASP A OD1 1 
ATOM   196 O OD2 . ASP A 1 25  ? 2.541   3.854   3.804   1.00   35.66 ? 25   ASP A OD2 1 
ATOM   197 N N   . PHE A 1 26  ? -2.105  2.055   3.254   1.00   17.88 ? 26   PHE A N   1 
ATOM   198 C CA  . PHE A 1 26  ? -3.258  2.686   3.879   1.00   13.61 ? 26   PHE A CA  1 
ATOM   199 C C   . PHE A 1 26  ? -2.794  3.343   5.168   1.00   16.23 ? 26   PHE A C   1 
ATOM   200 O O   . PHE A 1 26  ? -2.357  2.674   6.091   1.00   14.55 ? 26   PHE A O   1 
ATOM   201 C CB  . PHE A 1 26  ? -4.352  1.646   4.159   1.00   15.30 ? 26   PHE A CB  1 
ATOM   202 C CG  . PHE A 1 26  ? -4.971  1.057   2.906   1.00   16.42 ? 26   PHE A CG  1 
ATOM   203 C CD1 . PHE A 1 26  ? -6.068  1.661   2.299   1.00   16.46 ? 26   PHE A CD1 1 
ATOM   204 C CD2 . PHE A 1 26  ? -4.463  -0.101  2.343   1.00   15.01 ? 26   PHE A CD2 1 
ATOM   205 C CE1 . PHE A 1 26  ? -6.655  1.117   1.143   1.00   19.16 ? 26   PHE A CE1 1 
ATOM   206 C CE2 . PHE A 1 26  ? -5.035  -0.649  1.196   1.00   23.00 ? 26   PHE A CE2 1 
ATOM   207 C CZ  . PHE A 1 26  ? -6.138  -0.036  0.594   1.00   19.02 ? 26   PHE A CZ  1 
ATOM   208 N N   . THR A 1 27  ? -2.871  4.668   5.204   1.00   18.65 ? 27   THR A N   1 
ATOM   209 C CA  . THR A 1 27  ? -2.250  5.460   6.245   1.00   23.23 ? 27   THR A CA  1 
ATOM   210 C C   . THR A 1 27  ? -3.246  6.471   6.856   1.00   19.14 ? 27   THR A C   1 
ATOM   211 O O   . THR A 1 27  ? -4.316  6.696   6.303   1.00   20.91 ? 27   THR A O   1 
ATOM   212 C CB  . THR A 1 27  ? -1.057  6.216   5.656   1.00   26.07 ? 27   THR A CB  1 
ATOM   213 O OG1 . THR A 1 27  ? -0.213  6.694   6.709   1.00   25.22 ? 27   THR A OG1 1 
ATOM   214 C CG2 . THR A 1 27  ? -1.538  7.384   4.818   1.00   24.32 ? 27   THR A CG2 1 
ATOM   215 N N   . ALA A 1 28  ? -2.878  7.067   7.992   1.00   18.20 ? 28   ALA A N   1 
ATOM   216 C CA  . ALA A 1 28  ? -3.680  8.102   8.678   1.00   23.07 ? 28   ALA A CA  1 
ATOM   217 C C   . ALA A 1 28  ? -2.798  9.062   9.494   1.00   23.29 ? 28   ALA A C   1 
ATOM   218 O O   . ALA A 1 28  ? -1.770  8.658   10.017  1.00   22.36 ? 28   ALA A O   1 
ATOM   219 C CB  . ALA A 1 28  ? -4.707  7.451   9.602   1.00   15.53 ? 28   ALA A CB  1 
ATOM   220 N N   . THR A 1 29  ? -3.210  10.318  9.647   1.00   31.06 ? 29   THR A N   1 
ATOM   221 C CA  . THR A 1 29  ? -2.398  11.285  10.405  1.00   28.89 ? 29   THR A CA  1 
ATOM   222 C C   . THR A 1 29  ? -2.455  11.035  11.918  1.00   34.63 ? 29   THR A C   1 
ATOM   223 O O   . THR A 1 29  ? -1.593  11.487  12.672  1.00   28.14 ? 29   THR A O   1 
ATOM   224 C CB  . THR A 1 29  ? -2.815  12.746  10.113  1.00   34.68 ? 29   THR A CB  1 
ATOM   225 O OG1 . THR A 1 29  ? -4.180  12.943  10.504  1.00   40.80 ? 29   THR A OG1 1 
ATOM   226 C CG2 . THR A 1 29  ? -2.657  13.074  8.622   1.00   31.86 ? 29   THR A CG2 1 
ATOM   227 N N   . TRP A 1 30  ? -3.477  10.310  12.358  1.00   39.48 ? 30   TRP A N   1 
ATOM   228 C CA  . TRP A 1 30  ? -3.614  9.956   13.764  1.00   36.65 ? 30   TRP A CA  1 
ATOM   229 C C   . TRP A 1 30  ? -2.789  8.720   14.146  1.00   34.63 ? 30   TRP A C   1 
ATOM   230 O O   . TRP A 1 30  ? -2.595  8.442   15.331  1.00   29.94 ? 30   TRP A O   1 
ATOM   231 C CB  . TRP A 1 30  ? -5.092  9.762   14.134  1.00   30.43 ? 30   TRP A CB  1 
ATOM   232 C CG  . TRP A 1 30  ? -5.933  8.960   13.140  1.00   29.05 ? 30   TRP A CG  1 
ATOM   233 C CD1 . TRP A 1 30  ? -6.784  9.461   12.183  1.00   25.92 ? 30   TRP A CD1 1 
ATOM   234 C CD2 . TRP A 1 30  ? -6.026  7.533   13.047  1.00   28.08 ? 30   TRP A CD2 1 
ATOM   235 N NE1 . TRP A 1 30  ? -7.393  8.429   11.503  1.00   18.00 ? 30   TRP A NE1 1 
ATOM   236 C CE2 . TRP A 1 30  ? -6.941  7.237   12.012  1.00   28.24 ? 30   TRP A CE2 1 
ATOM   237 C CE3 . TRP A 1 30  ? -5.421  6.471   13.738  1.00   29.07 ? 30   TRP A CE3 1 
ATOM   238 C CZ2 . TRP A 1 30  ? -7.254  5.929   11.647  1.00   26.86 ? 30   TRP A CZ2 1 
ATOM   239 C CZ3 . TRP A 1 30  ? -5.743  5.170   13.375  1.00   21.39 ? 30   TRP A CZ3 1 
ATOM   240 C CH2 . TRP A 1 30  ? -6.649  4.912   12.344  1.00   23.93 ? 30   TRP A CH2 1 
ATOM   241 N N   . CYS A 1 31  ? -2.288  8.009   13.138  1.00   29.24 ? 31   CYS A N   1 
ATOM   242 C CA  . CYS A 1 31  ? -1.561  6.743   13.328  1.00   23.63 ? 31   CYS A CA  1 
ATOM   243 C C   . CYS A 1 31  ? -0.030  6.945   13.400  1.00   16.25 ? 31   CYS A C   1 
ATOM   244 O O   . CYS A 1 31  ? 0.638   7.125   12.387  1.00   19.58 ? 31   CYS A O   1 
ATOM   245 C CB  . CYS A 1 31  ? -1.960  5.781   12.196  1.00   16.18 ? 31   CYS A CB  1 
ATOM   246 S SG  . CYS A 1 31  ? -1.078  4.225   12.058  1.00   23.06 ? 31   CYS A SG  1 
ATOM   247 N N   . GLY A 1 32  ? 0.511   6.947   14.612  1.00   24.30 ? 32   GLY A N   1 
ATOM   248 C CA  . GLY A 1 32  ? 1.937   7.082   14.829  1.00   19.91 ? 32   GLY A CA  1 
ATOM   249 C C   . GLY A 1 32  ? 2.787   6.120   14.017  1.00   24.40 ? 32   GLY A C   1 
ATOM   250 O O   . GLY A 1 32  ? 3.715   6.549   13.342  1.00   22.30 ? 32   GLY A O   1 
ATOM   251 N N   . PRO A 1 33  ? 2.488   4.808   14.089  1.00   18.83 ? 33   PRO A N   1 
ATOM   252 C CA  . PRO A 1 33  ? 3.281   3.842   13.319  1.00   26.17 ? 33   PRO A CA  1 
ATOM   253 C C   . PRO A 1 33  ? 3.242   4.047   11.807  1.00   24.04 ? 33   PRO A C   1 
ATOM   254 O O   . PRO A 1 33  ? 4.233   3.753   11.144  1.00   23.00 ? 33   PRO A O   1 
ATOM   255 C CB  . PRO A 1 33  ? 2.642   2.501   13.690  1.00   24.61 ? 33   PRO A CB  1 
ATOM   256 C CG  . PRO A 1 33  ? 2.158   2.716   15.087  1.00   22.13 ? 33   PRO A CG  1 
ATOM   257 C CD  . PRO A 1 33  ? 1.636   4.136   15.089  1.00   16.75 ? 33   PRO A CD  1 
ATOM   258 N N   . CYS A 1 34  ? 2.118   4.533   11.280  1.00   27.15 ? 34   CYS A N   1 
ATOM   259 C CA  . CYS A 1 34  ? 1.982   4.784   9.851   1.00   19.07 ? 34   CYS A CA  1 
ATOM   260 C C   . CYS A 1 34  ? 3.060   5.752   9.371   1.00   20.51 ? 34   CYS A C   1 
ATOM   261 O O   . CYS A 1 34  ? 3.742   5.488   8.386   1.00   28.65 ? 34   CYS A O   1 
ATOM   262 C CB  . CYS A 1 34  ? 0.584   5.317   9.520   1.00   17.66 ? 34   CYS A CB  1 
ATOM   263 S SG  . CYS A 1 34  ? -0.807  4.239   10.002  1.00   26.59 ? 34   CYS A SG  1 
ATOM   264 N N   . LYS A 1 35  ? 3.231   6.850   10.100  1.00   20.65 ? 35   LYS A N   1 
ATOM   265 C CA  . LYS A 1 35  ? 4.283   7.827   9.821   1.00   24.09 ? 35   LYS A CA  1 
ATOM   266 C C   . LYS A 1 35  ? 5.706   7.324   10.059  1.00   28.04 ? 35   LYS A C   1 
ATOM   267 O O   . LYS A 1 35  ? 6.642   7.848   9.476   1.00   35.78 ? 35   LYS A O   1 
ATOM   268 C CB  . LYS A 1 35  ? 4.081   9.072   10.668  1.00   31.75 ? 35   LYS A CB  1 
ATOM   269 C CG  . LYS A 1 35  ? 2.663   9.538   10.722  1.00   38.34 ? 35   LYS A CG  1 
ATOM   270 C CD  . LYS A 1 35  ? 2.583   10.806  11.549  1.00   43.24 ? 35   LYS A CD  1 
ATOM   271 C CE  . LYS A 1 35  ? 1.263   11.498  11.328  1.00   47.00 ? 35   LYS A CE  1 
ATOM   272 N NZ  . LYS A 1 35  ? 1.107   12.658  12.234  1.00   55.80 ? 35   LYS A NZ  1 
ATOM   273 N N   . MET A 1 36  ? 5.882   6.334   10.927  1.00   34.06 ? 36   MET A N   1 
ATOM   274 C CA  . MET A 1 36  ? 7.227   5.811   11.212  1.00   27.07 ? 36   MET A CA  1 
ATOM   275 C C   . MET A 1 36  ? 7.709   4.831   10.146  1.00   22.69 ? 36   MET A C   1 
ATOM   276 O O   . MET A 1 36  ? 8.897   4.704   9.896   1.00   30.18 ? 36   MET A O   1 
ATOM   277 C CB  . MET A 1 36  ? 7.284   5.148   12.596  1.00   21.73 ? 36   MET A CB  1 
ATOM   278 C CG  . MET A 1 36  ? 7.228   6.164   13.716  1.00   30.27 ? 36   MET A CG  1 
ATOM   279 S SD  . MET A 1 36  ? 7.400   5.507   15.361  1.00   49.27 ? 36   MET A SD  1 
ATOM   280 C CE  . MET A 1 36  ? 5.903   4.560   15.448  1.00   40.14 ? 36   MET A CE  1 
ATOM   281 N N   . ILE A 1 37  ? 6.785   4.130   9.514   1.00   21.59 ? 37   ILE A N   1 
ATOM   282 C CA  . ILE A 1 37  ? 7.190   3.174   8.493   1.00   24.92 ? 37   ILE A CA  1 
ATOM   283 C C   . ILE A 1 37  ? 7.182   3.831   7.099   1.00   24.59 ? 37   ILE A C   1 
ATOM   284 O O   . ILE A 1 37  ? 7.734   3.287   6.140   1.00   23.97 ? 37   ILE A O   1 
ATOM   285 C CB  . ILE A 1 37  ? 6.330   1.879   8.566   1.00   24.05 ? 37   ILE A CB  1 
ATOM   286 C CG1 . ILE A 1 37  ? 6.848   0.845   7.568   1.00   25.11 ? 37   ILE A CG1 1 
ATOM   287 C CG2 . ILE A 1 37  ? 4.833   2.206   8.367   1.00   13.95 ? 37   ILE A CG2 1 
ATOM   288 C CD1 . ILE A 1 37  ? 6.565   -0.544  7.933   1.00   20.39 ? 37   ILE A CD1 1 
ATOM   289 N N   . ALA A 1 38  ? 6.590   5.024   7.011   1.00   17.32 ? 38   ALA A N   1 
ATOM   290 C CA  . ALA A 1 38  ? 6.481   5.743   5.733   1.00   26.28 ? 38   ALA A CA  1 
ATOM   291 C C   . ALA A 1 38  ? 7.813   5.954   4.979   1.00   29.53 ? 38   ALA A C   1 
ATOM   292 O O   . ALA A 1 38  ? 7.845   5.786   3.761   1.00   27.18 ? 38   ALA A O   1 
ATOM   293 C CB  . ALA A 1 38  ? 5.716   7.074   5.897   1.00   16.31 ? 38   ALA A CB  1 
ATOM   294 N N   . PRO A 1 39  ? 8.913   6.298   5.692   1.00   24.30 ? 39   PRO A N   1 
ATOM   295 C CA  . PRO A 1 39  ? 10.210  6.381   4.999   1.00   17.45 ? 39   PRO A CA  1 
ATOM   296 C C   . PRO A 1 39  ? 10.692  5.045   4.419   1.00   22.61 ? 39   PRO A C   1 
ATOM   297 O O   . PRO A 1 39  ? 11.269  5.024   3.336   1.00   23.78 ? 39   PRO A O   1 
ATOM   298 C CB  . PRO A 1 39  ? 11.156  6.867   6.093   1.00   22.38 ? 39   PRO A CB  1 
ATOM   299 C CG  . PRO A 1 39  ? 10.241  7.596   7.074   1.00   17.93 ? 39   PRO A CG  1 
ATOM   300 C CD  . PRO A 1 39  ? 9.027   6.753   7.096   1.00   19.63 ? 39   PRO A CD  1 
ATOM   301 N N   . LYS A 1 40  ? 10.427  3.941   5.111   1.00   28.02 ? 40   LYS A N   1 
ATOM   302 C CA  . LYS A 1 40  ? 10.798  2.633   4.587   1.00   28.20 ? 40   LYS A CA  1 
ATOM   303 C C   . LYS A 1 40  ? 9.989   2.314   3.330   1.00   27.97 ? 40   LYS A C   1 
ATOM   304 O O   . LYS A 1 40  ? 10.537  1.816   2.333   1.00   22.63 ? 40   LYS A O   1 
ATOM   305 C CB  . LYS A 1 40  ? 10.642  1.553   5.662   1.00   29.04 ? 40   LYS A CB  1 
ATOM   306 C CG  . LYS A 1 40  ? 11.124  0.170   5.249   1.00   33.21 ? 40   LYS A CG  1 
ATOM   307 C CD  . LYS A 1 40  ? 12.619  0.159   4.967   1.00   41.12 ? 40   LYS A CD  1 
ATOM   308 N N   . PHE A 1 41  ? 8.699   2.644   3.366   1.00   23.03 ? 41   PHE A N   1 
ATOM   309 C CA  . PHE A 1 41  ? 7.824   2.457   2.199   1.00   24.17 ? 41   PHE A CA  1 
ATOM   310 C C   . PHE A 1 41  ? 8.381   3.163   0.970   1.00   20.96 ? 41   PHE A C   1 
ATOM   311 O O   . PHE A 1 41  ? 8.413   2.597   -0.128  1.00   19.70 ? 41   PHE A O   1 
ATOM   312 C CB  . PHE A 1 41  ? 6.391   2.948   2.480   1.00   18.21 ? 41   PHE A CB  1 
ATOM   313 C CG  . PHE A 1 41  ? 5.375   2.483   1.460   1.00   13.39 ? 41   PHE A CG  1 
ATOM   314 C CD1 . PHE A 1 41  ? 5.001   1.157   1.391   1.00   18.53 ? 41   PHE A CD1 1 
ATOM   315 C CD2 . PHE A 1 41  ? 4.801   3.380   0.569   1.00   13.75 ? 41   PHE A CD2 1 
ATOM   316 C CE1 . PHE A 1 41  ? 4.068   0.727   0.443   1.00   24.04 ? 41   PHE A CE1 1 
ATOM   317 C CE2 . PHE A 1 41  ? 3.863   2.965   -0.371  1.00   16.14 ? 41   PHE A CE2 1 
ATOM   318 C CZ  . PHE A 1 41  ? 3.486   1.640   -0.429  1.00   18.14 ? 41   PHE A CZ  1 
ATOM   319 N N   . GLU A 1 42  ? 8.837   4.396   1.176   1.00   24.22 ? 42   GLU A N   1 
ATOM   320 C CA  . GLU A 1 42  ? 9.386   5.208   0.105   1.00   20.87 ? 42   GLU A CA  1 
ATOM   321 C C   . GLU A 1 42  ? 10.664  4.615   -0.439  1.00   22.06 ? 42   GLU A C   1 
ATOM   322 O O   . GLU A 1 42  ? 10.863  4.596   -1.647  1.00   20.57 ? 42   GLU A O   1 
ATOM   323 C CB  . GLU A 1 42  ? 9.642   6.628   0.590   1.00   24.09 ? 42   GLU A CB  1 
ATOM   324 C CG  . GLU A 1 42  ? 8.361   7.352   0.912   1.00   34.05 ? 42   GLU A CG  1 
ATOM   325 C CD  . GLU A 1 42  ? 8.580   8.598   1.742   1.00   43.89 ? 42   GLU A CD  1 
ATOM   326 O OE1 . GLU A 1 42  ? 9.633   9.260   1.553   1.00   40.25 ? 42   GLU A OE1 1 
ATOM   327 O OE2 . GLU A 1 42  ? 7.689   8.907   2.577   1.00   39.09 ? 42   GLU A OE2 1 
ATOM   328 N N   . GLU A 1 43  ? 11.533  4.145   0.457   1.00   29.53 ? 43   GLU A N   1 
ATOM   329 C CA  . GLU A 1 43  ? 12.807  3.568   0.050   1.00   28.58 ? 43   GLU A CA  1 
ATOM   330 C C   . GLU A 1 43  ? 12.570  2.385   -0.877  1.00   28.52 ? 43   GLU A C   1 
ATOM   331 O O   . GLU A 1 43  ? 13.159  2.298   -1.957  1.00   29.36 ? 43   GLU A O   1 
ATOM   332 C CB  . GLU A 1 43  ? 13.632  3.140   1.262   1.00   22.46 ? 43   GLU A CB  1 
ATOM   333 C CG  . GLU A 1 43  ? 14.853  2.341   0.868   1.00   42.74 ? 43   GLU A CG  1 
ATOM   334 C CD  . GLU A 1 43  ? 15.852  2.172   1.990   1.00   51.69 ? 43   GLU A CD  1 
ATOM   335 O OE1 . GLU A 1 43  ? 15.521  1.508   2.995   1.00   45.97 ? 43   GLU A OE1 1 
ATOM   336 O OE2 . GLU A 1 43  ? 16.976  2.704   1.853   1.00   61.23 ? 43   GLU A OE2 1 
ATOM   337 N N   . LEU A 1 44  ? 11.670  1.501   -0.452  1.00   29.71 ? 44   LEU A N   1 
ATOM   338 C CA  . LEU A 1 44  ? 11.335  0.288   -1.186  1.00   21.64 ? 44   LEU A CA  1 
ATOM   339 C C   . LEU A 1 44  ? 10.737  0.610   -2.558  1.00   24.33 ? 44   LEU A C   1 
ATOM   340 O O   . LEU A 1 44  ? 10.995  -0.097  -3.533  1.00   20.04 ? 44   LEU A O   1 
ATOM   341 C CB  . LEU A 1 44  ? 10.367  -0.538  -0.358  1.00   20.67 ? 44   LEU A CB  1 
ATOM   342 C CG  . LEU A 1 44  ? 11.018  -1.183  0.857   1.00   21.73 ? 44   LEU A CG  1 
ATOM   343 C CD1 . LEU A 1 44  ? 9.985   -1.797  1.795   1.00   15.65 ? 44   LEU A CD1 1 
ATOM   344 C CD2 . LEU A 1 44  ? 11.995  -2.243  0.364   1.00   26.10 ? 44   LEU A CD2 1 
ATOM   345 N N   . SER A 1 45  ? 9.972   1.700   -2.629  1.00   25.84 ? 45   SER A N   1 
ATOM   346 C CA  . SER A 1 45  ? 9.338   2.131   -3.881  1.00   24.28 ? 45   SER A CA  1 
ATOM   347 C C   . SER A 1 45  ? 10.399  2.476   -4.911  1.00   29.31 ? 45   SER A C   1 
ATOM   348 O O   . SER A 1 45  ? 10.191  2.312   -6.116  1.00   23.42 ? 45   SER A O   1 
ATOM   349 C CB  . SER A 1 45  ? 8.395   3.320   -3.649  1.00   23.50 ? 45   SER A CB  1 
ATOM   350 O OG  . SER A 1 45  ? 9.102   4.542   -3.521  1.00   21.80 ? 45   SER A OG  1 
ATOM   351 N N   . GLU A 1 46  ? 11.548  2.921   -4.412  1.00   25.33 ? 46   GLU A N   1 
ATOM   352 C CA  . GLU A 1 46  ? 12.677  3.261   -5.248  1.00   29.38 ? 46   GLU A CA  1 
ATOM   353 C C   . GLU A 1 46  ? 13.522  2.025   -5.508  1.00   36.71 ? 46   GLU A C   1 
ATOM   354 O O   . GLU A 1 46  ? 14.260  1.957   -6.495  1.00   46.15 ? 46   GLU A O   1 
ATOM   355 C CB  . GLU A 1 46  ? 13.518  4.341   -4.569  1.00   32.62 ? 46   GLU A CB  1 
ATOM   356 C CG  . GLU A 1 46  ? 13.053  5.769   -4.835  1.00   46.33 ? 46   GLU A CG  1 
ATOM   357 C CD  . GLU A 1 46  ? 13.991  6.811   -4.232  1.00   65.70 ? 46   GLU A CD  1 
ATOM   358 O OE1 . GLU A 1 46  ? 14.962  6.417   -3.547  1.00   72.91 ? 46   GLU A OE1 1 
ATOM   359 O OE2 . GLU A 1 46  ? 13.760  8.022   -4.442  1.00   66.44 ? 46   GLU A OE2 1 
ATOM   360 N N   A GLU A 1 47  ? 13.398  1.038   -4.628  0.56   38.10 ? 47   GLU A N   1 
ATOM   361 N N   B GLU A 1 47  ? 13.428  1.051   -4.610  0.44   37.67 ? 47   GLU A N   1 
ATOM   362 C CA  A GLU A 1 47  ? 14.190  -0.182  -4.737  0.56   35.18 ? 47   GLU A CA  1 
ATOM   363 C CA  B GLU A 1 47  ? 14.194  -0.181  -4.746  0.44   35.32 ? 47   GLU A CA  1 
ATOM   364 C C   A GLU A 1 47  ? 13.459  -1.248  -5.549  0.56   37.97 ? 47   GLU A C   1 
ATOM   365 C C   B GLU A 1 47  ? 13.561  -1.055  -5.821  0.44   38.44 ? 47   GLU A C   1 
ATOM   366 O O   A GLU A 1 47  ? 13.990  -2.335  -5.780  0.56   44.29 ? 47   GLU A O   1 
ATOM   367 O O   B GLU A 1 47  ? 14.253  -1.815  -6.505  0.44   42.66 ? 47   GLU A O   1 
ATOM   368 C CB  A GLU A 1 47  ? 14.604  -0.691  -3.352  0.56   30.53 ? 47   GLU A CB  1 
ATOM   369 C CB  B GLU A 1 47  ? 14.264  -0.926  -3.407  0.44   28.66 ? 47   GLU A CB  1 
ATOM   370 C CG  A GLU A 1 47  ? 15.560  0.277   -2.659  0.56   37.07 ? 47   GLU A CG  1 
ATOM   371 C CG  B GLU A 1 47  ? 15.153  -2.161  -3.409  0.44   32.51 ? 47   GLU A CG  1 
ATOM   372 C CD  A GLU A 1 47  ? 16.044  -0.195  -1.299  0.56   33.98 ? 47   GLU A CD  1 
ATOM   373 C CD  B GLU A 1 47  ? 15.435  -2.671  -2.008  0.44   31.84 ? 47   GLU A CD  1 
ATOM   374 O OE1 A GLU A 1 47  ? 15.398  -1.078  -0.703  0.56   29.27 ? 47   GLU A OE1 1 
ATOM   375 O OE1 B GLU A 1 47  ? 15.429  -1.849  -1.069  0.44   28.51 ? 47   GLU A OE1 1 
ATOM   376 O OE2 A GLU A 1 47  ? 17.075  0.333   -0.825  0.56   34.63 ? 47   GLU A OE2 1 
ATOM   377 O OE2 B GLU A 1 47  ? 15.656  -3.890  -1.845  0.44   33.38 ? 47   GLU A OE2 1 
ATOM   378 N N   . TYR A 1 48  ? 12.247  -0.918  -5.990  1.00   32.62 ? 48   TYR A N   1 
ATOM   379 C CA  . TYR A 1 48  ? 11.509  -1.725  -6.976  1.00   31.00 ? 48   TYR A CA  1 
ATOM   380 C C   . TYR A 1 48  ? 10.835  -0.827  -7.999  1.00   31.31 ? 48   TYR A C   1 
ATOM   381 O O   . TYR A 1 48  ? 9.615   -0.775  -8.055  1.00   35.61 ? 48   TYR A O   1 
ATOM   382 C CB  . TYR A 1 48  ? 10.434  -2.584  -6.299  1.00   35.21 ? 48   TYR A CB  1 
ATOM   383 C CG  . TYR A 1 48  ? 10.969  -3.711  -5.435  1.00   35.61 ? 48   TYR A CG  1 
ATOM   384 C CD1 . TYR A 1 48  ? 11.258  -3.502  -4.091  1.00   30.68 ? 48   TYR A CD1 1 
ATOM   385 C CD2 . TYR A 1 48  ? 11.176  -4.985  -5.962  1.00   40.37 ? 48   TYR A CD2 1 
ATOM   386 C CE1 . TYR A 1 48  ? 11.746  -4.528  -3.295  1.00   40.85 ? 48   TYR A CE1 1 
ATOM   387 C CE2 . TYR A 1 48  ? 11.665  -6.015  -5.171  1.00   42.76 ? 48   TYR A CE2 1 
ATOM   388 C CZ  . TYR A 1 48  ? 11.953  -5.779  -3.839  1.00   36.61 ? 48   TYR A CZ  1 
ATOM   389 O OH  . TYR A 1 48  ? 12.443  -6.790  -3.046  1.00   35.74 ? 48   TYR A OH  1 
ATOM   390 N N   . PRO A 1 49  ? 11.621  -0.109  -8.815  1.00   41.01 ? 49   PRO A N   1 
ATOM   391 C CA  . PRO A 1 49  ? 11.025  0.925   -9.668  1.00   37.54 ? 49   PRO A CA  1 
ATOM   392 C C   . PRO A 1 49  ? 10.447  0.405   -10.983 1.00   47.90 ? 49   PRO A C   1 
ATOM   393 O O   . PRO A 1 49  ? 9.690   1.123   -11.638 1.00   55.81 ? 49   PRO A O   1 
ATOM   394 C CB  . PRO A 1 49  ? 12.212  1.833   -9.960  1.00   39.87 ? 49   PRO A CB  1 
ATOM   395 C CG  . PRO A 1 49  ? 13.368  0.895   -10.012 1.00   44.48 ? 49   PRO A CG  1 
ATOM   396 C CD  . PRO A 1 49  ? 13.083  -0.186  -8.994  1.00   44.85 ? 49   PRO A CD  1 
ATOM   397 N N   . ASP A 1 50  ? 10.787  -0.823  -11.362 1.00   48.17 ? 50   ASP A N   1 
ATOM   398 C CA  . ASP A 1 50  ? 10.433  -1.326  -12.684 1.00   48.91 ? 50   ASP A CA  1 
ATOM   399 C C   . ASP A 1 50  ? 9.179   -2.169  -12.720 1.00   47.81 ? 50   ASP A C   1 
ATOM   400 O O   . ASP A 1 50  ? 8.393   -2.059  -13.660 1.00   47.88 ? 50   ASP A O   1 
ATOM   401 C CB  . ASP A 1 50  ? 11.581  -2.147  -13.264 1.00   54.01 ? 50   ASP A CB  1 
ATOM   402 C CG  . ASP A 1 50  ? 12.753  -1.294  -13.649 1.00   63.78 ? 50   ASP A CG  1 
ATOM   403 O OD1 . ASP A 1 50  ? 12.762  -0.785  -14.791 1.00   69.76 ? 50   ASP A OD1 1 
ATOM   404 O OD2 . ASP A 1 50  ? 13.658  -1.127  -12.807 1.00   64.39 ? 50   ASP A OD2 1 
ATOM   405 N N   . ASN A 1 51  ? 9.010   -3.030  -11.717 1.00   44.48 ? 51   ASN A N   1 
ATOM   406 C CA  . ASN A 1 51  ? 7.948   -4.042  -11.749 1.00   41.80 ? 51   ASN A CA  1 
ATOM   407 C C   . ASN A 1 51  ? 6.895   -3.948  -10.637 1.00   38.79 ? 51   ASN A C   1 
ATOM   408 O O   . ASN A 1 51  ? 6.091   -4.864  -10.451 1.00   33.50 ? 51   ASN A O   1 
ATOM   409 C CB  . ASN A 1 51  ? 8.558   -5.444  -11.785 1.00   44.31 ? 51   ASN A CB  1 
ATOM   410 C CG  . ASN A 1 51  ? 9.219   -5.755  -13.123 1.00   57.53 ? 51   ASN A CG  1 
ATOM   411 O OD1 . ASN A 1 51  ? 10.369  -6.209  -13.181 1.00   64.73 ? 51   ASN A OD1 1 
ATOM   412 N ND2 . ASN A 1 51  ? 8.494   -5.501  -14.208 1.00   52.13 ? 51   ASN A ND2 1 
ATOM   413 N N   . VAL A 1 52  ? 6.913   -2.849  -9.891  1.00   32.42 ? 52   VAL A N   1 
ATOM   414 C CA  . VAL A 1 52  ? 5.964   -2.668  -8.797  1.00   29.41 ? 52   VAL A CA  1 
ATOM   415 C C   . VAL A 1 52  ? 5.495   -1.223  -8.746  1.00   30.43 ? 52   VAL A C   1 
ATOM   416 O O   . VAL A 1 52  ? 6.309   -0.302  -8.796  1.00   31.81 ? 52   VAL A O   1 
ATOM   417 C CB  . VAL A 1 52  ? 6.587   -3.052  -7.427  1.00   27.57 ? 52   VAL A CB  1 
ATOM   418 C CG1 . VAL A 1 52  ? 5.557   -3.000  -6.360  1.00   18.67 ? 52   VAL A CG1 1 
ATOM   419 C CG2 . VAL A 1 52  ? 7.215   -4.457  -7.472  1.00   19.34 ? 52   VAL A CG2 1 
ATOM   420 N N   . VAL A 1 53  ? 4.182   -1.026  -8.651  1.00   32.09 ? 53   VAL A N   1 
ATOM   421 C CA  . VAL A 1 53  ? 3.603   0.300   -8.408  1.00   27.80 ? 53   VAL A CA  1 
ATOM   422 C C   . VAL A 1 53  ? 3.239   0.493   -6.929  1.00   19.09 ? 53   VAL A C   1 
ATOM   423 O O   . VAL A 1 53  ? 2.539   -0.321  -6.357  1.00   18.87 ? 53   VAL A O   1 
ATOM   424 C CB  . VAL A 1 53  ? 2.331   0.529   -9.263  1.00   28.75 ? 53   VAL A CB  1 
ATOM   425 C CG1 . VAL A 1 53  ? 1.651   1.836   -8.879  1.00   19.43 ? 53   VAL A CG1 1 
ATOM   426 C CG2 . VAL A 1 53  ? 2.666   0.521   -10.760 1.00   21.77 ? 53   VAL A CG2 1 
ATOM   427 N N   . PHE A 1 54  ? 3.719   1.568   -6.312  1.00   19.29 ? 54   PHE A N   1 
ATOM   428 C CA  . PHE A 1 54  ? 3.434   1.834   -4.896  1.00   16.90 ? 54   PHE A CA  1 
ATOM   429 C C   . PHE A 1 54  ? 2.409   2.966   -4.758  1.00   17.14 ? 54   PHE A C   1 
ATOM   430 O O   . PHE A 1 54  ? 2.587   4.031   -5.342  1.00   19.59 ? 54   PHE A O   1 
ATOM   431 C CB  . PHE A 1 54  ? 4.719   2.233   -4.141  1.00   15.60 ? 54   PHE A CB  1 
ATOM   432 C CG  . PHE A 1 54  ? 5.717   1.097   -3.945  1.00   20.64 ? 54   PHE A CG  1 
ATOM   433 C CD1 . PHE A 1 54  ? 6.330   0.486   -5.029  1.00   20.83 ? 54   PHE A CD1 1 
ATOM   434 C CD2 . PHE A 1 54  ? 6.075   0.684   -2.669  1.00   18.56 ? 54   PHE A CD2 1 
ATOM   435 C CE1 . PHE A 1 54  ? 7.267   -0.546  -4.843  1.00   26.22 ? 54   PHE A CE1 1 
ATOM   436 C CE2 . PHE A 1 54  ? 7.007   -0.343  -2.478  1.00   17.43 ? 54   PHE A CE2 1 
ATOM   437 C CZ  . PHE A 1 54  ? 7.592   -0.960  -3.571  1.00   21.98 ? 54   PHE A CZ  1 
ATOM   438 N N   . LEU A 1 55  ? 1.353   2.739   -3.980  1.00   18.85 ? 55   LEU A N   1 
ATOM   439 C CA  . LEU A 1 55  ? 0.325   3.752   -3.766  1.00   15.46 ? 55   LEU A CA  1 
ATOM   440 C C   . LEU A 1 55  ? 0.186   4.110   -2.288  1.00   14.60 ? 55   LEU A C   1 
ATOM   441 O O   . LEU A 1 55  ? 0.460   3.296   -1.416  1.00   16.44 ? 55   LEU A O   1 
ATOM   442 C CB  . LEU A 1 55  ? -1.030  3.250   -4.289  1.00   15.33 ? 55   LEU A CB  1 
ATOM   443 C CG  . LEU A 1 55  ? -1.133  2.755   -5.730  1.00   18.74 ? 55   LEU A CG  1 
ATOM   444 C CD1 . LEU A 1 55  ? -2.557  2.327   -6.060  1.00   18.76 ? 55   LEU A CD1 1 
ATOM   445 C CD2 . LEU A 1 55  ? -0.693  3.825   -6.683  1.00   11.07 ? 55   LEU A CD2 1 
ATOM   446 N N   . LYS A 1 56  ? -0.275  5.328   -2.022  1.00   24.49 ? 56   LYS A N   1 
ATOM   447 C CA  A LYS A 1 56  ? -0.538  5.775   -0.660  0.42   23.64 ? 56   LYS A CA  1 
ATOM   448 C CA  B LYS A 1 56  ? -0.524  5.795   -0.662  0.58   23.34 ? 56   LYS A CA  1 
ATOM   449 C C   . LYS A 1 56  ? -1.978  6.258   -0.517  1.00   22.03 ? 56   LYS A C   1 
ATOM   450 O O   . LYS A 1 56  ? -2.443  7.083   -1.295  1.00   21.49 ? 56   LYS A O   1 
ATOM   451 C CB  A LYS A 1 56  ? 0.406   6.911   -0.278  0.42   20.71 ? 56   LYS A CB  1 
ATOM   452 C CB  B LYS A 1 56  ? 0.404   6.968   -0.340  0.58   19.68 ? 56   LYS A CB  1 
ATOM   453 C CG  A LYS A 1 56  ? 0.143   7.470   1.105   0.42   19.69 ? 56   LYS A CG  1 
ATOM   454 C CG  B LYS A 1 56  ? 1.297   6.776   0.867   0.58   19.99 ? 56   LYS A CG  1 
ATOM   455 C CD  A LYS A 1 56  ? 0.946   6.728   2.146   0.42   18.32 ? 56   LYS A CD  1 
ATOM   456 C CD  B LYS A 1 56  ? 1.681   8.132   1.444   0.58   28.10 ? 56   LYS A CD  1 
ATOM   457 C CE  A LYS A 1 56  ? 2.419   6.747   1.765   0.42   17.96 ? 56   LYS A CE  1 
ATOM   458 C CE  B LYS A 1 56  ? 2.843   8.049   2.419   0.58   23.60 ? 56   LYS A CE  1 
ATOM   459 N NZ  A LYS A 1 56  ? 3.279   6.347   2.891   0.42   9.78  ? 56   LYS A NZ  1 
ATOM   460 N NZ  B LYS A 1 56  ? 2.939   9.324   3.168   0.58   20.84 ? 56   LYS A NZ  1 
ATOM   461 N N   . VAL A 1 57  ? -2.681  5.750   0.492   1.00   19.75 ? 57   VAL A N   1 
ATOM   462 C CA  . VAL A 1 57  ? -4.083  6.109   0.714   1.00   22.75 ? 57   VAL A CA  1 
ATOM   463 C C   . VAL A 1 57  ? -4.367  6.602   2.139   1.00   19.38 ? 57   VAL A C   1 
ATOM   464 O O   . VAL A 1 57  ? -4.238  5.850   3.091   1.00   29.87 ? 57   VAL A O   1 
ATOM   465 C CB  . VAL A 1 57  ? -5.040  4.910   0.407   1.00   25.95 ? 57   VAL A CB  1 
ATOM   466 C CG1 . VAL A 1 57  ? -6.407  5.185   0.959   1.00   29.71 ? 57   VAL A CG1 1 
ATOM   467 C CG2 . VAL A 1 57  ? -5.155  4.681   -1.073  1.00   21.36 ? 57   VAL A CG2 1 
ATOM   468 N N   . ASP A 1 58  ? -4.757  7.867   2.288   1.00   19.22 ? 58   ASP A N   1 
ATOM   469 C CA  . ASP A 1 58  ? -5.200  8.371   3.583   1.00   19.74 ? 58   ASP A CA  1 
ATOM   470 C C   . ASP A 1 58  ? -6.666  7.995   3.803   1.00   16.68 ? 58   ASP A C   1 
ATOM   471 O O   . ASP A 1 58  ? -7.542  8.457   3.079   1.00   30.22 ? 58   ASP A O   1 
ATOM   472 C CB  . ASP A 1 58  ? -5.037  9.884   3.640   1.00   18.34 ? 58   ASP A CB  1 
ATOM   473 C CG  . ASP A 1 58  ? -5.223  10.442  5.035   1.00   27.73 ? 58   ASP A CG  1 
ATOM   474 O OD1 . ASP A 1 58  ? -6.249  10.140  5.692   1.00   30.97 ? 58   ASP A OD1 1 
ATOM   475 O OD2 . ASP A 1 58  ? -4.340  11.205  5.472   1.00   40.06 ? 58   ASP A OD2 1 
ATOM   476 N N   . VAL A 1 59  ? -6.924  7.161   4.803   1.00   20.25 ? 59   VAL A N   1 
ATOM   477 C CA  . VAL A 1 59  ? -8.259  6.613   5.033   1.00   21.26 ? 59   VAL A CA  1 
ATOM   478 C C   . VAL A 1 59  ? -9.305  7.662   5.480   1.00   25.32 ? 59   VAL A C   1 
ATOM   479 O O   . VAL A 1 59  ? -10.507 7.399   5.426   1.00   25.86 ? 59   VAL A O   1 
ATOM   480 C CB  . VAL A 1 59  ? -8.231  5.412   6.024   1.00   21.33 ? 59   VAL A CB  1 
ATOM   481 C CG1 . VAL A 1 59  ? -7.226  4.341   5.554   1.00   20.37 ? 59   VAL A CG1 1 
ATOM   482 C CG2 . VAL A 1 59  ? -7.881  5.886   7.437   1.00   28.00 ? 59   VAL A CG2 1 
ATOM   483 N N   . ASP A 1 60  ? -8.860  8.842   5.910   1.00   21.75 ? 60   ASP A N   1 
ATOM   484 C CA  . ASP A 1 60  ? -9.803  9.907   6.245   1.00   29.42 ? 60   ASP A CA  1 
ATOM   485 C C   . ASP A 1 60  ? -10.054 10.787  5.033   1.00   34.31 ? 60   ASP A C   1 
ATOM   486 O O   . ASP A 1 60  ? -11.059 11.492  4.975   1.00   41.38 ? 60   ASP A O   1 
ATOM   487 C CB  . ASP A 1 60  ? -9.317  10.757  7.420   1.00   22.17 ? 60   ASP A CB  1 
ATOM   488 C CG  . ASP A 1 60  ? -9.063  9.935   8.671   1.00   26.38 ? 60   ASP A CG  1 
ATOM   489 O OD1 . ASP A 1 60  ? -9.925  9.101   9.033   1.00   32.61 ? 60   ASP A OD1 1 
ATOM   490 O OD2 . ASP A 1 60  ? -7.997  10.128  9.286   1.00   29.33 ? 60   ASP A OD2 1 
ATOM   491 N N   . GLU A 1 61  ? -9.143  10.759  4.066   1.00   31.36 ? 61   GLU A N   1 
ATOM   492 C CA  . GLU A 1 61  ? -9.349  11.536  2.845   1.00   32.67 ? 61   GLU A CA  1 
ATOM   493 C C   . GLU A 1 61  ? -10.154 10.754  1.794   1.00   35.73 ? 61   GLU A C   1 
ATOM   494 O O   . GLU A 1 61  ? -10.916 11.339  1.037   1.00   30.03 ? 61   GLU A O   1 
ATOM   495 C CB  . GLU A 1 61  ? -8.019  12.041  2.275   1.00   29.81 ? 61   GLU A CB  1 
ATOM   496 N N   . VAL A 1 62  ? -9.990  9.434   1.750   1.00   39.22 ? 62   VAL A N   1 
ATOM   497 C CA  . VAL A 1 62  ? -10.752 8.607   0.809   1.00   45.42 ? 62   VAL A CA  1 
ATOM   498 C C   . VAL A 1 62  ? -11.589 7.565   1.563   1.00   48.08 ? 62   VAL A C   1 
ATOM   499 O O   . VAL A 1 62  ? -11.239 6.386   1.570   1.00   52.53 ? 62   VAL A O   1 
ATOM   500 C CB  . VAL A 1 62  ? -9.811  7.837   -0.169  1.00   26.40 ? 62   VAL A CB  1 
ATOM   501 C CG1 . VAL A 1 62  ? -10.529 7.524   -1.458  1.00   26.40 ? 62   VAL A CG1 1 
ATOM   502 C CG2 . VAL A 1 62  ? -8.544  8.629   -0.456  1.00   24.04 ? 62   VAL A CG2 1 
ATOM   503 N N   . GLU A 1 63  ? -12.680 7.985   2.197   1.00   57.31 ? 63   GLU A N   1 
ATOM   504 C CA  . GLU A 1 63  ? -13.454 7.085   3.072   1.00   65.67 ? 63   GLU A CA  1 
ATOM   505 C C   . GLU A 1 63  ? -13.945 5.810   2.370   1.00   72.03 ? 63   GLU A C   1 
ATOM   506 O O   . GLU A 1 63  ? -13.883 4.704   2.928   1.00   60.11 ? 63   GLU A O   1 
ATOM   507 C CB  . GLU A 1 63  ? -14.628 7.837   3.716   1.00   60.90 ? 63   GLU A CB  1 
ATOM   508 C CG  . GLU A 1 63  ? -15.474 7.000   4.673   1.00   60.64 ? 63   GLU A CG  1 
ATOM   509 C CD  . GLU A 1 63  ? -16.822 6.611   4.089   1.00   61.08 ? 63   GLU A CD  1 
ATOM   510 N N   . ASP A 1 64  ? -14.401 5.977   1.132   1.00   83.14 ? 64   ASP A N   1 
ATOM   511 C CA  . ASP A 1 64  ? -14.993 4.886   0.368   1.00   89.60 ? 64   ASP A CA  1 
ATOM   512 C C   . ASP A 1 64  ? -14.040 3.722   0.058   1.00   86.86 ? 64   ASP A C   1 
ATOM   513 O O   . ASP A 1 64  ? -14.484 2.689   -0.435  1.00   93.94 ? 64   ASP A O   1 
ATOM   514 C CB  . ASP A 1 64  ? -15.635 5.418   -0.921  1.00   94.31 ? 64   ASP A CB  1 
ATOM   515 C CG  . ASP A 1 64  ? -14.718 6.347   -1.683  0.0000 95.67 ? 64   ASP A CG  1 
ATOM   516 O OD1 . ASP A 1 64  ? -13.522 6.413   -1.323  0.0000 94.16 ? 64   ASP A OD1 1 
ATOM   517 O OD2 . ASP A 1 64  ? -15.187 7.001   -2.642  0.0000 97.96 ? 64   ASP A OD2 1 
ATOM   518 N N   . VAL A 1 65  ? -12.746 3.873   0.335   1.00   74.70 ? 65   VAL A N   1 
ATOM   519 C CA  . VAL A 1 65  ? -11.808 2.776   0.084   1.00   62.75 ? 65   VAL A CA  1 
ATOM   520 C C   . VAL A 1 65  ? -11.406 2.045   1.361   1.00   50.25 ? 65   VAL A C   1 
ATOM   521 O O   . VAL A 1 65  ? -10.943 0.902   1.309   1.00   52.15 ? 65   VAL A O   1 
ATOM   522 C CB  . VAL A 1 65  ? -10.509 3.231   -0.618  1.00   61.25 ? 65   VAL A CB  1 
ATOM   523 C CG1 . VAL A 1 65  ? -10.811 3.972   -1.905  1.00   63.58 ? 65   VAL A CG1 1 
ATOM   524 C CG2 . VAL A 1 65  ? -9.669  4.066   0.317   1.00   54.32 ? 65   VAL A CG2 1 
ATOM   525 N N   . ALA A 1 66  ? -11.571 2.701   2.503   1.00   31.75 ? 66   ALA A N   1 
ATOM   526 C CA  . ALA A 1 66  ? -11.165 2.100   3.764   1.00   27.68 ? 66   ALA A CA  1 
ATOM   527 C C   . ALA A 1 66  ? -12.151 1.018   4.191   1.00   39.76 ? 66   ALA A C   1 
ATOM   528 O O   . ALA A 1 66  ? -11.758 -0.028  4.718   1.00   30.34 ? 66   ALA A O   1 
ATOM   529 C CB  . ALA A 1 66  ? -11.027 3.151   4.829   1.00   27.46 ? 66   ALA A CB  1 
ATOM   530 N N   . ALA A 1 67  ? -13.436 1.265   3.949   1.00   31.40 ? 67   ALA A N   1 
ATOM   531 C CA  . ALA A 1 67  ? -14.447 0.297   4.333   1.00   39.84 ? 67   ALA A CA  1 
ATOM   532 C C   . ALA A 1 67  ? -14.553 -0.742  3.244   1.00   30.54 ? 67   ALA A C   1 
ATOM   533 O O   . ALA A 1 67  ? -14.803 -1.910  3.514   1.00   33.65 ? 67   ALA A O   1 
ATOM   534 C CB  . ALA A 1 67  ? -15.796 0.981   4.570   1.00   55.99 ? 67   ALA A CB  1 
ATOM   535 N N   . GLU A 1 68  ? -14.339 -0.317  2.008   1.00   31.34 ? 68   GLU A N   1 
ATOM   536 C CA  . GLU A 1 68  ? -14.555 -1.197  0.872   1.00   32.77 ? 68   GLU A CA  1 
ATOM   537 C C   . GLU A 1 68  ? -13.406 -2.185  0.709   1.00   32.43 ? 68   GLU A C   1 
ATOM   538 O O   . GLU A 1 68  ? -13.571 -3.253  0.105   1.00   25.32 ? 68   GLU A O   1 
ATOM   539 C CB  . GLU A 1 68  ? -14.751 -0.372  -0.397  1.00   43.61 ? 68   GLU A CB  1 
ATOM   540 C CG  . GLU A 1 68  ? -15.186 -1.171  -1.601  1.00   58.50 ? 68   GLU A CG  1 
ATOM   541 C CD  . GLU A 1 68  ? -15.325 -0.315  -2.844  1.00   66.79 ? 68   GLU A CD  1 
ATOM   542 O OE1 . GLU A 1 68  ? -15.956 0.760   -2.749  1.00   71.91 ? 68   GLU A OE1 1 
ATOM   543 O OE2 . GLU A 1 68  ? -14.814 -0.721  -3.913  1.00   66.14 ? 68   GLU A OE2 1 
ATOM   544 N N   . TYR A 1 69  ? -12.243 -1.837  1.259   1.00   29.83 ? 69   TYR A N   1 
ATOM   545 C CA  . TYR A 1 69  ? -11.072 -2.704  1.145   1.00   21.66 ? 69   TYR A CA  1 
ATOM   546 C C   . TYR A 1 69  ? -10.814 -3.534  2.411   1.00   18.97 ? 69   TYR A C   1 
ATOM   547 O O   . TYR A 1 69  ? -9.836  -4.274  2.507   1.00   29.23 ? 69   TYR A O   1 
ATOM   548 C CB  . TYR A 1 69  ? -9.850  -1.916  0.642   1.00   23.69 ? 69   TYR A CB  1 
ATOM   549 C CG  . TYR A 1 69  ? -9.985  -1.639  -0.845  1.00   26.58 ? 69   TYR A CG  1 
ATOM   550 C CD1 . TYR A 1 69  ? -10.747 -0.569  -1.312  1.00   30.08 ? 69   TYR A CD1 1 
ATOM   551 C CD2 . TYR A 1 69  ? -9.424  -2.495  -1.778  1.00   27.45 ? 69   TYR A CD2 1 
ATOM   552 C CE1 . TYR A 1 69  ? -10.917 -0.339  -2.667  1.00   30.92 ? 69   TYR A CE1 1 
ATOM   553 C CE2 . TYR A 1 69  ? -9.586  -2.274  -3.138  1.00   41.17 ? 69   TYR A CE2 1 
ATOM   554 C CZ  . TYR A 1 69  ? -10.331 -1.191  -3.578  1.00   38.94 ? 69   TYR A CZ  1 
ATOM   555 O OH  . TYR A 1 69  ? -10.482 -0.975  -4.933  1.00   45.97 ? 69   TYR A OH  1 
ATOM   556 N N   . GLY A 1 70  ? -11.737 -3.422  3.356   1.00   18.23 ? 70   GLY A N   1 
ATOM   557 C CA  . GLY A 1 70  ? -11.747 -4.249  4.548   1.00   15.78 ? 70   GLY A CA  1 
ATOM   558 C C   . GLY A 1 70  ? -10.596 -3.942  5.483   1.00   19.26 ? 70   GLY A C   1 
ATOM   559 O O   . GLY A 1 70  ? -10.082 -4.842  6.135   1.00   30.00 ? 70   GLY A O   1 
ATOM   560 N N   . ILE A 1 71  ? -10.186 -2.676  5.528   1.00   24.75 ? 71   ILE A N   1 
ATOM   561 C CA  . ILE A 1 71  ? -9.128  -2.218  6.434   1.00   32.62 ? 71   ILE A CA  1 
ATOM   562 C C   . ILE A 1 71  ? -9.638  -2.262  7.869   1.00   27.95 ? 71   ILE A C   1 
ATOM   563 O O   . ILE A 1 71  ? -10.625 -1.625  8.194   1.00   24.85 ? 71   ILE A O   1 
ATOM   564 C CB  . ILE A 1 71  ? -8.717  -0.752  6.143   1.00   25.03 ? 71   ILE A CB  1 
ATOM   565 C CG1 . ILE A 1 71  ? -8.388  -0.567  4.670   1.00   21.44 ? 71   ILE A CG1 1 
ATOM   566 C CG2 . ILE A 1 71  ? -7.526  -0.353  6.986   1.00   26.36 ? 71   ILE A CG2 1 
ATOM   567 C CD1 . ILE A 1 71  ? -7.490  -1.603  4.138   1.00   19.54 ? 71   ILE A CD1 1 
ATOM   568 N N   . SER A 1 72  ? -8.968  -3.005  8.733   1.00   28.64 ? 72   SER A N   1 
ATOM   569 C CA  . SER A 1 72  ? -9.440  -3.121  10.105  1.00   33.36 ? 72   SER A CA  1 
ATOM   570 C C   . SER A 1 72  ? -8.438  -2.578  11.120  1.00   27.25 ? 72   SER A C   1 
ATOM   571 O O   . SER A 1 72  ? -8.783  -2.352  12.274  1.00   40.58 ? 72   SER A O   1 
ATOM   572 C CB  . SER A 1 72  ? -9.800  -4.576  10.432  1.00   35.68 ? 72   SER A CB  1 
ATOM   573 O OG  . SER A 1 72  ? -8.637  -5.385  10.468  1.00   42.85 ? 72   SER A OG  1 
ATOM   574 N N   . ALA A 1 73  ? -7.202  -2.365  10.694  1.00   17.16 ? 73   ALA A N   1 
ATOM   575 C CA  . ALA A 1 73  ? -6.191  -1.820  11.590  1.00   27.39 ? 73   ALA A CA  1 
ATOM   576 C C   . ALA A 1 73  ? -5.161  -1.079  10.771  1.00   23.44 ? 73   ALA A C   1 
ATOM   577 O O   . ALA A 1 73  ? -5.055  -1.307  9.568   1.00   30.21 ? 73   ALA A O   1 
ATOM   578 C CB  . ALA A 1 73  ? -5.540  -2.928  12.421  1.00   27.39 ? 73   ALA A CB  1 
ATOM   579 N N   . MET A 1 74  ? -4.401  -0.199  11.419  1.00   26.63 ? 74   MET A N   1 
ATOM   580 C CA  A MET A 1 74  ? -3.457  0.676   10.724  0.22   21.39 ? 74   MET A CA  1 
ATOM   581 C CA  B MET A 1 74  ? -3.445  0.654   10.710  0.78   20.41 ? 74   MET A CA  1 
ATOM   582 C C   . MET A 1 74  ? -2.043  0.555   11.278  1.00   19.05 ? 74   MET A C   1 
ATOM   583 O O   . MET A 1 74  ? -1.863  0.390   12.476  1.00   21.55 ? 74   MET A O   1 
ATOM   584 C CB  A MET A 1 74  ? -3.903  2.136   10.832  0.22   23.08 ? 74   MET A CB  1 
ATOM   585 C CB  B MET A 1 74  ? -3.916  2.096   10.769  0.78   20.47 ? 74   MET A CB  1 
ATOM   586 C CG  A MET A 1 74  ? -5.298  2.420   10.305  0.22   26.55 ? 74   MET A CG  1 
ATOM   587 C CG  B MET A 1 74  ? -5.344  2.236   10.323  0.78   28.84 ? 74   MET A CG  1 
ATOM   588 S SD  A MET A 1 74  ? -5.293  3.178   8.671   0.22   21.28 ? 74   MET A SD  1 
ATOM   589 S SD  B MET A 1 74  ? -5.394  2.169   8.541   0.78   17.63 ? 74   MET A SD  1 
ATOM   590 C CE  A MET A 1 74  ? -4.799  1.776   7.677   0.22   12.90 ? 74   MET A CE  1 
ATOM   591 C CE  B MET A 1 74  ? -4.469  3.661   8.228   0.78   13.40 ? 74   MET A CE  1 
ATOM   592 N N   . PRO A 1 75  ? -1.033  0.649   10.407  1.00   14.62 ? 75   PRO A N   1 
ATOM   593 C CA  . PRO A 1 75  ? -1.098  0.764   8.943   1.00   11.84 ? 75   PRO A CA  1 
ATOM   594 C C   . PRO A 1 75  ? -1.531  -0.559  8.320   1.00   26.33 ? 75   PRO A C   1 
ATOM   595 O O   . PRO A 1 75  ? -1.517  -1.567  9.005   1.00   17.26 ? 75   PRO A O   1 
ATOM   596 C CB  . PRO A 1 75  ? 0.348   1.080   8.552   1.00   11.43 ? 75   PRO A CB  1 
ATOM   597 C CG  . PRO A 1 75  ? 1.173   0.593   9.687   1.00   13.93 ? 75   PRO A CG  1 
ATOM   598 C CD  . PRO A 1 75  ? 0.333   0.819   10.913  1.00   18.87 ? 75   PRO A CD  1 
ATOM   599 N N   . THR A 1 76  ? -1.968  -0.546  7.067   1.00   27.81 ? 76   THR A N   1 
ATOM   600 C CA  . THR A 1 76  ? -2.236  -1.782  6.342   1.00   15.98 ? 76   THR A CA  1 
ATOM   601 C C   . THR A 1 76  ? -1.623  -1.669  4.952   1.00   15.89 ? 76   THR A C   1 
ATOM   602 O O   . THR A 1 76  ? -1.781  -0.649  4.285   1.00   25.16 ? 76   THR A O   1 
ATOM   603 C CB  . THR A 1 76  ? -3.761  -2.109  6.253   1.00   16.74 ? 76   THR A CB  1 
ATOM   604 O OG1 . THR A 1 76  ? -4.231  -2.537  7.536   1.00   19.07 ? 76   THR A OG1 1 
ATOM   605 C CG2 . THR A 1 76  ? -4.015  -3.236  5.281   1.00   11.87 ? 76   THR A CG2 1 
ATOM   606 N N   . PHE A 1 77  ? -0.891  -2.703  4.544   1.00   17.11 ? 77   PHE A N   1 
ATOM   607 C CA  . PHE A 1 77  ? -0.306  -2.758  3.209   1.00   10.63 ? 77   PHE A CA  1 
ATOM   608 C C   . PHE A 1 77  ? -0.990  -3.878  2.466   1.00   22.73 ? 77   PHE A C   1 
ATOM   609 O O   . PHE A 1 77  ? -0.910  -5.027  2.885   1.00   28.81 ? 77   PHE A O   1 
ATOM   610 C CB  . PHE A 1 77  ? 1.213   -3.008  3.292   1.00   10.27 ? 77   PHE A CB  1 
ATOM   611 C CG  . PHE A 1 77  ? 1.954   -1.960  4.091   1.00   17.84 ? 77   PHE A CG  1 
ATOM   612 C CD1 . PHE A 1 77  ? 2.360   -0.783  3.493   1.00   14.77 ? 77   PHE A CD1 1 
ATOM   613 C CD2 . PHE A 1 77  ? 2.210   -2.144  5.448   1.00   28.05 ? 77   PHE A CD2 1 
ATOM   614 C CE1 . PHE A 1 77  ? 3.028   0.197   4.223   1.00   17.07 ? 77   PHE A CE1 1 
ATOM   615 C CE2 . PHE A 1 77  ? 2.878   -1.163  6.196   1.00   18.54 ? 77   PHE A CE2 1 
ATOM   616 C CZ  . PHE A 1 77  ? 3.281   0.004   5.578   1.00   18.68 ? 77   PHE A CZ  1 
ATOM   617 N N   . GLN A 1 78  ? -1.677  -3.551  1.374   1.00   22.82 ? 78   GLN A N   1 
ATOM   618 C CA  . GLN A 1 78  ? -2.323  -4.582  0.578   1.00   21.74 ? 78   GLN A CA  1 
ATOM   619 C C   . GLN A 1 78  ? -1.612  -4.706  -0.753  1.00   20.56 ? 78   GLN A C   1 
ATOM   620 O O   . GLN A 1 78  ? -1.064  -3.735  -1.268  1.00   15.03 ? 78   GLN A O   1 
ATOM   621 C CB  . GLN A 1 78  ? -3.819  -4.320  0.395   1.00   20.34 ? 78   GLN A CB  1 
ATOM   622 C CG  . GLN A 1 78  ? -4.630  -4.395  1.674   1.00   14.93 ? 78   GLN A CG  1 
ATOM   623 C CD  . GLN A 1 78  ? -6.093  -4.112  1.443   1.00   15.81 ? 78   GLN A CD  1 
ATOM   624 O OE1 . GLN A 1 78  ? -6.494  -3.696  0.353   1.00   16.71 ? 78   GLN A OE1 1 
ATOM   625 N NE2 . GLN A 1 78  ? -6.908  -4.347  2.461   1.00   20.98 ? 78   GLN A NE2 1 
ATOM   626 N N   . PHE A 1 79  ? -1.623  -5.923  -1.289  1.00   18.51 ? 79   PHE A N   1 
ATOM   627 C CA  . PHE A 1 79  ? -0.822  -6.287  -2.447  1.00   14.09 ? 79   PHE A CA  1 
ATOM   628 C C   . PHE A 1 79  ? -1.750  -6.818  -3.522  1.00   20.56 ? 79   PHE A C   1 
ATOM   629 O O   . PHE A 1 79  ? -2.564  -7.694  -3.258  1.00   32.76 ? 79   PHE A O   1 
ATOM   630 C CB  . PHE A 1 79  ? 0.166   -7.374  -2.048  1.00   20.22 ? 79   PHE A CB  1 
ATOM   631 C CG  . PHE A 1 79  ? 1.248   -6.900  -1.129  1.00   16.91 ? 79   PHE A CG  1 
ATOM   632 C CD1 . PHE A 1 79  ? 0.969   -6.550  0.181   1.00   18.79 ? 79   PHE A CD1 1 
ATOM   633 C CD2 . PHE A 1 79  ? 2.558   -6.832  -1.570  1.00   25.42 ? 79   PHE A CD2 1 
ATOM   634 C CE1 . PHE A 1 79  ? 1.973   -6.100  1.023   1.00   25.24 ? 79   PHE A CE1 1 
ATOM   635 C CE2 . PHE A 1 79  ? 3.569   -6.405  -0.725  1.00   22.86 ? 79   PHE A CE2 1 
ATOM   636 C CZ  . PHE A 1 79  ? 3.276   -6.038  0.568   1.00   27.66 ? 79   PHE A CZ  1 
ATOM   637 N N   . PHE A 1 80  ? -1.643  -6.288  -4.732  1.00   22.29 ? 80   PHE A N   1 
ATOM   638 C CA  . PHE A 1 80  ? -2.565  -6.667  -5.789  1.00   17.70 ? 80   PHE A CA  1 
ATOM   639 C C   . PHE A 1 80  ? -1.824  -7.187  -7.011  1.00   26.26 ? 80   PHE A C   1 
ATOM   640 O O   . PHE A 1 80  ? -0.853  -6.589  -7.443  1.00   23.65 ? 80   PHE A O   1 
ATOM   641 C CB  . PHE A 1 80  ? -3.433  -5.480  -6.182  1.00   20.10 ? 80   PHE A CB  1 
ATOM   642 C CG  . PHE A 1 80  ? -4.308  -4.979  -5.072  1.00   21.11 ? 80   PHE A CG  1 
ATOM   643 C CD1 . PHE A 1 80  ? -3.840  -4.025  -4.182  1.00   19.21 ? 80   PHE A CD1 1 
ATOM   644 C CD2 . PHE A 1 80  ? -5.595  -5.479  -4.900  1.00   19.29 ? 80   PHE A CD2 1 
ATOM   645 C CE1 . PHE A 1 80  ? -4.638  -3.575  -3.162  1.00   17.44 ? 80   PHE A CE1 1 
ATOM   646 C CE2 . PHE A 1 80  ? -6.400  -5.032  -3.865  1.00   22.08 ? 80   PHE A CE2 1 
ATOM   647 C CZ  . PHE A 1 80  ? -5.922  -4.078  -3.002  1.00   18.00 ? 80   PHE A CZ  1 
ATOM   648 N N   . LYS A 1 81  ? -2.291  -8.309  -7.553  1.00   26.81 ? 81   LYS A N   1 
ATOM   649 C CA  . LYS A 1 81  ? -1.748  -8.856  -8.787  1.00   27.25 ? 81   LYS A CA  1 
ATOM   650 C C   . LYS A 1 81  ? -2.885  -8.967  -9.799  1.00   30.34 ? 81   LYS A C   1 
ATOM   651 O O   . LYS A 1 81  ? -3.880  -9.655  -9.562  1.00   27.09 ? 81   LYS A O   1 
ATOM   652 C CB  . LYS A 1 81  ? -1.100  -10.226 -8.540  1.00   30.01 ? 81   LYS A CB  1 
ATOM   653 C CG  . LYS A 1 81  ? -0.262  -10.759 -9.711  1.00   34.22 ? 81   LYS A CG  1 
ATOM   654 C CD  . LYS A 1 81  ? -0.027  -12.257 -9.578  1.00   34.14 ? 81   LYS A CD  1 
ATOM   655 N N   . ASN A 1 82  ? -2.738  -8.268  -10.917 1.00   39.02 ? 82   ASN A N   1 
ATOM   656 C CA  . ASN A 1 82  ? -3.746  -8.285  -11.972 1.00   47.54 ? 82   ASN A CA  1 
ATOM   657 C C   . ASN A 1 82  ? -5.092  -7.705  -11.527 1.00   44.94 ? 82   ASN A C   1 
ATOM   658 O O   . ASN A 1 82  ? -6.155  -8.112  -12.004 1.00   48.80 ? 82   ASN A O   1 
ATOM   659 C CB  . ASN A 1 82  ? -3.912  -9.699  -12.543 1.00   42.69 ? 82   ASN A CB  1 
ATOM   660 C CG  . ASN A 1 82  ? -2.747  -10.112 -13.426 1.00   36.71 ? 82   ASN A CG  1 
ATOM   661 O OD1 . ASN A 1 82  ? -2.322  -9.368  -14.317 1.00   37.11 ? 82   ASN A OD1 1 
ATOM   662 N ND2 . ASN A 1 82  ? -2.236  -11.310 -13.194 1.00   28.52 ? 82   ASN A ND2 1 
ATOM   663 N N   . GLY A 1 83  ? -5.027  -6.739  -10.620 1.00   48.20 ? 83   GLY A N   1 
ATOM   664 C CA  . GLY A 1 83  ? -6.210  -6.051  -10.140 1.00   49.32 ? 83   GLY A CA  1 
ATOM   665 C C   . GLY A 1 83  ? -6.947  -6.826  -9.075  1.00   43.90 ? 83   GLY A C   1 
ATOM   666 O O   . GLY A 1 83  ? -8.074  -6.484  -8.726  1.00   48.88 ? 83   GLY A O   1 
ATOM   667 N N   . LYS A 1 84  ? -6.298  -7.863  -8.553  1.00   39.32 ? 84   LYS A N   1 
ATOM   668 C CA  . LYS A 1 84  ? -6.904  -8.788  -7.597  1.00   33.15 ? 84   LYS A CA  1 
ATOM   669 C C   . LYS A 1 84  ? -6.014  -8.871  -6.366  1.00   22.64 ? 84   LYS A C   1 
ATOM   670 O O   . LYS A 1 84  ? -4.804  -8.947  -6.498  1.00   33.90 ? 84   LYS A O   1 
ATOM   671 C CB  . LYS A 1 84  ? -7.032  -10.166 -8.254  1.00   37.22 ? 84   LYS A CB  1 
ATOM   672 C CG  . LYS A 1 84  ? -7.604  -11.242 -7.376  1.00   47.51 ? 84   LYS A CG  1 
ATOM   673 N N   . LYS A 1 85  ? -6.600  -8.843  -5.173  1.00   28.30 ? 85   LYS A N   1 
ATOM   674 C CA  . LYS A 1 85  ? -5.814  -8.850  -3.937  1.00   29.30 ? 85   LYS A CA  1 
ATOM   675 C C   . LYS A 1 85  ? -5.109  -10.176 -3.682  1.00   32.52 ? 85   LYS A C   1 
ATOM   676 O O   . LYS A 1 85  ? -5.729  -11.231 -3.790  1.00   27.75 ? 85   LYS A O   1 
ATOM   677 C CB  . LYS A 1 85  ? -6.698  -8.497  -2.738  1.00   31.86 ? 85   LYS A CB  1 
ATOM   678 C CG  . LYS A 1 85  ? -5.982  -8.601  -1.390  1.00   32.06 ? 85   LYS A CG  1 
ATOM   679 C CD  . LYS A 1 85  ? -6.809  -7.976  -0.271  1.00   36.32 ? 85   LYS A CD  1 
ATOM   680 C CE  . LYS A 1 85  ? -6.241  -8.314  1.104   1.00   30.75 ? 85   LYS A CE  1 
ATOM   681 N NZ  . LYS A 1 85  ? -7.142  -7.916  2.210   1.00   31.75 ? 85   LYS A NZ  1 
ATOM   682 N N   . VAL A 1 86  ? -3.821  -10.131 -3.326  1.00   34.27 ? 86   VAL A N   1 
ATOM   683 C CA  . VAL A 1 86  ? -3.067  -11.371 -3.104  1.00   30.86 ? 86   VAL A CA  1 
ATOM   684 C C   . VAL A 1 86  ? -2.439  -11.526 -1.716  1.00   37.30 ? 86   VAL A C   1 
ATOM   685 O O   . VAL A 1 86  ? -2.095  -12.636 -1.304  1.00   34.42 ? 86   VAL A O   1 
ATOM   686 C CB  . VAL A 1 86  ? -1.960  -11.642 -4.188  1.00   26.82 ? 86   VAL A CB  1 
ATOM   687 C CG1 . VAL A 1 86  ? -2.581  -12.105 -5.496  1.00   20.30 ? 86   VAL A CG1 1 
ATOM   688 C CG2 . VAL A 1 86  ? -1.002  -10.436 -4.382  1.00   14.40 ? 86   VAL A CG2 1 
ATOM   689 N N   . ASP A 1 87  ? -2.273  -10.426 -0.999  1.00   32.06 ? 87   ASP A N   1 
ATOM   690 C CA  . ASP A 1 87  ? -1.627  -10.505 0.300   1.00   24.94 ? 87   ASP A CA  1 
ATOM   691 C C   . ASP A 1 87  ? -1.909  -9.252  1.090   1.00   22.87 ? 87   ASP A C   1 
ATOM   692 O O   . ASP A 1 87  ? -2.457  -8.283  0.567   1.00   18.26 ? 87   ASP A O   1 
ATOM   693 C CB  . ASP A 1 87  ? -0.121  -10.684 0.138   1.00   28.01 ? 87   ASP A CB  1 
ATOM   694 C CG  . ASP A 1 87  ? 0.466   -11.610 1.169   1.00   27.05 ? 87   ASP A CG  1 
ATOM   695 O OD1 . ASP A 1 87  ? -0.171  -11.853 2.213   1.00   29.72 ? 87   ASP A OD1 1 
ATOM   696 O OD2 . ASP A 1 87  ? 1.584   -12.093 0.930   1.00   31.79 ? 87   ASP A OD2 1 
ATOM   697 N N   . GLU A 1 88  ? -1.526  -9.263  2.357   1.00   20.48 ? 88   GLU A N   1 
ATOM   698 C CA  . GLU A 1 88  ? -1.804  -8.138  3.218   1.00   18.50 ? 88   GLU A CA  1 
ATOM   699 C C   . GLU A 1 88  ? -0.908  -8.230  4.433   1.00   24.98 ? 88   GLU A C   1 
ATOM   700 O O   . GLU A 1 88  ? -0.621  -9.322  4.929   1.00   24.65 ? 88   GLU A O   1 
ATOM   701 C CB  . GLU A 1 88  ? -3.279  -8.189  3.626   1.00   30.19 ? 88   GLU A CB  1 
ATOM   702 C CG  . GLU A 1 88  ? -3.737  -7.159  4.612   1.00   36.96 ? 88   GLU A CG  1 
ATOM   703 C CD  . GLU A 1 88  ? -5.159  -7.434  5.069   1.00   45.84 ? 88   GLU A CD  1 
ATOM   704 O OE1 . GLU A 1 88  ? -6.091  -7.128  4.297   1.00   45.97 ? 88   GLU A OE1 1 
ATOM   705 O OE2 . GLU A 1 88  ? -5.347  -7.967  6.189   1.00   49.17 ? 88   GLU A OE2 1 
ATOM   706 N N   . LEU A 1 89  ? -0.433  -7.082  4.890   1.00   25.07 ? 89   LEU A N   1 
ATOM   707 C CA  . LEU A 1 89  ? 0.306   -7.010  6.132   1.00   22.60 ? 89   LEU A CA  1 
ATOM   708 C C   . LEU A 1 89  ? -0.294  -5.890  6.965   1.00   11.95 ? 89   LEU A C   1 
ATOM   709 O O   . LEU A 1 89  ? -0.548  -4.801  6.444   1.00   19.20 ? 89   LEU A O   1 
ATOM   710 C CB  . LEU A 1 89  ? 1.777   -6.712  5.830   1.00   25.95 ? 89   LEU A CB  1 
ATOM   711 C CG  . LEU A 1 89  ? 2.760   -6.526  6.988   1.00   18.46 ? 89   LEU A CG  1 
ATOM   712 C CD1 . LEU A 1 89  ? 2.979   -7.855  7.681   1.00   19.50 ? 89   LEU A CD1 1 
ATOM   713 C CD2 . LEU A 1 89  ? 4.066   -5.958  6.482   1.00   23.29 ? 89   LEU A CD2 1 
ATOM   714 N N   . THR A 1 90  ? -0.541  -6.139  8.245   1.00   26.99 ? 90   THR A N   1 
ATOM   715 C CA  A THR A 1 90  ? -1.011  -5.083  9.142   0.64   26.33 ? 90   THR A CA  1 
ATOM   716 C CA  B THR A 1 90  ? -1.009  -5.083  9.135   0.36   26.52 ? 90   THR A CA  1 
ATOM   717 C C   . THR A 1 90  ? 0.040   -4.806  10.212  1.00   27.34 ? 90   THR A C   1 
ATOM   718 O O   . THR A 1 90  ? 0.602   -5.726  10.787  1.00   28.48 ? 90   THR A O   1 
ATOM   719 C CB  A THR A 1 90  ? -2.367  -5.415  9.811   0.64   24.32 ? 90   THR A CB  1 
ATOM   720 C CB  B THR A 1 90  ? -2.377  -5.439  9.746   0.36   25.08 ? 90   THR A CB  1 
ATOM   721 O OG1 A THR A 1 90  ? -2.157  -6.319  10.897  0.64   29.63 ? 90   THR A OG1 1 
ATOM   722 O OG1 B THR A 1 90  ? -2.641  -4.617  10.889  0.36   19.21 ? 90   THR A OG1 1 
ATOM   723 C CG2 A THR A 1 90  ? -3.336  -6.028  8.811   0.64   13.64 ? 90   THR A CG2 1 
ATOM   724 C CG2 B THR A 1 90  ? -2.386  -6.879  10.159  0.36   29.03 ? 90   THR A CG2 1 
ATOM   725 N N   . GLY A 1 91  ? 0.314   -3.528  10.455  1.00   22.09 ? 91   GLY A N   1 
ATOM   726 C CA  . GLY A 1 91  ? 1.314   -3.137  11.430  1.00   13.13 ? 91   GLY A CA  1 
ATOM   727 C C   . GLY A 1 91  ? 2.559   -2.574  10.780  1.00   21.15 ? 91   GLY A C   1 
ATOM   728 O O   . GLY A 1 91  ? 2.838   -2.831  9.613   1.00   20.00 ? 91   GLY A O   1 
ATOM   729 N N   . ALA A 1 92  ? 3.322   -1.811  11.549  1.00   24.26 ? 92   ALA A N   1 
ATOM   730 C CA  . ALA A 1 92  ? 4.515   -1.165  11.028  1.00   23.65 ? 92   ALA A CA  1 
ATOM   731 C C   . ALA A 1 92  ? 5.777   -2.016  11.178  1.00   31.61 ? 92   ALA A C   1 
ATOM   732 O O   . ALA A 1 92  ? 6.773   -1.567  11.742  1.00   30.13 ? 92   ALA A O   1 
ATOM   733 C CB  . ALA A 1 92  ? 4.707   0.183   11.690  1.00   25.09 ? 92   ALA A CB  1 
ATOM   734 N N   . ASN A 1 93  ? 5.729   -3.230  10.643  1.00   25.96 ? 93   ASN A N   1 
ATOM   735 C CA  . ASN A 1 93  ? 6.865   -4.131  10.647  1.00   26.35 ? 93   ASN A CA  1 
ATOM   736 C C   . ASN A 1 93  ? 7.732   -3.996  9.398   1.00   24.09 ? 93   ASN A C   1 
ATOM   737 O O   . ASN A 1 93  ? 7.368   -4.437  8.313   1.00   32.13 ? 93   ASN A O   1 
ATOM   738 C CB  . ASN A 1 93  ? 6.381   -5.575  10.816  1.00   41.49 ? 93   ASN A CB  1 
ATOM   739 C CG  . ASN A 1 93  ? 7.450   -6.489  11.390  1.00   47.59 ? 93   ASN A CG  1 
ATOM   740 O OD1 . ASN A 1 93  ? 8.601   -6.476  10.952  1.00   37.43 ? 93   ASN A OD1 1 
ATOM   741 N ND2 . ASN A 1 93  ? 7.070   -7.284  12.386  1.00   56.76 ? 93   ASN A ND2 1 
ATOM   742 N N   . GLN A 1 94  ? 8.897   -3.399  9.571   1.00   21.65 ? 94   GLN A N   1 
ATOM   743 C CA  . GLN A 1 94  ? 9.743   -3.070  8.447   1.00   29.64 ? 94   GLN A CA  1 
ATOM   744 C C   . GLN A 1 94  ? 10.246  -4.322  7.756   1.00   35.67 ? 94   GLN A C   1 
ATOM   745 O O   . GLN A 1 94  ? 10.336  -4.381  6.528   1.00   32.97 ? 94   GLN A O   1 
ATOM   746 C CB  . GLN A 1 94  ? 10.918  -2.226  8.932   1.00   37.40 ? 94   GLN A CB  1 
ATOM   747 C CG  . GLN A 1 94  ? 10.522  -1.221  10.001  1.00   45.63 ? 94   GLN A CG  1 
ATOM   748 C CD  . GLN A 1 94  ? 10.783  0.216   9.591   1.00   55.56 ? 94   GLN A CD  1 
ATOM   749 O OE1 . GLN A 1 94  ? 11.579  0.480   8.690   1.00   57.74 ? 94   GLN A OE1 1 
ATOM   750 N NE2 . GLN A 1 94  ? 10.109  1.155   10.251  1.00   56.52 ? 94   GLN A NE2 1 
ATOM   751 N N   A GLU A 1 95  ? 10.575  -5.333  8.550   0.48   38.24 ? 95   GLU A N   1 
ATOM   752 N N   B GLU A 1 95  ? 10.571  -5.330  8.555   0.52   38.38 ? 95   GLU A N   1 
ATOM   753 C CA  A GLU A 1 95  ? 11.138  -6.568  8.018   0.48   35.90 ? 95   GLU A CA  1 
ATOM   754 C CA  B GLU A 1 95  ? 11.124  -6.577  8.042   0.52   35.88 ? 95   GLU A CA  1 
ATOM   755 C C   A GLU A 1 95  ? 10.108  -7.382  7.240   0.48   29.78 ? 95   GLU A C   1 
ATOM   756 C C   B GLU A 1 95  ? 10.097  -7.345  7.225   0.52   29.75 ? 95   GLU A C   1 
ATOM   757 O O   A GLU A 1 95  ? 10.403  -7.918  6.171   0.48   28.23 ? 95   GLU A O   1 
ATOM   758 O O   B GLU A 1 95  ? 10.384  -7.813  6.122   0.52   28.23 ? 95   GLU A O   1 
ATOM   759 C CB  A GLU A 1 95  ? 11.746  -7.400  9.149   0.48   41.58 ? 95   GLU A CB  1 
ATOM   760 C CB  B GLU A 1 95  ? 11.624  -7.449  9.195   0.52   41.20 ? 95   GLU A CB  1 
ATOM   761 C CG  A GLU A 1 95  ? 13.028  -6.808  9.729   0.48   44.58 ? 95   GLU A CG  1 
ATOM   762 C CG  B GLU A 1 95  ? 12.808  -6.865  9.948   0.52   43.12 ? 95   GLU A CG  1 
ATOM   763 C CD  A GLU A 1 95  ? 14.194  -6.852  8.752   0.48   42.86 ? 95   GLU A CD  1 
ATOM   764 C CD  B GLU A 1 95  ? 12.398  -5.800  10.935  0.52   36.03 ? 95   GLU A CD  1 
ATOM   765 O OE1 A GLU A 1 95  ? 14.561  -7.959  8.308   0.48   44.47 ? 95   GLU A OE1 1 
ATOM   766 O OE1 B GLU A 1 95  ? 11.379  -6.007  11.626  0.52   41.34 ? 95   GLU A OE1 1 
ATOM   767 O OE2 A GLU A 1 95  ? 14.741  -5.779  8.428   0.48   41.87 ? 95   GLU A OE2 1 
ATOM   768 O OE2 B GLU A 1 95  ? 13.087  -4.758  11.012  0.52   29.43 ? 95   GLU A OE2 1 
ATOM   769 N N   . LYS A 1 96  ? 8.895   -7.467  7.775   1.00   27.35 ? 96   LYS A N   1 
ATOM   770 C CA  . LYS A 1 96  ? 7.805   -8.150  7.085   1.00   29.00 ? 96   LYS A CA  1 
ATOM   771 C C   . LYS A 1 96  ? 7.368   -7.414  5.814   1.00   36.03 ? 96   LYS A C   1 
ATOM   772 O O   . LYS A 1 96  ? 6.928   -8.039  4.841   1.00   33.10 ? 96   LYS A O   1 
ATOM   773 C CB  . LYS A 1 96  ? 6.616   -8.351  8.028   1.00   27.34 ? 96   LYS A CB  1 
ATOM   774 C CG  . LYS A 1 96  ? 6.922   -9.284  9.183   1.00   26.30 ? 96   LYS A CG  1 
ATOM   775 C CD  . LYS A 1 96  ? 5.675   -9.619  9.983   1.00   37.36 ? 96   LYS A CD  1 
ATOM   776 C CE  . LYS A 1 96  ? 5.957   -10.760 10.965  1.00   43.64 ? 96   LYS A CE  1 
ATOM   777 N NZ  . LYS A 1 96  ? 4.798   -11.129 11.827  1.00   45.13 ? 96   LYS A NZ  1 
ATOM   778 N N   . LEU A 1 97  ? 7.496   -6.090  5.815   1.00   33.81 ? 97   LEU A N   1 
ATOM   779 C CA  . LEU A 1 97  ? 7.114   -5.320  4.643   1.00   29.18 ? 97   LEU A CA  1 
ATOM   780 C C   . LEU A 1 97  ? 8.052   -5.638  3.482   1.00   31.53 ? 97   LEU A C   1 
ATOM   781 O O   . LEU A 1 97  ? 7.587   -5.919  2.379   1.00   28.98 ? 97   LEU A O   1 
ATOM   782 C CB  . LEU A 1 97  ? 7.088   -3.821  4.946   1.00   19.61 ? 97   LEU A CB  1 
ATOM   783 C CG  . LEU A 1 97  ? 6.781   -2.937  3.748   1.00   21.10 ? 97   LEU A CG  1 
ATOM   784 C CD1 . LEU A 1 97  ? 5.456   -3.365  3.140   1.00   24.99 ? 97   LEU A CD1 1 
ATOM   785 C CD2 . LEU A 1 97  ? 6.741   -1.479  4.158   1.00   20.54 ? 97   LEU A CD2 1 
ATOM   786 N N   . LYS A 1 98  ? 9.361   -5.595  3.738   1.00   34.35 ? 98   LYS A N   1 
ATOM   787 C CA  . LYS A 1 98  ? 10.370  -5.993  2.754   1.00   36.05 ? 98   LYS A CA  1 
ATOM   788 C C   . LYS A 1 98  ? 10.118  -7.401  2.249   1.00   28.77 ? 98   LYS A C   1 
ATOM   789 O O   . LYS A 1 98  ? 10.131  -7.657  1.044   1.00   30.86 ? 98   LYS A O   1 
ATOM   790 C CB  . LYS A 1 98  ? 11.780  -5.981  3.367   1.00   42.80 ? 98   LYS A CB  1 
ATOM   791 C CG  . LYS A 1 98  ? 12.274  -4.651  3.805   1.00   50.65 ? 98   LYS A CG  1 
ATOM   792 C CD  . LYS A 1 98  ? 13.775  -4.689  4.040   1.00   62.49 ? 98   LYS A CD  1 
ATOM   793 N N   . ALA A 1 99  ? 9.904   -8.307  3.195   1.00   25.33 ? 99   ALA A N   1 
ATOM   794 C CA  . ALA A 1 99  ? 9.790   -9.726  2.886   1.00   26.23 ? 99   ALA A CA  1 
ATOM   795 C C   . ALA A 1 99  ? 8.568   -10.034 2.028   1.00   34.38 ? 99   ALA A C   1 
ATOM   796 O O   . ALA A 1 99  ? 8.610   -10.919 1.184   1.00   49.61 ? 99   ALA A O   1 
ATOM   797 C CB  . ALA A 1 99  ? 9.776   -10.543 4.163   1.00   21.11 ? 99   ALA A CB  1 
ATOM   798 N N   . MET A 1 100 ? 7.486   -9.287  2.219   1.00   31.22 ? 100  MET A N   1 
ATOM   799 C CA  A MET A 1 100 ? 6.265   -9.530  1.455   0.27   26.18 ? 100  MET A CA  1 
ATOM   800 C CA  B MET A 1 100 ? 6.252   -9.520  1.467   0.73   24.39 ? 100  MET A CA  1 
ATOM   801 C C   . MET A 1 100 ? 6.299   -8.896  0.068   1.00   30.17 ? 100  MET A C   1 
ATOM   802 O O   . MET A 1 100 ? 5.743   -9.444  -0.892  1.00   31.90 ? 100  MET A O   1 
ATOM   803 C CB  A MET A 1 100 ? 5.036   -9.078  2.241   0.27   23.71 ? 100  MET A CB  1 
ATOM   804 C CB  B MET A 1 100 ? 5.042   -9.016  2.259   0.73   23.78 ? 100  MET A CB  1 
ATOM   805 C CG  A MET A 1 100 ? 4.419   -10.195 3.057   0.27   23.05 ? 100  MET A CG  1 
ATOM   806 C CG  B MET A 1 100 ? 3.702   -9.293  1.587   0.73   23.10 ? 100  MET A CG  1 
ATOM   807 S SD  A MET A 1 100 ? 3.044   -9.663  4.079   0.27   55.50 ? 100  MET A SD  1 
ATOM   808 S SD  B MET A 1 100 ? 2.290   -8.891  2.628   0.73   27.05 ? 100  MET A SD  1 
ATOM   809 C CE  A MET A 1 100 ? 1.966   -8.998  2.819   0.27   27.20 ? 100  MET A CE  1 
ATOM   810 C CE  B MET A 1 100 ? 2.410   -10.217 3.831   0.73   54.34 ? 100  MET A CE  1 
ATOM   811 N N   . ILE A 1 101 ? 6.964   -7.748  -0.045  1.00   31.61 ? 101  ILE A N   1 
ATOM   812 C CA  . ILE A 1 101 ? 7.184   -7.123  -1.347  1.00   27.20 ? 101  ILE A CA  1 
ATOM   813 C C   . ILE A 1 101 ? 8.035   -8.037  -2.230  1.00   23.84 ? 101  ILE A C   1 
ATOM   814 O O   . ILE A 1 101 ? 7.728   -8.246  -3.404  1.00   28.48 ? 101  ILE A O   1 
ATOM   815 C CB  . ILE A 1 101 ? 7.851   -5.746  -1.209  1.00   21.07 ? 101  ILE A CB  1 
ATOM   816 C CG1 . ILE A 1 101 ? 6.868   -4.771  -0.548  1.00   24.90 ? 101  ILE A CG1 1 
ATOM   817 C CG2 . ILE A 1 101 ? 8.272   -5.229  -2.563  1.00   19.01 ? 101  ILE A CG2 1 
ATOM   818 C CD1 . ILE A 1 101 ? 7.247   -3.288  -0.636  1.00   14.94 ? 101  ILE A CD1 1 
ATOM   819 N N   . LYS A 1 102 ? 9.092   -8.593  -1.653  1.00   18.32 ? 102  LYS A N   1 
ATOM   820 C CA  . LYS A 1 102 ? 9.979   -9.520  -2.362  1.00   31.69 ? 102  LYS A CA  1 
ATOM   821 C C   . LYS A 1 102 ? 9.227   -10.765 -2.864  1.00   36.05 ? 102  LYS A C   1 
ATOM   822 O O   . LYS A 1 102 ? 9.394   -11.194 -4.005  1.00   36.30 ? 102  LYS A O   1 
ATOM   823 C CB  . LYS A 1 102 ? 11.133  -9.943  -1.441  1.00   34.65 ? 102  LYS A CB  1 
ATOM   824 C CG  . LYS A 1 102 ? 12.324  -10.540 -2.170  1.00   41.26 ? 102  LYS A CG  1 
ATOM   825 N N   . LYS A 1 103 ? 8.395   -11.331 -1.993  1.00   33.21 ? 103  LYS A N   1 
ATOM   826 C CA  . LYS A 1 103 ? 7.563   -12.475 -2.335  1.00   24.84 ? 103  LYS A CA  1 
ATOM   827 C C   . LYS A 1 103 ? 6.793   -12.312 -3.647  1.00   34.10 ? 103  LYS A C   1 
ATOM   828 O O   . LYS A 1 103 ? 6.758   -13.227 -4.467  1.00   47.29 ? 103  LYS A O   1 
ATOM   829 C CB  . LYS A 1 103 ? 6.598   -12.770 -1.180  1.00   27.04 ? 103  LYS A CB  1 
ATOM   830 C CG  . LYS A 1 103 ? 5.893   -14.105 -1.268  1.00   34.24 ? 103  LYS A CG  1 
ATOM   831 C CD  . LYS A 1 103 ? 5.360   -14.560 0.098   1.00   34.85 ? 103  LYS A CD  1 
ATOM   832 C CE  . LYS A 1 103 ? 4.416   -13.544 0.679   1.00   35.69 ? 103  LYS A CE  1 
ATOM   833 N NZ  . LYS A 1 103 ? 3.386   -14.167 1.541   1.00   31.12 ? 103  LYS A NZ  1 
ATOM   834 N N   . HIS A 1 104 ? 6.201   -11.143 -3.863  1.00   37.00 ? 104  HIS A N   1 
ATOM   835 C CA  . HIS A 1 104 ? 5.323   -10.959 -5.016  1.00   36.14 ? 104  HIS A CA  1 
ATOM   836 C C   . HIS A 1 104 ? 5.904   -10.211 -6.222  1.00   39.45 ? 104  HIS A C   1 
ATOM   837 O O   . HIS A 1 104 ? 5.398   -10.354 -7.330  1.00   47.36 ? 104  HIS A O   1 
ATOM   838 C CB  . HIS A 1 104 ? 4.022   -10.307 -4.558  1.00   42.62 ? 104  HIS A CB  1 
ATOM   839 C CG  . HIS A 1 104 ? 3.293   -11.107 -3.528  1.00   32.67 ? 104  HIS A CG  1 
ATOM   840 N ND1 . HIS A 1 104 ? 2.504   -12.188 -3.855  1.00   34.01 ? 104  HIS A ND1 1 
ATOM   841 C CD2 . HIS A 1 104 ? 3.258   -11.007 -2.181  1.00   27.42 ? 104  HIS A CD2 1 
ATOM   842 C CE1 . HIS A 1 104 ? 1.998   -12.707 -2.753  1.00   30.05 ? 104  HIS A CE1 1 
ATOM   843 N NE2 . HIS A 1 104 ? 2.443   -12.013 -1.721  1.00   30.58 ? 104  HIS A NE2 1 
ATOM   844 N N   . ALA A 1 105 ? 6.961   -9.432  -6.005  1.00   32.78 ? 105  ALA A N   1 
ATOM   845 C CA  . ALA A 1 105 ? 7.534   -8.575  -7.040  1.00   27.61 ? 105  ALA A CA  1 
ATOM   846 C C   . ALA A 1 105 ? 8.054   -9.350  -8.256  1.00   45.21 ? 105  ALA A C   1 
ATOM   847 O O   . ALA A 1 105 ? 8.769   -10.347 -8.116  1.00   54.46 ? 105  ALA A O   1 
ATOM   848 C CB  . ALA A 1 105 ? 8.639   -7.729  -6.443  1.00   22.69 ? 105  ALA A CB  1 
HETATM 849 O O   . HOH B 2 .   ? 7.604   9.816   -4.557  1.00   28.96 ? 2001 HOH A O   1 
HETATM 850 O O   . HOH B 2 .   ? 5.720   3.182   -7.791  1.00   24.25 ? 2002 HOH A O   1 
HETATM 851 O O   . HOH B 2 .   ? 5.649   3.530   -10.371 1.00   25.87 ? 2003 HOH A O   1 
HETATM 852 O O   . HOH B 2 .   ? -4.358  11.648  -6.525  1.00   24.34 ? 2004 HOH A O   1 
HETATM 853 O O   . HOH B 2 .   ? -0.545  10.331  3.316   1.00   48.79 ? 2005 HOH A O   1 
HETATM 854 O O   . HOH B 2 .   ? -4.710  9.941   0.061   1.00   25.25 ? 2006 HOH A O   1 
HETATM 855 O O   . HOH B 2 .   ? -9.046  13.373  -6.154  1.00   35.17 ? 2007 HOH A O   1 
HETATM 856 O O   . HOH B 2 .   ? -13.673 8.594   -3.533  1.00   34.01 ? 2008 HOH A O   1 
HETATM 857 O O   . HOH B 2 .   ? -6.502  11.651  -10.487 1.00   26.80 ? 2009 HOH A O   1 
HETATM 858 O O   . HOH B 2 .   ? -9.615  -4.768  -10.546 1.00   36.92 ? 2010 HOH A O   1 
HETATM 859 O O   . HOH B 2 .   ? 1.477   -1.221  -14.198 1.00   32.70 ? 2011 HOH A O   1 
HETATM 860 O O   . HOH B 2 .   ? 5.065   -6.551  -14.023 1.00   28.91 ? 2012 HOH A O   1 
HETATM 861 O O   . HOH B 2 .   ? -2.669  -5.430  -10.083 1.00   35.86 ? 2013 HOH A O   1 
HETATM 862 O O   . HOH B 2 .   ? 0.127   -7.506  -11.751 1.00   34.40 ? 2014 HOH A O   1 
HETATM 863 O O   . HOH B 2 .   ? 5.294   -7.243  -11.024 1.00   35.99 ? 2015 HOH A O   1 
HETATM 864 O O   . HOH B 2 .   ? 2.443   6.959   5.959   1.00   43.70 ? 2016 HOH A O   1 
HETATM 865 O O   . HOH B 2 .   ? -5.632  10.941  8.343   1.00   22.21 ? 2017 HOH A O   1 
HETATM 866 O O   . HOH B 2 .   ? -7.129  13.555  9.406   1.00   38.97 ? 2018 HOH A O   1 
HETATM 867 O O   . HOH B 2 .   ? -3.948  7.626   17.888  1.00   33.33 ? 2019 HOH A O   1 
HETATM 868 O O   . HOH B 2 .   ? 0.009   6.855   17.583  1.00   27.79 ? 2020 HOH A O   1 
HETATM 869 O O   . HOH B 2 .   ? 3.995   4.923   17.719  1.00   34.16 ? 2021 HOH A O   1 
HETATM 870 O O   . HOH B 2 .   ? 3.958   -11.332 7.271   1.00   33.82 ? 2022 HOH A O   1 
HETATM 871 O O   . HOH B 2 .   ? 10.967  3.547   8.249   1.00   38.46 ? 2023 HOH A O   1 
HETATM 872 O O   . HOH B 2 .   ? 5.647   6.491   2.446   1.00   42.24 ? 2024 HOH A O   1 
HETATM 873 O O   . HOH B 2 .   ? 7.997   1.784   -7.611  1.00   31.18 ? 2025 HOH A O   1 
HETATM 874 O O   . HOH B 2 .   ? 15.076  3.814   -8.130  1.00   33.25 ? 2026 HOH A O   1 
HETATM 875 O O   . HOH B 2 .   ? 16.588  8.570   -3.715  1.00   38.21 ? 2027 HOH A O   1 
HETATM 876 O O   . HOH B 2 .   ? 11.038  -3.825  -10.142 1.00   29.14 ? 2028 HOH A O   1 
HETATM 877 O O   . HOH B 2 .   ? 11.478  -5.394  -15.408 1.00   42.76 ? 2029 HOH A O   1 
HETATM 878 O O   . HOH B 2 .   ? -1.946  10.652  5.869   1.00   31.75 ? 2030 HOH A O   1 
HETATM 879 O O   . HOH B 2 .   ? -14.241 4.073   5.671   1.00   31.73 ? 2031 HOH A O   1 
HETATM 880 O O   . HOH B 2 .   ? -15.022 -3.064  6.038   1.00   26.49 ? 2032 HOH A O   1 
HETATM 881 O O   . HOH B 2 .   ? -9.045  -6.856  3.676   1.00   33.09 ? 2033 HOH A O   1 
HETATM 882 O O   . HOH B 2 .   ? -8.710  -4.968  -0.093  1.00   32.97 ? 2034 HOH A O   1 
HETATM 883 O O   . HOH B 2 .   ? -10.807 -3.204  -6.565  1.00   40.94 ? 2035 HOH A O   1 
HETATM 884 O O   . HOH B 2 .   ? -11.635 -7.280  6.828   1.00   36.42 ? 2036 HOH A O   1 
HETATM 885 O O   . HOH B 2 .   ? -9.193  -6.845  8.051   1.00   48.77 ? 2037 HOH A O   1 
HETATM 886 O O   . HOH B 2 .   ? -7.430  -5.454  5.743   1.00   38.74 ? 2038 HOH A O   1 
HETATM 887 O O   . HOH B 2 .   ? -6.477  -4.131  7.866   1.00   15.07 ? 2039 HOH A O   1 
HETATM 888 O O   . HOH B 2 .   ? -6.462  -6.270  9.735   1.00   33.83 ? 2040 HOH A O   1 
HETATM 889 O O   . HOH B 2 .   ? -9.426  -9.067  -4.781  1.00   27.73 ? 2041 HOH A O   1 
HETATM 890 O O   . HOH B 2 .   ? -0.317  -9.221  9.144   1.00   24.53 ? 2042 HOH A O   1 
HETATM 891 O O   . HOH B 2 .   ? -3.563  -9.168  11.788  1.00   40.98 ? 2043 HOH A O   1 
HETATM 892 O O   . HOH B 2 .   ? 9.983   -2.720  12.639  1.00   41.71 ? 2044 HOH A O   1 
HETATM 893 O O   . HOH B 2 .   ? 8.160   1.361   12.921  1.00   32.84 ? 2045 HOH A O   1 
HETATM 894 O O   . HOH B 2 .   ? 12.817  -9.262  5.182   1.00   35.06 ? 2046 HOH A O   1 
HETATM 895 O O   . HOH B 2 .   ? 6.207   -10.629 5.490   1.00   33.33 ? 2047 HOH A O   1 
HETATM 896 O O   . HOH B 2 .   ? 9.526   -12.538 -0.047  1.00   31.03 ? 2048 HOH A O   1 
HETATM 897 O O   . HOH B 2 .   ? 8.050   -13.552 -7.568  1.00   50.18 ? 2049 HOH A O   1 
HETATM 898 O O   . HOH B 2 .   ? 2.775   -10.379 -8.649  1.00   31.95 ? 2050 HOH A O   1 
HETATM 899 O O   . HOH B 2 .   ? 2.064   -12.431 -6.567  1.00   30.00 ? 2051 HOH A O   1 
HETATM 900 O O   . HOH B 2 .   ? 9.803   -9.922  -11.009 1.00   38.07 ? 2052 HOH A O   1 
# 
loop_
_atom_site_anisotrop.id 
_atom_site_anisotrop.type_symbol 
_atom_site_anisotrop.pdbx_label_atom_id 
_atom_site_anisotrop.pdbx_label_alt_id 
_atom_site_anisotrop.pdbx_label_comp_id 
_atom_site_anisotrop.pdbx_label_asym_id 
_atom_site_anisotrop.pdbx_label_seq_id 
_atom_site_anisotrop.pdbx_PDB_ins_code 
_atom_site_anisotrop.U[1][1] 
_atom_site_anisotrop.U[2][2] 
_atom_site_anisotrop.U[3][3] 
_atom_site_anisotrop.U[1][2] 
_atom_site_anisotrop.U[1][3] 
_atom_site_anisotrop.U[2][3] 
_atom_site_anisotrop.pdbx_auth_seq_id 
_atom_site_anisotrop.pdbx_auth_comp_id 
_atom_site_anisotrop.pdbx_auth_asym_id 
_atom_site_anisotrop.pdbx_auth_atom_id 
1   N N   . MET A 1   ? 0.2891 0.2275 0.3323 0.0283  0.0177  -0.0128 1   MET A N   
2   C CA  . MET A 1   ? 0.3569 0.2724 0.3788 0.0254  0.0159  -0.0029 1   MET A CA  
3   C C   . MET A 1   ? 0.3791 0.2854 0.3850 0.0200  0.0008  0.0081  1   MET A C   
4   O O   . MET A 1   ? 0.4450 0.3474 0.4510 0.0160  -0.0024 0.0153  1   MET A O   
5   C CB  . MET A 1   ? 0.3489 0.2471 0.3569 0.0297  0.0140  -0.0079 1   MET A CB  
6   C CG  . MET A 1   ? 0.2953 0.1721 0.2796 0.0278  0.0209  0.0009  1   MET A CG  
7   S SD  . MET A 1   ? 0.4733 0.3303 0.4375 0.0353  0.0294  -0.0089 1   MET A SD  
8   C CE  . MET A 1   ? 0.3630 0.2445 0.3600 0.0388  0.0454  -0.0190 1   MET A CE  
9   N N   . VAL A 2   ? 0.2992 0.2239 0.3209 0.0171  0.0044  0.0121  2   VAL A N   
10  C CA  . VAL A 2   ? 0.2224 0.1497 0.2359 0.0117  -0.0042 0.0222  2   VAL A CA  
11  C C   . VAL A 2   ? 0.2300 0.1646 0.2466 0.0071  -0.0025 0.0298  2   VAL A C   
12  O O   . VAL A 2   ? 0.2019 0.1491 0.2422 0.0092  0.0078  0.0282  2   VAL A O   
13  C CB  . VAL A 2   ? 0.1499 0.0999 0.1908 0.0138  -0.0085 0.0202  2   VAL A CB  
14  C CG1 . VAL A 2   ? 0.1933 0.1546 0.2320 0.0058  -0.0178 0.0328  2   VAL A CG1 
15  C CG2 . VAL A 2   ? 0.1548 0.0989 0.1896 0.0213  -0.0140 0.0142  2   VAL A CG2 
16  N N   . ILE A 3   ? 0.2225 0.1557 0.2243 0.0025  -0.0092 0.0373  3   ILE A N   
17  C CA  . ILE A 3   ? 0.1708 0.1117 0.1756 0.0006  -0.0104 0.0444  3   ILE A CA  
18  C C   . ILE A 3   ? 0.1973 0.1646 0.2258 -0.0056 -0.0178 0.0490  3   ILE A C   
19  O O   . ILE A 3   ? 0.2031 0.1750 0.2285 -0.0125 -0.0272 0.0510  3   ILE A O   
20  C CB  . ILE A 3   ? 0.2662 0.1952 0.2496 -0.0002 -0.0165 0.0502  3   ILE A CB  
21  C CG1 . ILE A 3   ? 0.1758 0.0867 0.1468 0.0072  -0.0066 0.0512  3   ILE A CG1 
22  C CG2 . ILE A 3   ? 0.2475 0.1864 0.2335 -0.0013 -0.0224 0.0588  3   ILE A CG2 
23  C CD1 . ILE A 3   ? 0.2055 0.1044 0.1512 0.0038  -0.0206 0.0553  3   ILE A CD1 
24  N N   . GLN A 4   ? 0.2650 0.2502 0.3212 -0.0031 -0.0120 0.0521  4   GLN A N   
25  C CA  . GLN A 4   ? 0.2275 0.2395 0.3095 -0.0076 -0.0169 0.0596  4   GLN A CA  
26  C C   . GLN A 4   ? 0.2246 0.2428 0.3035 -0.0133 -0.0262 0.0687  4   GLN A C   
27  O O   . GLN A 4   ? 0.2744 0.2888 0.3528 -0.0081 -0.0236 0.0725  4   GLN A O   
28  C CB  . GLN A 4   ? 0.2176 0.2456 0.3391 -0.0017 -0.0040 0.0593  4   GLN A CB  
29  C CG  . GLN A 4   ? 0.1886 0.2291 0.3097 -0.0025 -0.0058 0.0583  4   GLN A CG  
30  C CD  . GLN A 4   ? 0.2207 0.2737 0.3359 -0.0013 -0.0036 0.0427  4   GLN A CD  
31  O OE1 . GLN A 4   ? 0.2899 0.3381 0.4069 0.0032  0.0016  0.0292  4   GLN A OE1 
32  N NE2 . GLN A 4   ? 0.2009 0.2722 0.3101 -0.0054 -0.0075 0.0454  4   GLN A NE2 
33  N N   . VAL A 5   ? 0.2411 0.2694 0.3198 -0.0240 -0.0370 0.0734  5   VAL A N   
34  C CA  . VAL A 5   ? 0.2538 0.2907 0.3370 -0.0327 -0.0471 0.0829  5   VAL A CA  
35  C C   . VAL A 5   ? 0.2359 0.2930 0.3418 -0.0318 -0.0408 0.0925  5   VAL A C   
36  O O   . VAL A 5   ? 0.3016 0.3644 0.4072 -0.0282 -0.0355 0.0925  5   VAL A O   
37  C CB  . VAL A 5   ? 0.2376 0.2695 0.3107 -0.0470 -0.0603 0.0851  5   VAL A CB  
38  C CG1 . VAL A 5   ? 0.2026 0.2418 0.2822 -0.0565 -0.0689 0.0973  5   VAL A CG1 
39  C CG2 . VAL A 5   ? 0.2177 0.2177 0.2591 -0.0448 -0.0639 0.0757  5   VAL A CG2 
40  N N   . THR A 6   ? 0.2599 0.3254 0.3757 -0.0282 -0.0432 0.0981  6   THR A N   
41  C CA  . THR A 6   ? 0.2610 0.3453 0.3948 -0.0211 -0.0374 0.0982  6   THR A CA  
42  C C   . THR A 6   ? 0.2971 0.4001 0.4387 -0.0260 -0.0474 0.1025  6   THR A C   
43  O O   . THR A 6   ? 0.2522 0.3751 0.4117 -0.0204 -0.0426 0.0985  6   THR A O   
44  C CB  . THR A 6   ? 0.2106 0.2933 0.3601 -0.0078 -0.0276 0.0968  6   THR A CB  
45  O OG1 . THR A 6   ? 0.1888 0.2637 0.3296 -0.0040 -0.0340 0.1033  6   THR A OG1 
46  C CG2 . THR A 6   ? 0.1393 0.2078 0.2893 -0.0027 -0.0149 0.0870  6   THR A CG2 
47  N N   . ASN A 7   ? 0.3032 0.4008 0.4329 -0.0357 -0.0616 0.1066  7   ASN A N   
48  C CA  . ASN A 7   ? 0.2279 0.3457 0.3683 -0.0421 -0.0724 0.1075  7   ASN A CA  
49  C C   . ASN A 7   ? 0.3046 0.4122 0.4319 -0.0575 -0.0860 0.1077  7   ASN A C   
50  O O   . ASN A 7   ? 0.2930 0.3740 0.3982 -0.0621 -0.0899 0.1072  7   ASN A O   
51  C CB  . ASN A 7   ? 0.2902 0.4249 0.4431 -0.0308 -0.0796 0.1085  7   ASN A CB  
52  C CG  . ASN A 7   ? 0.4087 0.5282 0.5380 -0.0256 -0.0920 0.1098  7   ASN A CG  
53  O OD1 . ASN A 7   ? 0.4244 0.5462 0.5439 -0.0325 -0.1082 0.1067  7   ASN A OD1 
54  N ND2 . ASN A 7   ? 0.4480 0.5518 0.5665 -0.0117 -0.0839 0.1126  7   ASN A ND2 
55  N N   . LYS A 8   ? 0.2985 0.4274 0.4426 -0.0655 -0.0931 0.1059  8   LYS A N   
56  C CA  . LYS A 8   ? 0.2912 0.4117 0.4308 -0.0820 -0.1029 0.1041  8   LYS A CA  
57  C C   . LYS A 8   ? 0.3016 0.4090 0.4250 -0.0842 -0.1213 0.0980  8   LYS A C   
58  O O   . LYS A 8   ? 0.4225 0.5040 0.5280 -0.0939 -0.1281 0.0949  8   LYS A O   
59  C CB  . LYS A 8   ? 0.3676 0.5189 0.5374 -0.0912 -0.1024 0.1012  8   LYS A CB  
60  C CG  . LYS A 8   ? 0.4673 0.6096 0.6394 -0.1086 -0.1007 0.1021  8   LYS A CG  
61  C CD  . LYS A 8   ? 0.4592 0.5968 0.6364 -0.1228 -0.1177 0.0932  8   LYS A CD  
62  C CE  . LYS A 8   ? 0.4261 0.6037 0.6380 -0.1268 -0.1260 0.0838  8   LYS A CE  
63  N NZ  . LYS A 8   ? 0.3102 0.5143 0.5531 -0.1338 -0.1107 0.0865  8   LYS A NZ  
64  N N   . ASP A 9   ? 0.2447 0.3704 0.3718 -0.0729 -0.1303 0.0949  9   ASP A N   
65  C CA  . ASP A 9   ? 0.3697 0.4903 0.4767 -0.0703 -0.1493 0.0866  9   ASP A CA  
66  C C   . ASP A 9   ? 0.4224 0.5069 0.4920 -0.0643 -0.1466 0.0872  9   ASP A C   
67  O O   . ASP A 9   ? 0.5057 0.5713 0.5519 -0.0699 -0.1584 0.0781  9   ASP A O   
68  C CB  . ASP A 9   ? 0.5624 0.7122 0.6763 -0.0529 -0.1587 0.0858  9   ASP A CB  
69  C CG  . ASP A 9   ? 0.7742 0.9632 0.9247 -0.0597 -0.1683 0.0787  9   ASP A CG  
70  O OD1 . ASP A 9   ? 0.8136 1.0051 0.9779 -0.0792 -0.1722 0.0708  9   ASP A OD1 
71  O OD2 . ASP A 9   ? 0.7979 1.0149 0.9653 -0.0449 -0.1713 0.0805  9   ASP A OD2 
72  N N   . GLU A 10  ? 0.3318 0.4078 0.3980 -0.0527 -0.1300 0.0948  10  GLU A N   
73  C CA  . GLU A 10  ? 0.3838 0.4287 0.4196 -0.0453 -0.1225 0.0936  10  GLU A CA  
74  C C   . GLU A 10  ? 0.3442 0.3628 0.3711 -0.0602 -0.1217 0.0900  10  GLU A C   
75  O O   . GLU A 10  ? 0.4357 0.4271 0.4330 -0.0588 -0.1253 0.0832  10  GLU A O   
76  C CB  . GLU A 10  ? 0.4062 0.4520 0.4500 -0.0308 -0.1030 0.0992  10  GLU A CB  
77  C CG  . GLU A 10  ? 0.3836 0.4031 0.4105 -0.0266 -0.0886 0.0948  10  GLU A CG  
78  C CD  . GLU A 10  ? 0.3370 0.3628 0.3838 -0.0172 -0.0698 0.0968  10  GLU A CD  
79  O OE1 . GLU A 10  ? 0.3037 0.3460 0.3780 -0.0244 -0.0650 0.0980  10  GLU A OE1 
80  O OE2 . GLU A 10  ? 0.5374 0.5505 0.5719 -0.0025 -0.0597 0.0978  10  GLU A OE2 
81  N N   . PHE A 11  ? 0.3147 0.3408 0.3644 -0.0722 -0.1164 0.0954  11  PHE A N   
82  C CA  . PHE A 11  ? 0.4074 0.4087 0.4486 -0.0841 -0.1170 0.0964  11  PHE A CA  
83  C C   . PHE A 11  ? 0.3732 0.3586 0.4023 -0.0954 -0.1341 0.0879  11  PHE A C   
84  O O   . PHE A 11  ? 0.3658 0.3187 0.3700 -0.0968 -0.1391 0.0813  11  PHE A O   
85  C CB  . PHE A 11  ? 0.4365 0.4558 0.4983 -0.0870 -0.1067 0.1055  11  PHE A CB  
86  C CG  . PHE A 11  ? 0.4165 0.4203 0.4670 -0.0889 -0.1055 0.1053  11  PHE A CG  
87  C CD1 . PHE A 11  ? 0.4336 0.4248 0.4700 -0.0797 -0.1012 0.0955  11  PHE A CD1 
88  C CD2 . PHE A 11  ? 0.4818 0.4913 0.5441 -0.0993 -0.1036 0.1059  11  PHE A CD2 
89  C CE1 . PHE A 11  ? 0.3680 0.3467 0.3973 -0.0793 -0.0948 0.0903  11  PHE A CE1 
90  C CE2 . PHE A 11  ? 0.4811 0.4753 0.5354 -0.1001 -0.0978 0.1040  11  PHE A CE2 
91  C CZ  . PHE A 11  ? 0.3821 0.3604 0.4186 -0.0890 -0.0936 0.0968  11  PHE A CZ  
92  N N   . GLU A 12  ? 0.3138 0.3232 0.3640 -0.1034 -0.1418 0.0846  12  GLU A N   
93  C CA  . GLU A 12  ? 0.3738 0.3738 0.4219 -0.1156 -0.1566 0.0710  12  GLU A CA  
94  C C   . GLU A 12  ? 0.4634 0.4451 0.4783 -0.1086 -0.1703 0.0571  12  GLU A C   
95  O O   . GLU A 12  ? 0.4778 0.4322 0.4775 -0.1156 -0.1772 0.0446  12  GLU A O   
96  C CB  . GLU A 12  ? 0.4319 0.4700 0.5133 -0.1231 -0.1633 0.0660  12  GLU A CB  
97  C CG  . GLU A 12  ? 0.5464 0.6016 0.6591 -0.1325 -0.1497 0.0750  12  GLU A CG  
98  C CD  . GLU A 12  ? 0.7691 0.8539 0.9166 -0.1464 -0.1574 0.0641  12  GLU A CD  
99  O OE1 . GLU A 12  ? 0.7977 0.8983 0.9469 -0.1452 -0.1751 0.0497  12  GLU A OE1 
100 O OE2 . GLU A 12  ? 0.8712 0.9650 1.0440 -0.1581 -0.1457 0.0688  12  GLU A OE2 
101 N N   . SER A 13  ? 0.4153 0.4139 0.4183 -0.0925 -0.1720 0.0584  13  SER A N   
102 C CA  . SER A 13  ? 0.5089 0.4958 0.4737 -0.0801 -0.1808 0.0478  13  SER A CA  
103 C C   . SER A 13  ? 0.5299 0.4749 0.4621 -0.0762 -0.1726 0.0459  13  SER A C   
104 O O   . SER A 13  ? 0.6443 0.5703 0.5443 -0.0726 -0.1806 0.0318  13  SER A O   
105 C CB  . SER A 13  ? 0.6087 0.6218 0.5670 -0.0589 -0.1779 0.0560  13  SER A CB  
106 O OG  . SER A 13  ? 0.7406 0.7466 0.6576 -0.0440 -0.1835 0.0494  13  SER A OG  
107 N N   . ILE A 14  ? 0.4345 0.3681 0.3751 -0.0753 -0.1564 0.0577  14  ILE A N   
108 C CA  . ILE A 14  ? 0.3380 0.2351 0.2529 -0.0709 -0.1485 0.0544  14  ILE A CA  
109 C C   . ILE A 14  ? 0.4262 0.2922 0.3361 -0.0848 -0.1577 0.0445  14  ILE A C   
110 O O   . ILE A 14  ? 0.5392 0.3751 0.4195 -0.0802 -0.1600 0.0312  14  ILE A O   
111 C CB  . ILE A 14  ? 0.3698 0.2716 0.3023 -0.0651 -0.1279 0.0644  14  ILE A CB  
112 C CG1 . ILE A 14  ? 0.4509 0.3741 0.3851 -0.0460 -0.1115 0.0683  14  ILE A CG1 
113 C CG2 . ILE A 14  ? 0.3570 0.2267 0.2724 -0.0620 -0.1205 0.0576  14  ILE A CG2 
114 C CD1 . ILE A 14  ? 0.3762 0.3108 0.3335 -0.0385 -0.0891 0.0700  14  ILE A CD1 
115 N N   . LEU A 15  ? 0.4173 0.2929 0.3579 -0.0982 -0.1575 0.0506  15  LEU A N   
116 C CA  . LEU A 15  ? 0.4683 0.3208 0.4121 -0.1068 -0.1582 0.0421  15  LEU A CA  
117 C C   . LEU A 15  ? 0.5269 0.3734 0.4611 -0.1121 -0.1732 0.0208  15  LEU A C   
118 O O   . LEU A 15  ? 0.6283 0.4449 0.5464 -0.1112 -0.1743 0.0060  15  LEU A O   
119 C CB  . LEU A 15  ? 0.4916 0.3633 0.4704 -0.1176 -0.1510 0.0529  15  LEU A CB  
120 C CG  . LEU A 15  ? 0.4844 0.3749 0.4745 -0.1103 -0.1356 0.0697  15  LEU A CG  
121 C CD1 . LEU A 15  ? 0.3049 0.2109 0.3231 -0.1207 -0.1277 0.0770  15  LEU A CD1 
122 C CD2 . LEU A 15  ? 0.4065 0.2792 0.3777 -0.0961 -0.1252 0.0671  15  LEU A CD2 
123 N N   . SER A 16  ? 0.5805 0.4604 0.5263 -0.1152 -0.1840 0.0174  16  SER A N   
124 C CA  . SER A 16  ? 0.7210 0.6083 0.6590 -0.1181 -0.2005 -0.0057 16  SER A CA  
125 C C   . SER A 16  ? 0.7116 0.5767 0.6035 -0.1039 -0.2037 -0.0204 16  SER A C   
126 O O   . SER A 16  ? 0.6743 0.5234 0.5562 -0.1080 -0.2108 -0.0428 16  SER A O   
127 C CB  . SER A 16  ? 0.7596 0.6951 0.7136 -0.1164 -0.2110 -0.0052 16  SER A CB  
128 O OG  . SER A 16  ? 0.7535 0.7127 0.7519 -0.1296 -0.2069 0.0045  16  SER A OG  
129 N N   . GLU A 17  ? 0.5988 0.4640 0.4643 -0.0870 -0.1958 -0.0086 17  GLU A N   
130 C CA  . GLU A 17  ? 0.6241 0.4774 0.4435 -0.0707 -0.1956 -0.0201 17  GLU A CA  
131 C C   . GLU A 17  ? 0.7218 0.5331 0.5193 -0.0645 -0.1821 -0.0224 17  GLU A C   
132 O O   . GLU A 17  ? 0.7925 0.5911 0.5519 -0.0510 -0.1778 -0.0332 17  GLU A O   
133 C CB  . GLU A 17  ? 0.6901 0.5728 0.4935 -0.0527 -0.1910 -0.0054 17  GLU A CB  
134 C CG  . GLU A 17  ? 0.7732 0.7018 0.5942 -0.0529 -0.2055 -0.0050 17  GLU A CG  
135 C CD  . GLU A 17  ? 0.9764 0.9177 0.7834 -0.0567 -0.2252 -0.0309 17  GLU A CD  
136 O OE1 . GLU A 17  ? 1.1011 1.0298 0.8661 -0.0465 -0.2251 -0.0435 17  GLU A OE1 
137 O OE2 . GLU A 17  ? 0.9894 0.9560 0.8292 -0.0703 -0.2394 -0.0403 17  GLU A OE2 
138 N N   . ALA A 18  ? 0.6415 0.5540 0.4269 -0.0208 0.0372  -0.1075 18  ALA A N   
139 C CA  . ALA A 18  ? 0.6744 0.5829 0.4799 -0.0207 0.0548  -0.1077 18  ALA A CA  
140 C C   . ALA A 18  ? 0.7784 0.6831 0.5857 -0.0164 0.0583  -0.1277 18  ALA A C   
141 O O   . ALA A 18  ? 0.9225 0.8191 0.7417 -0.0173 0.0462  -0.1400 18  ALA A O   
142 C CB  . ALA A 18  ? 0.6063 0.5107 0.4497 -0.0249 0.0557  -0.0991 18  ALA A CB  
143 N N   . ASP A 19  ? 0.7077 0.6166 0.5034 -0.0119 0.0748  -0.1302 19  ASP A N   
144 C CA  . ASP A 19  ? 0.8171 0.7216 0.6167 -0.0054 0.0817  -0.1486 19  ASP A CA  
145 C C   . ASP A 19  ? 0.8343 0.7389 0.6739 -0.0054 0.0946  -0.1447 19  ASP A C   
146 O O   . ASP A 19  ? 0.8480 0.7500 0.6965 0.0016  0.1030  -0.1577 19  ASP A O   
147 C CB  . ASP A 19  ? 0.9344 0.8476 0.6953 0.0021  0.0932  -0.1550 19  ASP A CB  
148 C CG  . ASP A 19  ? 1.0864 1.0006 0.8051 0.0045  0.0784  -0.1606 19  ASP A CG  
149 O OD1 . ASP A 19  ? 1.0858 0.9918 0.8088 0.0008  0.0583  -0.1652 19  ASP A OD1 
150 O OD2 . ASP A 19  ? 1.1640 1.0891 0.8462 0.0101  0.0865  -0.1598 19  ASP A OD2 
151 N N   . LYS A 20  ? 0.7549 0.6621 0.6171 -0.0119 0.0954  -0.1273 20  LYS A N   
152 C CA  . LYS A 20  ? 0.6575 0.5668 0.5591 -0.0122 0.1043  -0.1218 20  LYS A CA  
153 C C   . LYS A 20  ? 0.5917 0.4941 0.5226 -0.0155 0.0907  -0.1159 20  LYS A C   
154 O O   . LYS A 20  ? 0.5662 0.4640 0.4886 -0.0191 0.0762  -0.1142 20  LYS A O   
155 C CB  . LYS A 20  ? 0.5718 0.4901 0.4764 -0.0168 0.1171  -0.1058 20  LYS A CB  
156 C CG  . LYS A 20  ? 0.6424 0.5712 0.5217 -0.0149 0.1328  -0.1057 20  LYS A CG  
157 C CD  . LYS A 20  ? 0.6221 0.5559 0.5062 -0.0224 0.1418  -0.0870 20  LYS A CD  
158 C CE  . LYS A 20  ? 0.6461 0.5922 0.5049 -0.0221 0.1570  -0.0823 20  LYS A CE  
159 N NZ  . LYS A 20  ? 0.7174 0.6777 0.5878 -0.0139 0.1715  -0.0960 20  LYS A NZ  
160 N N   . LEU A 21  ? 0.4945 0.3986 0.4604 -0.0138 0.0953  -0.1119 21  LEU A N   
161 C CA  . LEU A 21  ? 0.4097 0.3117 0.4015 -0.0165 0.0844  -0.1009 21  LEU A CA  
162 C C   . LEU A 21  ? 0.4414 0.3486 0.4256 -0.0221 0.0840  -0.0859 21  LEU A C   
163 O O   . LEU A 21  ? 0.4172 0.3287 0.3952 -0.0239 0.0959  -0.0816 21  LEU A O   
164 C CB  . LEU A 21  ? 0.3791 0.2842 0.4069 -0.0118 0.0894  -0.0986 21  LEU A CB  
165 C CG  . LEU A 21  ? 0.3918 0.3001 0.4422 -0.0138 0.0801  -0.0825 21  LEU A CG  
166 C CD1 . LEU A 21  ? 0.3747 0.2740 0.4265 -0.0150 0.0653  -0.0811 21  LEU A CD1 
167 C CD2 . LEU A 21  ? 0.2152 0.1305 0.2988 -0.0089 0.0854  -0.0781 21  LEU A CD2 
168 N N   . VAL A 22  ? 0.2588 0.1642 0.2427 -0.0247 0.0708  -0.0781 22  VAL A N   
169 C CA  . VAL A 22  ? 0.3011 0.2085 0.2787 -0.0276 0.0688  -0.0646 22  VAL A CA  
170 C C   . VAL A 22  ? 0.3305 0.2438 0.3350 -0.0257 0.0618  -0.0533 22  VAL A C   
171 O O   . VAL A 22  ? 0.3368 0.2502 0.3542 -0.0243 0.0526  -0.0526 22  VAL A O   
172 C CB  . VAL A 22  ? 0.4027 0.3066 0.3536 -0.0297 0.0591  -0.0643 22  VAL A CB  
173 C CG1 . VAL A 22  ? 0.3408 0.2435 0.2858 -0.0304 0.0559  -0.0509 22  VAL A CG1 
174 C CG2 . VAL A 22  ? 0.4232 0.3247 0.3411 -0.0299 0.0638  -0.0725 22  VAL A CG2 
175 N N   . VAL A 23  ? 0.2575 0.1752 0.2684 -0.0257 0.0659  -0.0445 23  VAL A N   
176 C CA  . VAL A 23  ? 0.2454 0.1709 0.2729 -0.0222 0.0565  -0.0336 23  VAL A CA  
177 C C   . VAL A 23  ? 0.1702 0.0948 0.1801 -0.0225 0.0497  -0.0253 23  VAL A C   
178 O O   . VAL A 23  ? 0.2350 0.1540 0.2302 -0.0252 0.0552  -0.0245 23  VAL A O   
179 C CB  . VAL A 23  ? 0.2687 0.2010 0.3211 -0.0201 0.0628  -0.0324 23  VAL A CB  
180 C CG1 . VAL A 23  ? 0.1802 0.1188 0.2468 -0.0159 0.0512  -0.0229 23  VAL A CG1 
181 C CG2 . VAL A 23  ? 0.3143 0.2455 0.3836 -0.0188 0.0722  -0.0425 23  VAL A CG2 
182 N N   . VAL A 24  ? 0.2494 0.1769 0.2605 -0.0203 0.0390  -0.0195 24  VAL A N   
183 C CA  . VAL A 24  ? 0.3178 0.2435 0.3146 -0.0191 0.0337  -0.0137 24  VAL A CA  
184 C C   . VAL A 24  ? 0.2596 0.1907 0.2643 -0.0162 0.0269  -0.0064 24  VAL A C   
185 O O   . VAL A 24  ? 0.2815 0.2164 0.2970 -0.0152 0.0236  -0.0029 24  VAL A O   
186 C CB  . VAL A 24  ? 0.2210 0.1426 0.2084 -0.0202 0.0304  -0.0148 24  VAL A CB  
187 C CG1 . VAL A 24  ? 0.1616 0.0752 0.1289 -0.0172 0.0283  -0.0105 24  VAL A CG1 
188 C CG2 . VAL A 24  ? 0.2764 0.1912 0.2534 -0.0244 0.0340  -0.0248 24  VAL A CG2 
189 N N   . ASP A 25  ? 0.2501 0.1782 0.2471 -0.0156 0.0252  -0.0044 25  ASP A N   
190 C CA  . ASP A 25  ? 0.2281 0.1561 0.2267 -0.0135 0.0187  0.0000  25  ASP A CA  
191 C C   . ASP A 25  ? 0.2463 0.1674 0.2284 -0.0093 0.0173  0.0018  25  ASP A C   
192 O O   . ASP A 25  ? 0.2324 0.1452 0.1989 -0.0078 0.0171  0.0001  25  ASP A O   
193 C CB  . ASP A 25  ? 0.3468 0.2714 0.3472 -0.0164 0.0169  -0.0007 25  ASP A CB  
194 C CG  . ASP A 25  ? 0.4049 0.3241 0.4059 -0.0157 0.0095  0.0016  25  ASP A CG  
195 O OD1 . ASP A 25  ? 0.4517 0.3680 0.4465 -0.0111 0.0085  0.0047  25  ASP A OD1 
196 O OD2 . ASP A 25  ? 0.4781 0.3930 0.4838 -0.0203 0.0062  0.0004  25  ASP A OD2 
197 N N   . PHE A 26  ? 0.2578 0.1802 0.2413 -0.0066 0.0176  0.0066  26  PHE A N   
198 C CA  . PHE A 26  ? 0.2105 0.1303 0.1762 0.0012  0.0171  0.0097  26  PHE A CA  
199 C C   . PHE A 26  ? 0.2477 0.1656 0.2033 0.0066  0.0121  0.0104  26  PHE A C   
200 O O   . PHE A 26  ? 0.2207 0.1470 0.1851 0.0060  0.0102  0.0157  26  PHE A O   
201 C CB  . PHE A 26  ? 0.2216 0.1602 0.1994 0.0015  0.0191  0.0162  26  PHE A CB  
202 C CG  . PHE A 26  ? 0.2323 0.1732 0.2183 -0.0043 0.0207  0.0126  26  PHE A CG  
203 C CD1 . PHE A 26  ? 0.2342 0.1814 0.2097 0.0002  0.0186  0.0103  26  PHE A CD1 
204 C CD2 . PHE A 26  ? 0.2100 0.1466 0.2137 -0.0130 0.0231  0.0103  26  PHE A CD2 
205 C CE1 . PHE A 26  ? 0.2651 0.2167 0.2462 -0.0054 0.0172  0.0058  26  PHE A CE1 
206 C CE2 . PHE A 26  ? 0.3097 0.2469 0.3173 -0.0185 0.0229  0.0036  26  PHE A CE2 
207 C CZ  . PHE A 26  ? 0.2604 0.2064 0.2558 -0.0155 0.0191  0.0014  26  PHE A CZ  
208 N N   . THR A 27  ? 0.2895 0.1938 0.2254 0.0119  0.0088  0.0046  27  THR A N   
209 C CA  . THR A 27  ? 0.3544 0.2501 0.2782 0.0151  0.0019  0.0004  27  THR A CA  
210 C C   . THR A 27  ? 0.3118 0.2036 0.2117 0.0290  -0.0001 -0.0045 27  THR A C   
211 O O   . THR A 27  ? 0.3348 0.2297 0.2302 0.0361  0.0038  -0.0037 27  THR A O   
212 C CB  . THR A 27  ? 0.3941 0.2740 0.3225 0.0056  -0.0010 -0.0047 27  THR A CB  
213 O OG1 . THR A 27  ? 0.3882 0.2590 0.3110 0.0046  -0.0103 -0.0098 27  THR A OG1 
214 C CG2 . THR A 27  ? 0.3765 0.2512 0.2964 0.0073  0.0000  -0.0069 27  THR A CG2 
215 N N   . ALA A 28  ? 0.3070 0.1929 0.1915 0.0341  -0.0068 -0.0107 28  ALA A N   
216 C CA  . ALA A 28  ? 0.3796 0.2583 0.2387 0.0495  -0.0085 -0.0193 28  ALA A CA  
217 C C   . ALA A 28  ? 0.3921 0.2536 0.2392 0.0480  -0.0194 -0.0300 28  ALA A C   
218 O O   . ALA A 28  ? 0.3798 0.2411 0.2284 0.0402  -0.0265 -0.0316 28  ALA A O   
219 C CB  . ALA A 28  ? 0.2758 0.1844 0.1298 0.0607  -0.0020 -0.0137 28  ALA A CB  
220 N N   . THR A 29  ? 0.4961 0.3480 0.3362 0.0544  -0.0219 -0.0357 29  THR A N   
221 C CA  . THR A 29  ? 0.4762 0.3127 0.3087 0.0513  -0.0320 -0.0465 29  THR A CA  
222 C C   . THR A 29  ? 0.5507 0.3996 0.3655 0.0602  -0.0359 -0.0530 29  THR A C   
223 O O   . THR A 29  ? 0.4734 0.3142 0.2815 0.0555  -0.0464 -0.0622 29  THR A O   
224 C CB  . THR A 29  ? 0.5571 0.3750 0.3856 0.0558  -0.0334 -0.0517 29  THR A CB  
225 O OG1 . THR A 29  ? 0.6354 0.4626 0.4522 0.0739  -0.0281 -0.0529 29  THR A OG1 
226 C CG2 . THR A 29  ? 0.5195 0.3280 0.3630 0.0460  -0.0299 -0.0437 29  THR A CG2 
227 N N   . TRP A 30  ? 0.6060 0.4790 0.4151 0.0717  -0.0267 -0.0470 30  TRP A N   
228 C CA  . TRP A 30  ? 0.5687 0.4614 0.3624 0.0788  -0.0268 -0.0486 30  TRP A CA  
229 C C   . TRP A 30  ? 0.5376 0.4455 0.3328 0.0702  -0.0307 -0.0395 30  TRP A C   
230 O O   . TRP A 30  ? 0.4777 0.4002 0.2595 0.0727  -0.0341 -0.0390 30  TRP A O   
231 C CB  . TRP A 30  ? 0.4826 0.3997 0.2741 0.0929  -0.0137 -0.0433 30  TRP A CB  
232 C CG  . TRP A 30  ? 0.4532 0.3863 0.2642 0.0926  -0.0029 -0.0302 30  TRP A CG  
233 C CD1 . TRP A 30  ? 0.4119 0.3406 0.2322 0.0981  0.0009  -0.0300 30  TRP A CD1 
234 C CD2 . TRP A 30  ? 0.4288 0.3858 0.2523 0.0858  0.0041  -0.0149 30  TRP A CD2 
235 N NE1 . TRP A 30  ? 0.2989 0.2488 0.1365 0.0951  0.0095  -0.0177 30  TRP A NE1 
236 C CE2 . TRP A 30  ? 0.4218 0.3882 0.2629 0.0867  0.0121  -0.0082 30  TRP A CE2 
237 C CE3 . TRP A 30  ? 0.4368 0.4080 0.2599 0.0785  0.0031  -0.0045 30  TRP A CE3 
238 C CZ2 . TRP A 30  ? 0.3910 0.3792 0.2504 0.0788  0.0197  0.0071  30  TRP A CZ2 
239 C CZ3 . TRP A 30  ? 0.3265 0.3171 0.1690 0.0712  0.0109  0.0131  30  TRP A CZ3 
240 C CH2 . TRP A 30  ? 0.3500 0.3484 0.2111 0.0706  0.0194  0.0180  30  TRP A CH2 
241 N N   . CYS A 31  ? 0.4658 0.3693 0.2760 0.0603  -0.0311 -0.0315 31  CYS A N   
242 C CA  . CYS A 31  ? 0.3849 0.3050 0.2080 0.0518  -0.0345 -0.0177 31  CYS A CA  
243 C C   . CYS A 31  ? 0.2913 0.2006 0.1257 0.0396  -0.0507 -0.0236 31  CYS A C   
244 O O   . CYS A 31  ? 0.3295 0.2261 0.1883 0.0277  -0.0513 -0.0251 31  CYS A O   
245 C CB  . CYS A 31  ? 0.2770 0.2063 0.1313 0.0449  -0.0225 -0.0034 31  CYS A CB  
246 S SG  . CYS A 31  ? 0.3486 0.2924 0.2355 0.0332  -0.0237 0.0138  31  CYS A SG  
247 N N   . GLY A 32  ? 0.3969 0.3137 0.2127 0.0425  -0.0636 -0.0268 32  GLY A N   
248 C CA  . GLY A 32  ? 0.3377 0.2517 0.1670 0.0313  -0.0815 -0.0321 32  GLY A CA  
249 C C   . GLY A 32  ? 0.3764 0.3011 0.2497 0.0194  -0.0797 -0.0183 32  GLY A C   
250 O O   . GLY A 32  ? 0.3447 0.2602 0.2425 0.0072  -0.0848 -0.0246 32  GLY A O   
251 N N   . PRO A 33  ? 0.2954 0.2396 0.1806 0.0229  -0.0718 0.0005  33  PRO A N   
252 C CA  . PRO A 33  ? 0.3717 0.3238 0.2989 0.0146  -0.0694 0.0115  33  PRO A CA  
253 C C   . PRO A 33  ? 0.3414 0.2807 0.2916 0.0062  -0.0567 0.0072  33  PRO A C   
254 O O   . PRO A 33  ? 0.3163 0.2588 0.2987 -0.0022 -0.0573 0.0079  33  PRO A O   
255 C CB  . PRO A 33  ? 0.3465 0.3134 0.2751 0.0213  -0.0615 0.0314  33  PRO A CB  
256 C CG  . PRO A 33  ? 0.3255 0.3009 0.2144 0.0315  -0.0679 0.0334  33  PRO A CG  
257 C CD  . PRO A 33  ? 0.2718 0.2322 0.1322 0.0345  -0.0674 0.0129  33  PRO A CD  
258 N N   . CYS A 34  ? 0.3903 0.3178 0.3236 0.0097  -0.0455 0.0032  34  CYS A N   
259 C CA  . CYS A 34  ? 0.2872 0.2023 0.2348 0.0030  -0.0346 0.0001  34  CYS A CA  
260 C C   . CYS A 34  ? 0.3066 0.2081 0.2644 -0.0078 -0.0407 -0.0099 34  CYS A C   
261 O O   . CYS A 34  ? 0.4007 0.3033 0.3846 -0.0169 -0.0345 -0.0079 34  CYS A O   
262 C CB  . CYS A 34  ? 0.2799 0.1861 0.2049 0.0108  -0.0257 -0.0027 34  CYS A CB  
263 S SG  . CYS A 34  ? 0.3879 0.3153 0.3071 0.0206  -0.0163 0.0102  34  CYS A SG  
264 N N   . LYS A 35  ? 0.3194 0.2081 0.2570 -0.0073 -0.0524 -0.0211 35  LYS A N   
265 C CA  . LYS A 35  ? 0.3639 0.2385 0.3130 -0.0206 -0.0607 -0.0304 35  LYS A CA  
266 C C   . LYS A 35  ? 0.3960 0.2910 0.3786 -0.0305 -0.0701 -0.0278 35  LYS A C   
267 O O   . LYS A 35  ? 0.4875 0.3787 0.4934 -0.0445 -0.0714 -0.0312 35  LYS A O   
268 C CB  . LYS A 35  ? 0.4783 0.3312 0.3968 -0.0172 -0.0734 -0.0453 35  LYS A CB  
269 C CG  . LYS A 35  ? 0.5760 0.4172 0.4638 -0.0022 -0.0646 -0.0477 35  LYS A CG  
270 C CD  . LYS A 35  ? 0.6474 0.4780 0.5173 0.0026  -0.0714 -0.0597 35  LYS A CD  
271 C CE  . LYS A 35  ? 0.7038 0.5252 0.5569 0.0159  -0.0608 -0.0602 35  LYS A CE  
272 N NZ  . LYS A 35  ? 0.8251 0.6346 0.6605 0.0223  -0.0675 -0.0732 35  LYS A NZ  
273 N N   . MET A 36  ? 0.4633 0.3811 0.4500 -0.0234 -0.0772 -0.0206 36  MET A N   
274 C CA  . MET A 36  ? 0.3555 0.2962 0.3770 -0.0298 -0.0884 -0.0171 36  MET A CA  
275 C C   . MET A 36  ? 0.2822 0.2368 0.3432 -0.0327 -0.0741 -0.0073 36  MET A C   
276 O O   . MET A 36  ? 0.3592 0.3303 0.4573 -0.0406 -0.0778 -0.0072 36  MET A O   
277 C CB  . MET A 36  ? 0.2863 0.2448 0.2947 -0.0192 -0.1037 -0.0113 36  MET A CB  
278 C CG  . MET A 36  ? 0.4093 0.3586 0.3824 -0.0179 -0.1218 -0.0252 36  MET A CG  
279 S SD  . MET A 36  ? 0.6499 0.6218 0.6002 -0.0060 -0.1417 -0.0185 36  MET A SD  
280 C CE  . MET A 36  ? 0.5427 0.5149 0.4674 0.0092  -0.1212 -0.0018 36  MET A CE  
281 N N   . ILE A 37  ? 0.2722 0.2217 0.3264 -0.0259 -0.0579 -0.0004 37  ILE A N   
282 C CA  . ILE A 37  ? 0.3001 0.2593 0.3875 -0.0272 -0.0444 0.0053  37  ILE A CA  
283 C C   . ILE A 37  ? 0.2992 0.2455 0.3895 -0.0368 -0.0291 -0.0006 37  ILE A C   
284 O O   . ILE A 37  ? 0.2797 0.2354 0.3955 -0.0394 -0.0168 0.0006  37  ILE A O   
285 C CB  . ILE A 37  ? 0.2899 0.2509 0.3730 -0.0164 -0.0371 0.0158  37  ILE A CB  
286 C CG1 . ILE A 37  ? 0.2896 0.2574 0.4073 -0.0163 -0.0250 0.0183  37  ILE A CG1 
287 C CG2 . ILE A 37  ? 0.1788 0.1236 0.2275 -0.0131 -0.0289 0.0147  37  ILE A CG2 
288 C CD1 . ILE A 37  ? 0.2252 0.1966 0.3528 -0.0069 -0.0248 0.0293  37  ILE A CD1 
289 N N   . ALA A 38  ? 0.2237 0.1489 0.2855 -0.0404 -0.0300 -0.0067 38  ALA A N   
290 C CA  . ALA A 38  ? 0.3446 0.2606 0.3934 -0.0453 -0.0141 -0.0086 38  ALA A CA  
291 C C   . ALA A 38  ? 0.3736 0.3027 0.4458 -0.0557 -0.0084 -0.0080 38  ALA A C   
292 O O   . ALA A 38  ? 0.3437 0.2751 0.4140 -0.0562 0.0038  -0.0048 38  ALA A O   
293 C CB  . ALA A 38  ? 0.2355 0.1296 0.2546 -0.0443 -0.0157 -0.0142 38  ALA A CB  
294 N N   . PRO A 39  ? 0.2954 0.2361 0.3919 -0.0633 -0.0197 -0.0107 39  PRO A N   
295 C CA  . PRO A 39  ? 0.1930 0.1520 0.3182 -0.0727 -0.0130 -0.0089 39  PRO A CA  
296 C C   . PRO A 39  ? 0.2403 0.2223 0.3964 -0.0657 -0.0024 -0.0052 39  PRO A C   
297 O O   . PRO A 39  ? 0.2486 0.2395 0.4155 -0.0693 0.0116  -0.0039 39  PRO A O   
298 C CB  . PRO A 39  ? 0.2447 0.2149 0.3909 -0.0805 -0.0310 -0.0132 39  PRO A CB  
299 C CG  . PRO A 39  ? 0.2075 0.1534 0.3202 -0.0776 -0.0450 -0.0197 39  PRO A CG  
300 C CD  . PRO A 39  ? 0.2378 0.1756 0.3327 -0.0643 -0.0414 -0.0162 39  PRO A CD  
301 N N   . LYS A 40  ? 0.3015 0.2914 0.4717 -0.0554 -0.0088 -0.0034 40  LYS A N   
302 C CA  . LYS A 40  ? 0.2888 0.2948 0.4880 -0.0468 0.0017  -0.0010 40  LYS A CA  
303 C C   . LYS A 40  ? 0.2985 0.2906 0.4736 -0.0424 0.0198  -0.0029 40  LYS A C   
304 O O   . LYS A 40  ? 0.2220 0.2235 0.4142 -0.0408 0.0346  -0.0054 40  LYS A O   
305 C CB  . LYS A 40  ? 0.2900 0.3040 0.5095 -0.0375 -0.0116 0.0047  40  LYS A CB  
306 C CG  . LYS A 40  ? 0.3262 0.3547 0.5810 -0.0270 -0.0026 0.0073  40  LYS A CG  
307 C CD  . LYS A 40  ? 0.4054 0.4601 0.6966 -0.0275 0.0000  0.0052  40  LYS A CD  
308 N N   . PHE A 41  ? 0.2559 0.2275 0.3916 -0.0404 0.0180  -0.0027 41  PHE A N   
309 C CA  . PHE A 41  ? 0.2819 0.2434 0.3929 -0.0370 0.0300  -0.0047 41  PHE A CA  
310 C C   . PHE A 41  ? 0.2418 0.2041 0.3504 -0.0442 0.0417  -0.0062 41  PHE A C   
311 O O   . PHE A 41  ? 0.2242 0.1886 0.3359 -0.0420 0.0564  -0.0099 41  PHE A O   
312 C CB  . PHE A 41  ? 0.2249 0.1695 0.2976 -0.0344 0.0229  -0.0031 41  PHE A CB  
313 C CG  . PHE A 41  ? 0.1709 0.1115 0.2265 -0.0294 0.0305  -0.0048 41  PHE A CG  
314 C CD1 . PHE A 41  ? 0.2314 0.1765 0.2961 -0.0233 0.0337  -0.0060 41  PHE A CD1 
315 C CD2 . PHE A 41  ? 0.1858 0.1173 0.2192 -0.0316 0.0334  -0.0049 41  PHE A CD2 
316 C CE1 . PHE A 41  ? 0.3071 0.2486 0.3579 -0.0213 0.0393  -0.0093 41  PHE A CE1 
317 C CE2 . PHE A 41  ? 0.2217 0.1501 0.2415 -0.0283 0.0397  -0.0074 41  PHE A CE2 
318 C CZ  . PHE A 41  ? 0.2426 0.1761 0.2706 -0.0240 0.0422  -0.0104 41  PHE A CZ  
319 N N   . GLU A 42  ? 0.2858 0.2447 0.3896 -0.0541 0.0357  -0.0035 42  GLU A N   
320 C CA  . GLU A 42  ? 0.2440 0.2027 0.3460 -0.0631 0.0456  -0.0012 42  GLU A CA  
321 C C   . GLU A 42  ? 0.2395 0.2217 0.3770 -0.0656 0.0587  -0.0028 42  GLU A C   
322 O O   . GLU A 42  ? 0.2206 0.2054 0.3554 -0.0675 0.0748  -0.0029 42  GLU A O   
323 C CB  . GLU A 42  ? 0.2916 0.2391 0.3847 -0.0744 0.0340  0.0027  42  GLU A CB  
324 C CG  . GLU A 42  ? 0.4373 0.3599 0.4966 -0.0699 0.0231  0.0038  42  GLU A CG  
325 C CD  . GLU A 42  ? 0.5700 0.4758 0.6217 -0.0790 0.0085  0.0041  42  GLU A CD  
326 O OE1 . GLU A 42  ? 0.5184 0.4272 0.5838 -0.0929 0.0095  0.0063  42  GLU A OE1 
327 O OE2 . GLU A 42  ? 0.5209 0.4114 0.5530 -0.0714 -0.0026 0.0007  42  GLU A OE2 
328 N N   . GLU A 43  ? 0.3165 0.3174 0.4882 -0.0650 0.0519  -0.0038 43  GLU A N   
329 C CA  . GLU A 43  ? 0.2821 0.3102 0.4936 -0.0651 0.0626  -0.0051 43  GLU A CA  
330 C C   . GLU A 43  ? 0.2800 0.3089 0.4945 -0.0540 0.0796  -0.0109 43  GLU A C   
331 O O   . GLU A 43  ? 0.2849 0.3248 0.5061 -0.0557 0.0968  -0.0128 43  GLU A O   
332 C CB  . GLU A 43  ? 0.1853 0.2339 0.4342 -0.0627 0.0485  -0.0047 43  GLU A CB  
333 C CG  . GLU A 43  ? 0.4178 0.4966 0.7095 -0.0580 0.0587  -0.0063 43  GLU A CG  
334 C CD  . GLU A 43  ? 0.5100 0.6140 0.8401 -0.0574 0.0423  -0.0041 43  GLU A CD  
335 O OE1 . GLU A 43  ? 0.4362 0.5379 0.7725 -0.0477 0.0275  -0.0028 43  GLU A OE1 
336 O OE2 . GLU A 43  ? 0.6147 0.7429 0.9691 -0.0671 0.0437  -0.0026 43  GLU A OE2 
337 N N   . LEU A 44  ? 0.3017 0.3181 0.5091 -0.0435 0.0748  -0.0139 44  LEU A N   
338 C CA  . LEU A 44  ? 0.1998 0.2117 0.4106 -0.0338 0.0882  -0.0215 44  LEU A CA  
339 C C   . LEU A 44  ? 0.2497 0.2482 0.4265 -0.0377 0.1034  -0.0259 44  LEU A C   
340 O O   . LEU A 44  ? 0.1929 0.1951 0.3734 -0.0338 0.1192  -0.0338 44  LEU A O   
341 C CB  . LEU A 44  ? 0.1927 0.1914 0.4011 -0.0256 0.0774  -0.0210 44  LEU A CB  
342 C CG  . LEU A 44  ? 0.1889 0.2017 0.4351 -0.0193 0.0644  -0.0157 44  LEU A CG  
343 C CD1 . LEU A 44  ? 0.1190 0.1179 0.3577 -0.0138 0.0518  -0.0102 44  LEU A CD1 
344 C CD2 . LEU A 44  ? 0.2280 0.2548 0.5088 -0.0103 0.0747  -0.0209 44  LEU A CD2 
345 N N   . SER A 45  ? 0.2854 0.2689 0.4272 -0.0445 0.0972  -0.0206 45  SER A N   
346 C CA  . SER A 45  ? 0.2818 0.2520 0.3888 -0.0482 0.1085  -0.0219 45  SER A CA  
347 C C   . SER A 45  ? 0.3382 0.3233 0.4522 -0.0542 0.1246  -0.0205 45  SER A C   
348 O O   . SER A 45  ? 0.2718 0.2536 0.3645 -0.0539 0.1386  -0.0242 45  SER A O   
349 C CB  . SER A 45  ? 0.2889 0.2416 0.3625 -0.0521 0.0956  -0.0143 45  SER A CB  
350 O OG  . SER A 45  ? 0.2650 0.2213 0.3422 -0.0618 0.0915  -0.0056 45  SER A OG  
351 N N   . GLU A 46  ? 0.2714 0.2758 0.4151 -0.0597 0.1216  -0.0148 46  GLU A N   
352 C CA  . GLU A 46  ? 0.3112 0.3368 0.4685 -0.0663 0.1363  -0.0112 46  GLU A CA  
353 C C   . GLU A 46  ? 0.3857 0.4343 0.5747 -0.0566 0.1484  -0.0202 46  GLU A C   
354 O O   . GLU A 46  ? 0.4977 0.5648 0.6913 -0.0573 0.1656  -0.0207 46  GLU A O   
355 C CB  . GLU A 46  ? 0.3417 0.3789 0.5188 -0.0790 0.1262  -0.0009 46  GLU A CB  
356 C CG  . GLU A 46  ? 0.5318 0.5494 0.6791 -0.0911 0.1210  0.0098  46  GLU A CG  
357 C CD  . GLU A 46  ? 0.7664 0.7941 0.9358 -0.1064 0.1114  0.0185  46  GLU A CD  
358 O OE1 . GLU A 46  ? 0.8371 0.8894 1.0439 -0.1075 0.1077  0.0157  46  GLU A OE1 
359 O OE2 . GLU A 46  ? 0.7878 0.7983 0.9382 -0.1176 0.1067  0.0283  46  GLU A OE2 
360 N N   A GLU A 47  ? 0.3969 0.4443 0.6066 -0.0462 0.1390  -0.0264 47  GLU A N   
361 N N   B GLU A 47  ? 0.3907 0.4390 0.6014 -0.0463 0.1389  -0.0262 47  GLU A N   
362 C CA  A GLU A 47  ? 0.3427 0.4090 0.5849 -0.0343 0.1466  -0.0344 47  GLU A CA  
363 C CA  B GLU A 47  ? 0.3445 0.4108 0.5866 -0.0342 0.1467  -0.0344 47  GLU A CA  
364 C C   A GLU A 47  ? 0.3905 0.4404 0.6116 -0.0241 0.1557  -0.0466 47  GLU A C   
365 C C   B GLU A 47  ? 0.3970 0.4496 0.6139 -0.0260 0.1594  -0.0461 47  GLU A C   
366 O O   A GLU A 47  ? 0.4606 0.5205 0.7016 -0.0125 0.1617  -0.0550 47  GLU A O   
367 O O   B GLU A 47  ? 0.4410 0.5092 0.6708 -0.0174 0.1721  -0.0538 47  GLU A O   
368 C CB  A GLU A 47  ? 0.2686 0.3438 0.5477 -0.0281 0.1298  -0.0320 47  GLU A CB  
369 C CB  B GLU A 47  ? 0.2498 0.3172 0.5220 -0.0257 0.1298  -0.0341 47  GLU A CB  
370 C CG  A GLU A 47  ? 0.3360 0.4337 0.6388 -0.0386 0.1203  -0.0224 47  GLU A CG  
371 C CG  B GLU A 47  ? 0.2807 0.3661 0.5886 -0.0118 0.1341  -0.0401 47  GLU A CG  
372 C CD  A GLU A 47  ? 0.2812 0.3914 0.6186 -0.0323 0.1016  -0.0195 47  GLU A CD  
373 C CD  B GLU A 47  ? 0.2599 0.3508 0.5992 -0.0048 0.1148  -0.0346 47  GLU A CD  
374 O OE1 A GLU A 47  ? 0.2268 0.3220 0.5635 -0.0214 0.0929  -0.0213 47  GLU A OE1 
375 O OE1 B GLU A 47  ? 0.2157 0.3097 0.5577 -0.0131 0.0998  -0.0260 47  GLU A OE1 
376 O OE2 A GLU A 47  ? 0.2717 0.4075 0.6365 -0.0392 0.0948  -0.0145 47  GLU A OE2 
377 O OE2 B GLU A 47  ? 0.2732 0.3642 0.6311 0.0090  0.1134  -0.0385 47  GLU A OE2 
378 N N   . TYR A 48  ? 0.3447 0.3699 0.5247 -0.0284 0.1551  -0.0478 48  TYR A N   
379 C CA  . TYR A 48  ? 0.3383 0.3494 0.4901 -0.0222 0.1624  -0.0596 48  TYR A CA  
380 C C   . TYR A 48  ? 0.3608 0.3617 0.4671 -0.0303 0.1685  -0.0566 48  TYR A C   
381 O O   . TYR A 48  ? 0.4323 0.4118 0.5090 -0.0318 0.1607  -0.0580 48  TYR A O   
382 C CB  . TYR A 48  ? 0.3997 0.3894 0.5488 -0.0172 0.1488  -0.0643 48  TYR A CB  
383 C CG  . TYR A 48  ? 0.3898 0.3852 0.5781 -0.0070 0.1415  -0.0662 48  TYR A CG  
384 C CD1 . TYR A 48  ? 0.3159 0.3171 0.5328 -0.0072 0.1290  -0.0561 48  TYR A CD1 
385 C CD2 . TYR A 48  ? 0.4485 0.4428 0.6426 0.0038  0.1452  -0.0774 48  TYR A CD2 
386 C CE1 . TYR A 48  ? 0.4320 0.4383 0.6818 0.0028  0.1203  -0.0549 48  TYR A CE1 
387 C CE2 . TYR A 48  ? 0.4666 0.4635 0.6944 0.0140  0.1373  -0.0768 48  TYR A CE2 
388 C CZ  . TYR A 48  ? 0.3775 0.3808 0.6328 0.0132  0.1248  -0.0644 48  TYR A CZ  
389 O OH  . TYR A 48  ? 0.3556 0.3614 0.6410 0.0239  0.1154  -0.0613 48  TYR A OH  
390 N N   . PRO A 49  ? 0.4796 0.4974 0.5810 -0.0354 0.1816  -0.0508 49  PRO A N   
391 C CA  . PRO A 49  ? 0.4532 0.4607 0.5122 -0.0436 0.1848  -0.0427 49  PRO A CA  
392 C C   . PRO A 49  ? 0.5989 0.6015 0.6198 -0.0374 0.1927  -0.0523 49  PRO A C   
393 O O   . PRO A 49  ? 0.7160 0.7066 0.6980 -0.0419 0.1909  -0.0459 49  PRO A O   
394 C CB  . PRO A 49  ? 0.4697 0.5008 0.5444 -0.0522 0.1956  -0.0303 49  PRO A CB  
395 C CG  . PRO A 49  ? 0.5065 0.5655 0.6181 -0.0436 0.2066  -0.0388 49  PRO A CG  
396 C CD  . PRO A 49  ? 0.5066 0.5560 0.6416 -0.0338 0.1939  -0.0493 49  PRO A CD  
397 N N   . ASP A 50  ? 0.5959 0.6072 0.6270 -0.0259 0.1991  -0.0674 50  ASP A N   
398 C CA  . ASP A 50  ? 0.6173 0.6283 0.6126 -0.0186 0.2066  -0.0786 50  ASP A CA  
399 C C   . ASP A 50  ? 0.6178 0.6061 0.5923 -0.0131 0.1920  -0.0913 50  ASP A C   
400 O O   . ASP A 50  ? 0.6349 0.6160 0.5686 -0.0121 0.1897  -0.0949 50  ASP A O   
401 C CB  . ASP A 50  ? 0.6676 0.7027 0.6818 -0.0074 0.2232  -0.0894 50  ASP A CB  
402 C CG  . ASP A 50  ? 0.7775 0.8419 0.8037 -0.0129 0.2405  -0.0766 50  ASP A CG  
403 O OD1 . ASP A 50  ? 0.8615 0.9349 0.8542 -0.0143 0.2526  -0.0723 50  ASP A OD1 
404 O OD2 . ASP A 50  ? 0.7655 0.8457 0.8353 -0.0161 0.2413  -0.0697 50  ASP A OD2 
405 N N   . ASN A 51  ? 0.5689 0.5482 0.5728 -0.0095 0.1810  -0.0971 51  ASN A N   
406 C CA  . ASN A 51  ? 0.5452 0.5059 0.5372 -0.0043 0.1672  -0.1094 51  ASN A CA  
407 C C   . ASN A 51  ? 0.5102 0.4550 0.5086 -0.0106 0.1488  -0.1019 51  ASN A C   
408 O O   . ASN A 51  ? 0.4469 0.3798 0.4459 -0.0074 0.1362  -0.1093 51  ASN A O   
409 C CB  . ASN A 51  ? 0.5683 0.5309 0.5844 0.0083  0.1701  -0.1243 51  ASN A CB  
410 C CG  . ASN A 51  ? 0.7379 0.7128 0.7352 0.0181  0.1865  -0.1371 51  ASN A CG  
411 O OD1 . ASN A 51  ? 0.8153 0.8061 0.8380 0.0272  0.1992  -0.1418 51  ASN A OD1 
412 N ND2 . ASN A 51  ? 0.6862 0.6561 0.6384 0.0178  0.1860  -0.1425 51  ASN A ND2 
413 N N   . VAL A 52  ? 0.4275 0.3729 0.4314 -0.0191 0.1475  -0.0871 52  VAL A N   
414 C CA  . VAL A 52  ? 0.3918 0.3252 0.4003 -0.0233 0.1320  -0.0795 52  VAL A CA  
415 C C   . VAL A 52  ? 0.4148 0.3423 0.3990 -0.0315 0.1308  -0.0671 52  VAL A C   
416 O O   . VAL A 52  ? 0.4292 0.3631 0.4162 -0.0360 0.1402  -0.0588 52  VAL A O   
417 C CB  . VAL A 52  ? 0.3524 0.2906 0.4046 -0.0215 0.1285  -0.0745 52  VAL A CB  
418 C CG1 . VAL A 52  ? 0.2420 0.1719 0.2954 -0.0235 0.1126  -0.0666 52  VAL A CG1 
419 C CG2 . VAL A 52  ? 0.2380 0.1809 0.3158 -0.0117 0.1298  -0.0846 52  VAL A CG2 
420 N N   . VAL A 53  ? 0.4471 0.3630 0.4090 -0.0327 0.1176  -0.0648 53  VAL A N   
421 C CA  . VAL A 53  ? 0.4033 0.3097 0.3433 -0.0380 0.1133  -0.0525 53  VAL A CA  
422 C C   . VAL A 53  ? 0.2885 0.1898 0.2474 -0.0385 0.1040  -0.0462 53  VAL A C   
423 O O   . VAL A 53  ? 0.2805 0.1848 0.2517 -0.0346 0.0917  -0.0479 53  VAL A O   
424 C CB  . VAL A 53  ? 0.4298 0.3301 0.3324 -0.0365 0.1032  -0.0529 53  VAL A CB  
425 C CG1 . VAL A 53  ? 0.3222 0.2110 0.2051 -0.0389 0.0959  -0.0392 53  VAL A CG1 
426 C CG2 . VAL A 53  ? 0.3477 0.2543 0.2252 -0.0349 0.1119  -0.0576 53  VAL A CG2 
427 N N   . PHE A 54  ? 0.2906 0.1890 0.2533 -0.0432 0.1073  -0.0361 54  PHE A N   
428 C CA  . PHE A 54  ? 0.2535 0.1558 0.2329 -0.0391 0.0892  -0.0283 54  PHE A CA  
429 C C   . PHE A 54  ? 0.2689 0.1611 0.2212 -0.0379 0.0770  -0.0197 54  PHE A C   
430 O O   . PHE A 54  ? 0.3093 0.1919 0.2431 -0.0417 0.0801  -0.0140 54  PHE A O   
431 C CB  . PHE A 54  ? 0.2231 0.1393 0.2304 -0.0392 0.0870  -0.0234 54  PHE A CB  
432 C CG  . PHE A 54  ? 0.2710 0.1994 0.3139 -0.0370 0.0955  -0.0302 54  PHE A CG  
433 C CD1 . PHE A 54  ? 0.2706 0.2012 0.3197 -0.0394 0.1151  -0.0396 54  PHE A CD1 
434 C CD2 . PHE A 54  ? 0.2320 0.1720 0.3010 -0.0316 0.0830  -0.0264 54  PHE A CD2 
435 C CE1 . PHE A 54  ? 0.3222 0.2662 0.4080 -0.0340 0.1208  -0.0460 54  PHE A CE1 
436 C CE2 . PHE A 54  ? 0.2021 0.1519 0.3083 -0.0282 0.0901  -0.0314 54  PHE A CE2 
437 C CZ  . PHE A 54  ? 0.2552 0.2062 0.3738 -0.0293 0.1104  -0.0420 54  PHE A CZ  
438 N N   . LEU A 55  ? 0.2886 0.1855 0.2422 -0.0316 0.0628  -0.0176 55  LEU A N   
439 C CA  . LEU A 55  ? 0.2558 0.1431 0.1886 -0.0286 0.0532  -0.0114 55  LEU A CA  
440 C C   . LEU A 55  ? 0.2358 0.1342 0.1846 -0.0231 0.0405  -0.0069 55  LEU A C   
441 O O   . LEU A 55  ? 0.2476 0.1592 0.2177 -0.0212 0.0365  -0.0076 55  LEU A O   
442 C CB  . LEU A 55  ? 0.2627 0.1422 0.1777 -0.0271 0.0500  -0.0150 55  LEU A CB  
443 C CG  . LEU A 55  ? 0.3140 0.1892 0.2088 -0.0302 0.0572  -0.0235 55  LEU A CG  
444 C CD1 . LEU A 55  ? 0.3156 0.1969 0.2001 -0.0264 0.0456  -0.0277 55  LEU A CD1 
445 C CD2 . LEU A 55  ? 0.2298 0.0945 0.0965 -0.0327 0.0644  -0.0165 55  LEU A CD2 
446 N N   . LYS A 56  ? 0.3693 0.2577 0.3036 -0.0203 0.0347  -0.0027 56  LYS A N   
447 C CA  A LYS A 56  ? 0.3547 0.2472 0.2964 -0.0154 0.0252  -0.0010 56  LYS A CA  
448 C CA  B LYS A 56  ? 0.3509 0.2433 0.2926 -0.0155 0.0252  -0.0010 56  LYS A CA  
449 C C   . LYS A 56  ? 0.3440 0.2269 0.2660 -0.0077 0.0209  0.0003  56  LYS A C   
450 O O   . LYS A 56  ? 0.3492 0.2168 0.2504 -0.0052 0.0207  0.0026  56  LYS A O   
451 C CB  A LYS A 56  ? 0.3182 0.2046 0.2639 -0.0186 0.0222  0.0005  56  LYS A CB  
452 C CB  B LYS A 56  ? 0.3058 0.1914 0.2505 -0.0188 0.0224  0.0006  56  LYS A CB  
453 C CG  A LYS A 56  ? 0.3059 0.1897 0.2524 -0.0140 0.0138  -0.0008 56  LYS A CG  
454 C CG  B LYS A 56  ? 0.3001 0.1939 0.2655 -0.0207 0.0167  -0.0008 56  LYS A CG  
455 C CD  A LYS A 56  ? 0.2785 0.1729 0.2447 -0.0162 0.0104  -0.0024 56  LYS A CD  
456 C CD  B LYS A 56  ? 0.4078 0.2888 0.3710 -0.0223 0.0109  -0.0012 56  LYS A CD  
457 C CE  A LYS A 56  ? 0.2671 0.1644 0.2507 -0.0250 0.0115  -0.0016 56  LYS A CE  
458 C CE  B LYS A 56  ? 0.3428 0.2277 0.3264 -0.0276 0.0054  -0.0035 56  LYS A CE  
459 N NZ  A LYS A 56  ? 0.1570 0.0581 0.1566 -0.0277 0.0048  -0.0027 56  LYS A NZ  
460 N NZ  B LYS A 56  ? 0.3150 0.1843 0.2925 -0.0284 -0.0002 -0.0078 56  LYS A NZ  
461 N N   . VAL A 57  ? 0.3112 0.2009 0.2384 -0.0024 0.0175  0.0000  57  VAL A N   
462 C CA  . VAL A 57  ? 0.3573 0.2392 0.2678 0.0083  0.0142  0.0014  57  VAL A CA  
463 C C   . VAL A 57  ? 0.3156 0.1976 0.2232 0.0172  0.0103  0.0007  57  VAL A C   
464 O O   . VAL A 57  ? 0.4434 0.3323 0.3593 0.0174  0.0113  0.0014  57  VAL A O   
465 C CB  . VAL A 57  ? 0.3904 0.2868 0.3091 0.0086  0.0153  0.0017  57  VAL A CB  
466 C CG1 . VAL A 57  ? 0.4332 0.3451 0.3507 0.0205  0.0111  0.0040  57  VAL A CG1 
467 C CG2 . VAL A 57  ? 0.3355 0.2295 0.2465 0.0036  0.0163  -0.0004 57  VAL A CG2 
468 N N   . ASP A 58  ? 0.3220 0.1936 0.2146 0.0257  0.0061  -0.0004 58  ASP A N   
469 C CA  . ASP A 58  ? 0.3313 0.2027 0.2162 0.0373  0.0030  -0.0036 58  ASP A CA  
470 C C   . ASP A 58  ? 0.2880 0.1748 0.1709 0.0531  0.0051  -0.0023 58  ASP A C   
471 O O   . ASP A 58  ? 0.4609 0.3482 0.3391 0.0617  0.0032  -0.0007 58  ASP A O   
472 C CB  . ASP A 58  ? 0.3227 0.1776 0.1965 0.0401  -0.0021 -0.0065 58  ASP A CB  
473 C CG  . ASP A 58  ? 0.4454 0.2979 0.3105 0.0502  -0.0059 -0.0127 58  ASP A CG  
474 O OD1 . ASP A 58  ? 0.4831 0.3498 0.3439 0.0641  -0.0038 -0.0135 58  ASP A OD1 
475 O OD2 . ASP A 58  ? 0.6066 0.4453 0.4701 0.0446  -0.0105 -0.0171 58  ASP A OD2 
476 N N   . VAL A 59  ? 0.1297 0.4103 0.2292 0.0606  0.0285  0.0521  59  VAL A N   
477 C CA  . VAL A 59  ? 0.1276 0.4228 0.2572 0.0564  0.0331  0.0498  59  VAL A CA  
478 C C   . VAL A 59  ? 0.1714 0.4709 0.3199 0.0632  0.0364  0.0501  59  VAL A C   
479 O O   . VAL A 59  ? 0.1614 0.4767 0.3444 0.0606  0.0379  0.0456  59  VAL A O   
480 C CB  . VAL A 59  ? 0.1315 0.4182 0.2608 0.0498  0.0483  0.0484  59  VAL A CB  
481 C CG1 . VAL A 59  ? 0.1258 0.4084 0.2396 0.0427  0.0443  0.0473  59  VAL A CG1 
482 C CG2 . VAL A 59  ? 0.2301 0.4946 0.3393 0.0564  0.0615  0.0515  59  VAL A CG2 
483 N N   . ASP A 60  ? 0.1367 0.4227 0.2670 0.0715  0.0377  0.0536  60  ASP A N   
484 C CA  . ASP A 60  ? 0.2267 0.5167 0.3746 0.0777  0.0399  0.0536  60  ASP A CA  
485 C C   . ASP A 60  ? 0.2839 0.5832 0.4365 0.0833  0.0232  0.0541  60  ASP A C   
486 O O   . ASP A 60  ? 0.3624 0.6706 0.5391 0.0881  0.0200  0.0523  60  ASP A O   
487 C CB  . ASP A 60  ? 0.1489 0.4181 0.2753 0.0835  0.0506  0.0567  60  ASP A CB  
488 C CG  . ASP A 60  ? 0.2111 0.4655 0.3257 0.0806  0.0660  0.0565  60  ASP A CG  
489 O OD1 . ASP A 60  ? 0.2810 0.5418 0.4164 0.0748  0.0772  0.0534  60  ASP A OD1 
490 O OD2 . ASP A 60  ? 0.2651 0.4995 0.3498 0.0845  0.0672  0.0585  60  ASP A OD2 
491 N N   . GLU A 61  ? 0.2558 0.5507 0.3851 0.0836  0.0129  0.0562  61  GLU A N   
492 C CA  . GLU A 61  ? 0.2724 0.5704 0.3986 0.0900  -0.0029 0.0572  61  GLU A CA  
493 C C   . GLU A 61  ? 0.2987 0.6134 0.4454 0.0868  -0.0191 0.0528  61  GLU A C   
494 O O   . GLU A 61  ? 0.2217 0.5406 0.3788 0.0933  -0.0348 0.0516  61  GLU A O   
495 C CB  . GLU A 61  ? 0.2538 0.5352 0.3438 0.0933  -0.0040 0.0608  61  GLU A CB  
496 N N   . VAL A 62  ? 0.3387 0.6608 0.4908 0.0770  -0.0171 0.0499  62  VAL A N   
497 C CA  . VAL A 62  ? 0.4051 0.7424 0.5783 0.0726  -0.0327 0.0440  62  VAL A CA  
498 C C   . VAL A 62  ? 0.4208 0.7734 0.6328 0.0640  -0.0220 0.0378  62  VAL A C   
499 O O   . VAL A 62  ? 0.4768 0.8316 0.6873 0.0543  -0.0169 0.0357  62  VAL A O   
500 C CB  . VAL A 62  ? 0.1754 0.5073 0.3202 0.0667  -0.0407 0.0445  62  VAL A CB  
501 C CG1 . VAL A 62  ? 0.1713 0.5089 0.3229 0.0668  -0.0645 0.0392  62  VAL A CG1 
502 C CG2 . VAL A 62  ? 0.1660 0.4779 0.2696 0.0720  -0.0383 0.0508  62  VAL A CG2 
503 N N   . GLU A 63  ? 0.5227 0.8842 0.7705 0.0674  -0.0166 0.0339  63  GLU A N   
504 C CA  . GLU A 63  ? 0.6128 0.9845 0.8979 0.0592  0.0004  0.0271  63  GLU A CA  
505 C C   . GLU A 63  ? 0.6794 1.0662 0.9914 0.0500  -0.0078 0.0191  63  GLU A C   
506 O O   . GLU A 63  ? 0.5263 0.9126 0.8451 0.0399  0.0087  0.0165  63  GLU A O   
507 C CB  . GLU A 63  ? 0.5362 0.9163 0.8613 0.0645  0.0074  0.0215  63  GLU A CB  
508 C CG  . GLU A 63  ? 0.5173 0.9058 0.8810 0.0558  0.0301  0.0115  63  GLU A CG  
509 C CD  . GLU A 63  ? 0.4947 0.9086 0.9176 0.0538  0.0195  -0.0044 63  GLU A CD  
510 N N   . ASP A 64  ? 0.8131 1.2094 1.1366 0.0537  -0.0342 0.0154  64  ASP A N   
511 C CA  . ASP A 64  ? 0.8807 1.2907 1.2330 0.0459  -0.0467 0.0072  64  ASP A CA  
512 C C   . ASP A 64  ? 0.8580 1.2620 1.1802 0.0352  -0.0432 0.0082  64  ASP A C   
513 O O   . ASP A 64  ? 0.9369 1.3504 1.2821 0.0268  -0.0496 0.0011  64  ASP A O   
514 C CB  . ASP A 64  ? 0.9358 1.3504 1.2972 0.0537  -0.0798 0.0053  64  ASP A CB  
515 C CG  . ASP A 64  ? 0.9788 1.3731 1.2831 0.0630  -0.0945 0.0123  64  ASP A CG  
516 O OD1 . ASP A 64  ? 0.9781 1.3591 1.2407 0.0613  -0.0796 0.0195  64  ASP A OD1 
517 O OD2 . ASP A 64  ? 1.0107 1.4000 1.3112 0.0716  -0.1201 0.0125  64  ASP A OD2 
518 N N   . VAL A 65  ? 0.7255 1.1129 0.9999 0.0351  -0.0336 0.0171  65  VAL A N   
519 C CA  . VAL A 65  ? 0.5846 0.9655 0.8342 0.0247  -0.0297 0.0179  65  VAL A CA  
520 C C   . VAL A 65  ? 0.4301 0.8021 0.6773 0.0177  -0.0030 0.0202  65  VAL A C   
521 O O   . VAL A 65  ? 0.4579 0.8259 0.6977 0.0076  0.0026  0.0185  65  VAL A O   
522 C CB  . VAL A 65  ? 0.5869 0.9532 0.7871 0.0278  -0.0381 0.0248  65  VAL A CB  
523 C CG1 . VAL A 65  ? 0.6208 0.9854 0.8098 0.0359  -0.0639 0.0237  65  VAL A CG1 
524 C CG2 . VAL A 65  ? 0.5118 0.8637 0.6883 0.0342  -0.0230 0.0331  65  VAL A CG2 
525 N N   . ALA A 66  ? 0.1973 0.5624 0.4466 0.0233  0.0129  0.0237  66  ALA A N   
526 C CA  . ALA A 66  ? 0.1552 0.5041 0.3925 0.0190  0.0368  0.0264  66  ALA A CA  
527 C C   . ALA A 66  ? 0.2937 0.6490 0.5679 0.0095  0.0518  0.0184  66  ALA A C   
528 O O   . ALA A 66  ? 0.1830 0.5249 0.4450 0.0017  0.0665  0.0186  66  ALA A O   
529 C CB  . ALA A 66  ? 0.1619 0.4969 0.3846 0.0283  0.0482  0.0319  66  ALA A CB  
530 N N   . ALA A 67  ? 0.3296 0.4691 0.3944 0.0057  0.0968  0.0069  67  ALA A N   
531 C CA  . ALA A 67  ? 0.4331 0.5753 0.5052 0.0008  0.1010  0.0071  67  ALA A CA  
532 C C   . ALA A 67  ? 0.3134 0.4581 0.3890 -0.0054 0.1009  0.0053  67  ALA A C   
533 O O   . ALA A 67  ? 0.3513 0.4990 0.4284 -0.0134 0.0993  0.0019  67  ALA A O   
534 C CB  . ALA A 67  ? 0.6323 0.7800 0.7150 0.0050  0.1069  0.0091  67  ALA A CB  
535 N N   . GLU A 68  ? 0.3242 0.4668 0.4000 -0.0027 0.1010  0.0057  68  GLU A N   
536 C CA  . GLU A 68  ? 0.3388 0.4898 0.4167 -0.0093 0.0997  0.0015  68  GLU A CA  
537 C C   . GLU A 68  ? 0.3401 0.4825 0.4095 -0.0156 0.0942  -0.0029 68  GLU A C   
538 O O   . GLU A 68  ? 0.2477 0.3958 0.3186 -0.0237 0.0917  -0.0088 68  GLU A O   
539 C CB  . GLU A 68  ? 0.4737 0.6288 0.5544 -0.0056 0.1027  0.0017  68  GLU A CB  
540 C CG  . GLU A 68  ? 0.6564 0.8293 0.7372 -0.0121 0.0981  -0.0031 68  GLU A CG  
541 C CD  . GLU A 68  ? 0.7580 0.9413 0.8384 -0.0082 0.0990  -0.0022 68  GLU A CD  
542 O OE1 . GLU A 68  ? 0.8181 1.0091 0.9052 -0.0032 0.1018  0.0001  68  GLU A OE1 
543 O OE2 . GLU A 68  ? 0.7496 0.9411 0.8225 -0.0114 0.0956  -0.0050 68  GLU A OE2 
544 N N   . TYR A 69  ? 0.3139 0.4434 0.3760 -0.0132 0.0925  -0.0020 69  TYR A N   
545 C CA  . TYR A 69  ? 0.2165 0.3337 0.2729 -0.0200 0.0886  -0.0082 69  TYR A CA  
546 C C   . TYR A 69  ? 0.1852 0.2940 0.2414 -0.0258 0.0876  -0.0110 69  TYR A C   
547 O O   . TYR A 69  ? 0.3206 0.4161 0.3739 -0.0307 0.0859  -0.0153 69  TYR A O   
548 C CB  . TYR A 69  ? 0.2476 0.3551 0.2976 -0.0158 0.0875  -0.0080 69  TYR A CB  
549 C CG  . TYR A 69  ? 0.2816 0.3970 0.3314 -0.0128 0.0892  -0.0056 69  TYR A CG  
550 C CD1 . TYR A 69  ? 0.3215 0.4464 0.3751 -0.0038 0.0943  0.0025  69  TYR A CD1 
551 C CD2 . TYR A 69  ? 0.2944 0.4069 0.3416 -0.0191 0.0877  -0.0120 69  TYR A CD2 
552 C CE1 . TYR A 69  ? 0.3312 0.4587 0.3850 -0.0027 0.0980  0.0030  69  TYR A CE1 
553 C CE2 . TYR A 69  ? 0.4655 0.5873 0.5114 -0.0173 0.0897  -0.0110 69  TYR A CE2 
554 C CZ  . TYR A 69  ? 0.4339 0.5634 0.4823 -0.0090 0.0949  -0.0032 69  TYR A CZ  
555 O OH  . TYR A 69  ? 0.5211 0.6588 0.5667 -0.0090 0.0973  -0.0039 69  TYR A OH  
556 N N   . GLY A 70  ? 0.1721 0.2887 0.2319 -0.0245 0.0897  -0.0075 70  GLY A N   
557 C CA  . GLY A 70  ? 0.1419 0.2552 0.2025 -0.0294 0.0903  -0.0076 70  GLY A CA  
558 C C   . GLY A 70  ? 0.1925 0.2928 0.2464 -0.0281 0.0892  -0.0081 70  GLY A C   
559 O O   . GLY A 70  ? 0.3309 0.4245 0.3843 -0.0327 0.0891  -0.0083 70  GLY A O   
560 N N   . ILE A 71  ? 0.2643 0.3619 0.3142 -0.0219 0.0891  -0.0081 71  ILE A N   
561 C CA  . ILE A 71  ? 0.3694 0.4559 0.4143 -0.0209 0.0885  -0.0101 71  ILE A CA  
562 C C   . ILE A 71  ? 0.3079 0.4017 0.3526 -0.0209 0.0911  -0.0076 71  ILE A C   
563 O O   . ILE A 71  ? 0.2641 0.3690 0.3111 -0.0170 0.0939  -0.0055 71  ILE A O   
564 C CB  . ILE A 71  ? 0.2750 0.3579 0.3181 -0.0150 0.0887  -0.0117 71  ILE A CB  
565 C CG1 . ILE A 71  ? 0.2304 0.3106 0.2738 -0.0138 0.0873  -0.0121 71  ILE A CG1 
566 C CG2 . ILE A 71  ? 0.2975 0.3672 0.3370 -0.0153 0.0883  -0.0153 71  ILE A CG2 
567 C CD1 . ILE A 71  ? 0.2107 0.2791 0.2526 -0.0193 0.0851  -0.0152 71  ILE A CD1 
568 N N   . SER A 72  ? 0.3191 0.4077 0.3615 -0.0245 0.0909  -0.0069 72  SER A N   
569 C CA  . SER A 72  ? 0.3761 0.4739 0.4175 -0.0243 0.0941  -0.0030 72  SER A CA  
570 C C   . SER A 72  ? 0.3020 0.3957 0.3376 -0.0226 0.0944  -0.0047 72  SER A C   
571 O O   . SER A 72  ? 0.4689 0.5710 0.5021 -0.0210 0.0979  -0.0026 72  SER A O   
572 C CB  . SER A 72  ? 0.4026 0.5051 0.4480 -0.0300 0.0954  0.0028  72  SER A CB  
573 O OG  . SER A 72  ? 0.4969 0.5898 0.5415 -0.0336 0.0931  0.0033  72  SER A OG  
574 N N   . ALA A 73  ? 0.1792 0.2598 0.2128 -0.0228 0.0914  -0.0089 73  ALA A N   
575 C CA  . ALA A 73  ? 0.3113 0.3887 0.3407 -0.0214 0.0916  -0.0115 73  ALA A CA  
576 C C   . ALA A 73  ? 0.2661 0.3286 0.2961 -0.0204 0.0892  -0.0176 73  ALA A C   
577 O O   . ALA A 73  ? 0.3538 0.4078 0.3862 -0.0213 0.0873  -0.0184 73  ALA A O   
578 C CB  . ALA A 73  ? 0.3109 0.3910 0.3388 -0.0246 0.0917  -0.0059 73  ALA A CB  
579 N N   . MET A 74  ? 0.3079 0.3677 0.3360 -0.0188 0.0900  -0.0221 74  MET A N   
580 C CA  A MET A 74  ? 0.2455 0.2911 0.2760 -0.0180 0.0888  -0.0276 74  MET A CA  
581 C CA  B MET A 74  ? 0.2332 0.2787 0.2637 -0.0181 0.0889  -0.0275 74  MET A CA  
582 C C   . MET A 74  ? 0.2181 0.2579 0.2478 -0.0198 0.0878  -0.0303 74  MET A C   
583 O O   . MET A 74  ? 0.2474 0.2976 0.2736 -0.0197 0.0889  -0.0297 74  MET A O   
584 C CB  A MET A 74  ? 0.2656 0.3127 0.2985 -0.0142 0.0918  -0.0316 74  MET A CB  
585 C CB  B MET A 74  ? 0.2326 0.2795 0.2656 -0.0143 0.0917  -0.0314 74  MET A CB  
586 C CG  A MET A 74  ? 0.3060 0.3615 0.3412 -0.0111 0.0935  -0.0286 74  MET A CG  
587 C CG  B MET A 74  ? 0.3349 0.3913 0.3697 -0.0115 0.0932  -0.0280 74  MET A CG  
588 S SD  A MET A 74  ? 0.2409 0.2866 0.2812 -0.0084 0.0933  -0.0279 74  MET A SD  
589 S SD  B MET A 74  ? 0.1945 0.2427 0.2324 -0.0109 0.0913  -0.0254 74  MET A SD  
590 C CE  A MET A 74  ? 0.1376 0.1767 0.1757 -0.0127 0.0892  -0.0250 74  MET A CE  
591 C CE  B MET A 74  ? 0.1443 0.1785 0.1864 -0.0086 0.0933  -0.0297 74  MET A CE  
592 N N   . PRO A 75  ? 0.1659 0.1905 0.1989 -0.0211 0.0862  -0.0328 75  PRO A N   
593 C CA  . PRO A 75  ? 0.1337 0.1466 0.1696 -0.0211 0.0855  -0.0325 75  PRO A CA  
594 C C   . PRO A 75  ? 0.3173 0.3310 0.3521 -0.0228 0.0840  -0.0287 75  PRO A C   
595 O O   . PRO A 75  ? 0.2007 0.2206 0.2344 -0.0246 0.0835  -0.0260 75  PRO A O   
596 C CB  . PRO A 75  ? 0.1323 0.1303 0.1716 -0.0227 0.0850  -0.0360 75  PRO A CB  
597 C CG  . PRO A 75  ? 0.1626 0.1656 0.2009 -0.0241 0.0843  -0.0373 75  PRO A CG  
598 C CD  . PRO A 75  ? 0.2210 0.2410 0.2551 -0.0223 0.0857  -0.0366 75  PRO A CD  
599 N N   . THR A 76  ? 0.3367 0.3471 0.3727 -0.0223 0.0838  -0.0281 76  THR A N   
600 C CA  . THR A 76  ? 0.1867 0.1974 0.2232 -0.0249 0.0826  -0.0268 76  THR A CA  
601 C C   . THR A 76  ? 0.1888 0.1885 0.2265 -0.0253 0.0824  -0.0292 76  THR A C   
602 O O   . THR A 76  ? 0.3061 0.3058 0.3440 -0.0225 0.0833  -0.0285 76  THR A O   
603 C CB  . THR A 76  ? 0.1911 0.2173 0.2276 -0.0247 0.0832  -0.0233 76  THR A CB  
604 O OG1 . THR A 76  ? 0.2176 0.2537 0.2533 -0.0256 0.0840  -0.0203 76  THR A OG1 
605 C CG2 . THR A 76  ? 0.1288 0.1550 0.1672 -0.0282 0.0825  -0.0238 76  THR A CG2 
606 N N   . PHE A 77  ? 0.2067 0.1977 0.2458 -0.0282 0.0819  -0.0316 77  PHE A N   
607 C CA  . PHE A 77  ? 0.1272 0.1095 0.1672 -0.0293 0.0822  -0.0345 77  PHE A CA  
608 C C   . PHE A 77  ? 0.2781 0.2671 0.3186 -0.0322 0.0823  -0.0359 77  PHE A C   
609 O O   . PHE A 77  ? 0.3547 0.3421 0.3978 -0.0348 0.0828  -0.0372 77  PHE A O   
610 C CB  . PHE A 77  ? 0.1270 0.0936 0.1698 -0.0305 0.0826  -0.0380 77  PHE A CB  
611 C CG  . PHE A 77  ? 0.2241 0.1856 0.2679 -0.0291 0.0827  -0.0376 77  PHE A CG  
612 C CD1 . PHE A 77  ? 0.1869 0.1424 0.2319 -0.0283 0.0840  -0.0373 77  PHE A CD1 
613 C CD2 . PHE A 77  ? 0.3521 0.3175 0.3962 -0.0288 0.0820  -0.0370 77  PHE A CD2 
614 C CE1 . PHE A 77  ? 0.2165 0.1679 0.2643 -0.0283 0.0848  -0.0378 77  PHE A CE1 
615 C CE2 . PHE A 77  ? 0.2316 0.1957 0.2772 -0.0284 0.0824  -0.0380 77  PHE A CE2 
616 C CZ  . PHE A 77  ? 0.2350 0.1913 0.2832 -0.0287 0.0838  -0.0390 77  PHE A CZ  
617 N N   . GLN A 78  ? 0.2765 0.2748 0.3156 -0.0319 0.0824  -0.0351 78  GLN A N   
618 C CA  . GLN A 78  ? 0.2596 0.2663 0.3000 -0.0359 0.0829  -0.0378 78  GLN A CA  
619 C C   . GLN A 78  ? 0.2464 0.2487 0.2862 -0.0379 0.0838  -0.0423 78  GLN A C   
620 O O   . GLN A 78  ? 0.1782 0.1774 0.2157 -0.0348 0.0844  -0.0403 78  GLN A O   
621 C CB  . GLN A 78  ? 0.2354 0.2622 0.2753 -0.0345 0.0826  -0.0337 78  GLN A CB  
622 C CG  . GLN A 78  ? 0.1644 0.1975 0.2056 -0.0338 0.0824  -0.0298 78  GLN A CG  
623 C CD  . GLN A 78  ? 0.1684 0.2212 0.2110 -0.0320 0.0827  -0.0258 78  GLN A CD  
624 O OE1 . GLN A 78  ? 0.1766 0.2396 0.2187 -0.0300 0.0830  -0.0246 78  GLN A OE1 
625 N NE2 . GLN A 78  ? 0.2308 0.2906 0.2756 -0.0325 0.0832  -0.0228 78  GLN A NE2 
626 N N   . PHE A 79  ? 0.2197 0.2217 0.2621 -0.0433 0.0849  -0.0486 79  PHE A N   
627 C CA  . PHE A 79  ? 0.1652 0.1619 0.2081 -0.0468 0.0866  -0.0551 79  PHE A CA  
628 C C   . PHE A 79  ? 0.2415 0.2556 0.2840 -0.0510 0.0871  -0.0589 79  PHE A C   
629 O O   . PHE A 79  ? 0.3927 0.4131 0.4388 -0.0547 0.0874  -0.0618 79  PHE A O   
630 C CB  . PHE A 79  ? 0.2468 0.2261 0.2952 -0.0493 0.0887  -0.0618 79  PHE A CB  
631 C CG  . PHE A 79  ? 0.2096 0.1738 0.2590 -0.0450 0.0884  -0.0589 79  PHE A CG  
632 C CD1 . PHE A 79  ? 0.2334 0.1986 0.2821 -0.0412 0.0867  -0.0529 79  PHE A CD1 
633 C CD2 . PHE A 79  ? 0.3184 0.2788 0.3687 -0.0422 0.0862  -0.0569 79  PHE A CD2 
634 C CE1 . PHE A 79  ? 0.3175 0.2744 0.3670 -0.0374 0.0855  -0.0499 79  PHE A CE1 
635 C CE2 . PHE A 79  ? 0.2869 0.2436 0.3379 -0.0368 0.0828  -0.0508 79  PHE A CE2 
636 C CZ  . PHE A 79  ? 0.3483 0.3040 0.3988 -0.0346 0.0823  -0.0476 79  PHE A CZ  
637 N N   . PHE A 80  ? 0.2615 0.2852 0.3001 -0.0505 0.0878  -0.0588 80  PHE A N   
638 C CA  . PHE A 80  ? 0.1970 0.2414 0.2342 -0.0538 0.0883  -0.0623 80  PHE A CA  
639 C C   . PHE A 80  ? 0.3055 0.3501 0.3422 -0.0592 0.0906  -0.0712 80  PHE A C   
640 O O   . PHE A 80  ? 0.2757 0.3135 0.3093 -0.0565 0.0920  -0.0690 80  PHE A O   
641 C CB  . PHE A 80  ? 0.2229 0.2865 0.2544 -0.0460 0.0877  -0.0518 80  PHE A CB  
642 C CG  . PHE A 80  ? 0.2339 0.3007 0.2674 -0.0412 0.0861  -0.0440 80  PHE A CG  
643 C CD1 . PHE A 80  ? 0.2139 0.2695 0.2466 -0.0351 0.0856  -0.0374 80  PHE A CD1 
644 C CD2 . PHE A 80  ? 0.2049 0.2860 0.2419 -0.0438 0.0853  -0.0447 80  PHE A CD2 
645 C CE1 . PHE A 80  ? 0.1896 0.2492 0.2241 -0.0313 0.0847  -0.0317 80  PHE A CE1 
646 C CE2 . PHE A 80  ? 0.2383 0.3228 0.2777 -0.0396 0.0847  -0.0377 80  PHE A CE2 
647 C CZ  . PHE A 80  ? 0.1906 0.2648 0.2284 -0.0332 0.0843  -0.0312 80  PHE A CZ  
648 N N   . LYS A 81  ? 0.3084 0.3614 0.3489 -0.0674 0.0915  -0.0821 81  LYS A N   
649 C CA  . LYS A 81  ? 0.3123 0.3699 0.3532 -0.0745 0.0944  -0.0936 81  LYS A CA  
650 C C   . LYS A 81  ? 0.3428 0.4296 0.3804 -0.0798 0.0948  -0.1003 81  LYS A C   
651 O O   . LYS A 81  ? 0.2967 0.3934 0.3394 -0.0864 0.0945  -0.1081 81  LYS A O   
652 C CB  . LYS A 81  ? 0.3497 0.3891 0.4016 -0.0841 0.0985  -0.1088 81  LYS A CB  
653 C CG  . LYS A 81  ? 0.4012 0.4419 0.4571 -0.0928 0.1027  -0.1220 81  LYS A CG  
654 C CD  . LYS A 81  ? 0.3988 0.4318 0.4667 -0.0950 0.1063  -0.1301 81  LYS A CD  
655 N N   . ASN A 82  ? 0.4508 0.5528 0.4790 -0.0764 0.0955  -0.0971 82  ASN A N   
656 C CA  . ASN A 82  ? 0.5498 0.6838 0.5725 -0.0810 0.0952  -0.1035 82  ASN A CA  
657 C C   . ASN A 82  ? 0.5122 0.6621 0.5331 -0.0756 0.0920  -0.0943 82  ASN A C   
658 O O   . ASN A 82  ? 0.5518 0.7288 0.5736 -0.0832 0.0903  -0.1037 82  ASN A O   
659 C CB  . ASN A 82  ? 0.4818 0.6268 0.5135 -0.0979 0.0969  -0.1271 82  ASN A CB  
660 C CG  . ASN A 82  ? 0.4073 0.5475 0.4401 -0.1035 0.1008  -0.1369 82  ASN A CG  
661 O OD1 . ASN A 82  ? 0.4134 0.5625 0.4342 -0.0973 0.1016  -0.1303 82  ASN A OD1 
662 N ND2 . ASN A 82  ? 0.3033 0.4290 0.3514 -0.1148 0.1045  -0.1525 82  ASN A ND2 
663 N N   . GLY A 83  ? 0.5589 0.6940 0.5787 -0.0631 0.0913  -0.0768 83  GLY A N   
664 C CA  . GLY A 83  ? 0.5690 0.7161 0.5888 -0.0567 0.0896  -0.0665 83  GLY A CA  
665 C C   . GLY A 83  ? 0.4980 0.6421 0.5279 -0.0623 0.0875  -0.0711 83  GLY A C   
666 O O   . GLY A 83  ? 0.5558 0.7136 0.5880 -0.0598 0.0861  -0.0659 83  GLY A O   
667 N N   . LYS A 84  ? 0.4654 0.4651 0.5633 -0.0519 0.0887  -0.0972 84  LYS A N   
668 C CA  . LYS A 84  ? 0.3842 0.3824 0.4928 -0.0531 0.0956  -0.0949 84  LYS A CA  
669 C C   . LYS A 84  ? 0.2592 0.2430 0.3581 -0.0471 0.0983  -0.0826 84  LYS A C   
670 O O   . LYS A 84  ? 0.4071 0.3848 0.4962 -0.0431 0.0995  -0.0754 84  LYS A O   
671 C CB  . LYS A 84  ? 0.4390 0.4299 0.5452 -0.0594 0.1042  -0.0964 84  LYS A CB  
672 C CG  . LYS A 84  ? 0.5737 0.5538 0.6776 -0.0619 0.1121  -0.0953 84  LYS A CG  
673 N N   . LYS A 85  ? 0.3299 0.3129 0.4323 -0.0465 0.0991  -0.0821 85  LYS A N   
674 C CA  . LYS A 85  ? 0.3498 0.3210 0.4424 -0.0403 0.1015  -0.0706 85  LYS A CA  
675 C C   . LYS A 85  ? 0.4006 0.3521 0.4829 -0.0396 0.1124  -0.0638 85  LYS A C   
676 O O   . LYS A 85  ? 0.3439 0.2851 0.4254 -0.0479 0.1223  -0.0690 85  LYS A O   
677 C CB  . LYS A 85  ? 0.3790 0.3549 0.4766 -0.0427 0.1013  -0.0750 85  LYS A CB  
678 C CG  . LYS A 85  ? 0.3901 0.3519 0.4763 -0.0384 0.1060  -0.0640 85  LYS A CG  
679 C CD  . LYS A 85  ? 0.4390 0.4105 0.5303 -0.0415 0.1043  -0.0705 85  LYS A CD  
680 C CE  . LYS A 85  ? 0.3794 0.3326 0.4564 -0.0406 0.1124  -0.0615 85  LYS A CE  
681 N NZ  . LYS A 85  ? 0.3879 0.3508 0.4675 -0.0477 0.1136  -0.0711 85  LYS A NZ  
682 N N   . VAL A 86  ? 0.4264 0.3744 0.5013 -0.0295 0.1115  -0.0542 86  VAL A N   
683 C CA  . VAL A 86  ? 0.3915 0.3230 0.4581 -0.0240 0.1204  -0.0505 86  VAL A CA  
684 C C   . VAL A 86  ? 0.4816 0.3982 0.5373 -0.0152 0.1241  -0.0420 86  VAL A C   
685 O O   . VAL A 86  ? 0.4580 0.3501 0.4997 -0.0093 0.1314  -0.0407 86  VAL A O   
686 C CB  . VAL A 86  ? 0.3362 0.2786 0.4043 -0.0167 0.1165  -0.0534 86  VAL A CB  
687 C CG1 . VAL A 86  ? 0.2506 0.1964 0.3241 -0.0261 0.1186  -0.0622 86  VAL A CG1 
688 C CG2 . VAL A 86  ? 0.1709 0.1354 0.2406 -0.0123 0.1070  -0.0514 86  VAL A CG2 
689 N N   . ASP A 87  ? 0.4112 0.3379 0.4689 -0.0127 0.1175  -0.0368 87  ASP A N   
690 C CA  . ASP A 87  ? 0.3291 0.2424 0.3762 -0.0042 0.1207  -0.0286 87  ASP A CA  
691 C C   . ASP A 87  ? 0.2976 0.2228 0.3488 -0.0066 0.1148  -0.0249 87  ASP A C   
692 O O   . ASP A 87  ? 0.2298 0.1734 0.2906 -0.0111 0.1058  -0.0295 87  ASP A O   
693 C CB  . ASP A 87  ? 0.3662 0.2864 0.4116 0.0123  0.1139  -0.0267 87  ASP A CB  
694 C CG  . ASP A 87  ? 0.3702 0.2601 0.3977 0.0255  0.1165  -0.0229 87  ASP A CG  
695 O OD1 . ASP A 87  ? 0.4189 0.2806 0.4298 0.0197  0.1243  -0.0175 87  ASP A OD1 
696 O OD2 . ASP A 87  ? 0.4290 0.3222 0.4564 0.0418  0.1082  -0.0274 87  ASP A OD2 
697 N N   . GLU A 88  ? 0.2751 0.1870 0.3161 -0.0017 0.1194  -0.0177 88  GLU A N   
698 C CA  . GLU A 88  ? 0.2452 0.1682 0.2895 -0.0039 0.1138  -0.0152 88  GLU A CA  
699 C C   . GLU A 88  ? 0.3360 0.2454 0.3676 0.0056  0.1183  -0.0049 88  GLU A C   
700 O O   . GLU A 88  ? 0.3489 0.2264 0.3612 0.0105  0.1288  -0.0020 88  GLU A O   
701 C CB  . GLU A 88  ? 0.3941 0.3133 0.4396 -0.0178 0.1190  -0.0257 88  GLU A CB  
702 C CG  . GLU A 88  ? 0.4737 0.4077 0.5229 -0.0200 0.1131  -0.0275 88  GLU A CG  
703 C CD  . GLU A 88  ? 0.5854 0.5215 0.6348 -0.0349 0.1193  -0.0425 88  GLU A CD  
704 O OE1 . GLU A 88  ? 0.5755 0.5309 0.6404 -0.0396 0.1138  -0.0550 88  GLU A OE1 
705 O OE2 . GLU A 88  ? 0.6390 0.5588 0.6704 -0.0430 0.1294  -0.0432 88  GLU A OE2 
706 N N   . LEU A 89  ? 0.3290 0.2579 0.3656 0.0098  0.1080  -0.0001 89  LEU A N   
707 C CA  . LEU A 89  ? 0.3046 0.2239 0.3302 0.0181  0.1112  0.0095  89  LEU A CA  
708 C C   . LEU A 89  ? 0.1639 0.0963 0.1936 0.0107  0.1052  0.0090  89  LEU A C   
709 O O   . LEU A 89  ? 0.2442 0.1999 0.2853 0.0081  0.0933  0.0047  89  LEU A O   
710 C CB  . LEU A 89  ? 0.3396 0.2780 0.3685 0.0318  0.1009  0.0130  89  LEU A CB  
711 C CG  . LEU A 89  ? 0.2482 0.1847 0.2684 0.0442  0.0991  0.0214  89  LEU A CG  
712 C CD1 . LEU A 89  ? 0.2831 0.1774 0.2805 0.0561  0.1028  0.0247  89  LEU A CD1 
713 C CD2 . LEU A 89  ? 0.2951 0.2651 0.3249 0.0514  0.0873  0.0179  89  LEU A CD2 
714 N N   . THR A 90  ? 0.3648 0.2805 0.3803 0.0072  0.1130  0.0121  90  THR A N   
715 C CA  A THR A 90  ? 0.3489 0.2826 0.3690 0.0012  0.1054  0.0097  90  THR A CA  
716 C CA  B THR A 90  ? 0.3512 0.2850 0.3714 0.0012  0.1054  0.0097  90  THR A CA  
717 C C   . THR A 90  ? 0.3667 0.2964 0.3757 0.0096  0.1038  0.0220  90  THR A C   
718 O O   . THR A 90  ? 0.3978 0.2997 0.3848 0.0141  0.1111  0.0307  90  THR A O   
719 C CB  A THR A 90  ? 0.3265 0.2565 0.3409 -0.0156 0.1121  -0.0016 90  THR A CB  
720 C CB  B THR A 90  ? 0.3361 0.2660 0.3508 -0.0156 0.1122  -0.0019 90  THR A CB  
721 O OG1 A THR A 90  ? 0.4132 0.3139 0.3986 -0.0214 0.1204  0.0049  90  THR A OG1 
722 O OG1 B THR A 90  ? 0.2569 0.2012 0.2720 -0.0205 0.1083  -0.0030 90  THR A OG1 
723 C CG2 A THR A 90  ? 0.1892 0.1186 0.2103 -0.0238 0.1166  -0.0142 90  THR A CG2 
724 C CG2 B THR A 90  ? 0.4080 0.3011 0.3940 -0.0224 0.1245  0.0011  90  THR A CG2 
725 N N   . GLY A 91  ? 0.2888 0.2424 0.3080 0.0116  0.0926  0.0229  91  GLY A N   
726 C CA  . GLY A 91  ? 0.1773 0.1327 0.1888 0.0188  0.0894  0.0329  91  GLY A CA  
727 C C   . GLY A 91  ? 0.2712 0.2434 0.2890 0.0293  0.0813  0.0378  91  GLY A C   
728 O O   . GLY A 91  ? 0.2531 0.2306 0.2763 0.0314  0.0802  0.0348  91  GLY A O   
729 N N   . ALA A 92  ? 0.3076 0.2914 0.3230 0.0327  0.0751  0.0430  92  ALA A N   
730 C CA  . ALA A 92  ? 0.2917 0.2964 0.3103 0.0369  0.0672  0.0440  92  ALA A CA  
731 C C   . ALA A 92  ? 0.3928 0.4013 0.4068 0.0526  0.0710  0.0493  92  ALA A C   
732 O O   . ALA A 92  ? 0.3693 0.3941 0.3813 0.0581  0.0663  0.0519  92  ALA A O   
733 C CB  . ALA A 92  ? 0.3062 0.3233 0.3241 0.0315  0.0585  0.0441  92  ALA A CB  
734 N N   . ASN A 93  ? 0.3264 0.3210 0.3390 0.0613  0.0775  0.0470  93  ASN A N   
735 C CA  . ASN A 93  ? 0.3318 0.3277 0.3415 0.0806  0.0726  0.0432  93  ASN A CA  
736 C C   . ASN A 93  ? 0.2866 0.3169 0.3120 0.0787  0.0660  0.0283  93  ASN A C   
737 O O   . ASN A 93  ? 0.3867 0.4159 0.4183 0.0742  0.0684  0.0207  93  ASN A O   
738 C CB  . ASN A 93  ? 0.5445 0.4947 0.5375 0.0899  0.0751  0.0447  93  ASN A CB  
739 C CG  . ASN A 93  ? 0.6315 0.5665 0.6101 0.1100  0.0602  0.0421  93  ASN A CG  
740 O OD1 . ASN A 93  ? 0.4865 0.4546 0.4810 0.1213  0.0503  0.0300  93  ASN A OD1 
741 N ND2 . ASN A 93  ? 0.7748 0.6599 0.7219 0.1106  0.0563  0.0507  93  ASN A ND2 
742 N N   . GLN A 94  ? 0.2282 0.2351 0.3596 0.0361  0.0234  0.0747  94  GLN A N   
743 C CA  . GLN A 94  ? 0.3140 0.3366 0.4755 0.0290  0.0333  0.0690  94  GLN A CA  
744 C C   . GLN A 94  ? 0.3805 0.4082 0.5667 0.0378  0.0468  0.0709  94  GLN A C   
745 O O   . GLN A 94  ? 0.3444 0.3699 0.5384 0.0322  0.0647  0.0661  94  GLN A O   
746 C CB  . GLN A 94  ? 0.3955 0.4425 0.5832 0.0235  0.0192  0.0655  94  GLN A CB  
747 C CG  . GLN A 94  ? 0.5116 0.5505 0.6718 0.0181  0.0016  0.0645  94  GLN A CG  
748 C CD  . GLN A 94  ? 0.6373 0.6762 0.7975 0.0008  0.0038  0.0560  94  GLN A CD  
749 O OE1 . GLN A 94  ? 0.6515 0.7029 0.8397 -0.0085 0.0157  0.0507  94  GLN A OE1 
750 N NE2 . GLN A 94  ? 0.6668 0.6876 0.7930 -0.0043 -0.0050 0.0543  94  GLN A NE2 
751 N N   A GLU A 95  ? 0.4100 0.4393 0.6035 0.0529  0.0387  0.0781  95  GLU A N   
752 N N   B GLU A 95  ? 0.4120 0.4412 0.6052 0.0530  0.0386  0.0781  95  GLU A N   
753 C CA  A GLU A 95  ? 0.3719 0.4030 0.5891 0.0648  0.0508  0.0803  95  GLU A CA  
754 C CA  B GLU A 95  ? 0.3720 0.4029 0.5886 0.0650  0.0505  0.0805  95  GLU A CA  
755 C C   A GLU A 95  ? 0.3125 0.3155 0.5036 0.0618  0.0706  0.0790  95  GLU A C   
756 C C   B GLU A 95  ? 0.3121 0.3153 0.5031 0.0615  0.0707  0.0788  95  GLU A C   
757 O O   A GLU A 95  ? 0.2905 0.2916 0.4904 0.0587  0.0866  0.0738  95  GLU A O   
758 O O   B GLU A 95  ? 0.2902 0.2919 0.4904 0.0577  0.0869  0.0733  95  GLU A O   
759 C CB  A GLU A 95  ? 0.4422 0.4757 0.6619 0.0824  0.0335  0.0875  95  GLU A CB  
760 C CB  B GLU A 95  ? 0.4401 0.4701 0.6551 0.0825  0.0338  0.0881  95  GLU A CB  
761 C CG  A GLU A 95  ? 0.4550 0.5254 0.7135 0.0875  0.0123  0.0855  95  GLU A CG  
762 C CG  B GLU A 95  ? 0.4424 0.5059 0.6902 0.0888  0.0102  0.0876  95  GLU A CG  
763 C CD  A GLU A 95  ? 0.4077 0.5075 0.7133 0.0842  0.0234  0.0754  95  GLU A CD  
764 C CD  B GLU A 95  ? 0.3615 0.4231 0.5845 0.0811  -0.0092 0.0884  95  GLU A CD  
765 O OE1 A GLU A 95  ? 0.4290 0.5221 0.7383 0.0936  0.0335  0.0745  95  GLU A OE1 
766 O OE1 B GLU A 95  ? 0.4546 0.4849 0.6311 0.0830  -0.0109 0.0949  95  GLU A OE1 
767 O OE2 A GLU A 95  ? 0.3761 0.5027 0.7120 0.0707  0.0236  0.0674  95  GLU A OE2 
768 O OE2 B GLU A 95  ? 0.2610 0.3498 0.5076 0.0708  -0.0203 0.0805  95  GLU A OE2 
769 N N   . LYS A 96  ? 0.3007 0.2823 0.4563 0.0593  0.0690  0.0811  96  LYS A N   
770 C CA  . LYS A 96  ? 0.3355 0.2976 0.4688 0.0522  0.0851  0.0756  96  LYS A CA  
771 C C   . LYS A 96  ? 0.4245 0.3865 0.5579 0.0420  0.0953  0.0672  96  LYS A C   
772 O O   . LYS A 96  ? 0.3932 0.3453 0.5193 0.0373  0.1092  0.0606  96  LYS A O   
773 C CB  . LYS A 96  ? 0.3305 0.2764 0.4321 0.0502  0.0818  0.0762  96  LYS A CB  
774 C CG  . LYS A 96  ? 0.3260 0.2587 0.4147 0.0604  0.0758  0.0840  96  LYS A CG  
775 C CD  . LYS A 96  ? 0.4840 0.3956 0.5398 0.0556  0.0802  0.0828  96  LYS A CD  
776 C CE  . LYS A 96  ? 0.5782 0.4663 0.6135 0.0656  0.0787  0.0905  96  LYS A CE  
777 N NZ  . LYS A 96  ? 0.6165 0.4800 0.6184 0.0595  0.0867  0.0894  96  LYS A NZ  
778 N N   . LEU A 97  ? 0.3930 0.3663 0.5252 0.0353  0.0860  0.0650  97  LEU A N   
779 C CA  . LEU A 97  ? 0.3401 0.3085 0.4603 0.0257  0.0928  0.0571  97  LEU A CA  
780 C C   . LEU A 97  ? 0.3644 0.3334 0.5001 0.0243  0.1071  0.0533  97  LEU A C   
781 O O   . LEU A 97  ? 0.3444 0.2970 0.4597 0.0217  0.1136  0.0449  97  LEU A O   
782 C CB  . LEU A 97  ? 0.2209 0.1932 0.3310 0.0193  0.0809  0.0562  97  LEU A CB  
783 C CG  . LEU A 97  ? 0.2508 0.2101 0.3408 0.0118  0.0872  0.0499  97  LEU A CG  
784 C CD1 . LEU A 97  ? 0.3120 0.2584 0.3790 0.0136  0.0896  0.0441  97  LEU A CD1 
785 C CD2 . LEU A 97  ? 0.2497 0.2054 0.3255 0.0068  0.0765  0.0498  97  LEU A CD2 
786 N N   . LYS A 98  ? 0.3830 0.3706 0.5515 0.0267  0.1075  0.0564  98  LYS A N   
787 C CA  . LYS A 98  ? 0.4008 0.3872 0.5820 0.0254  0.1184  0.0509  98  LYS A CA  
788 C C   . LYS A 98  ? 0.3176 0.2858 0.4898 0.0305  0.1275  0.0501  98  LYS A C   
789 O O   . LYS A 98  ? 0.3545 0.3056 0.5126 0.0264  0.1387  0.0428  98  LYS A O   
790 C CB  . LYS A 98  ? 0.4615 0.4780 0.6867 0.0297  0.1137  0.0530  98  LYS A CB  
791 C CG  . LYS A 98  ? 0.5483 0.5856 0.7905 0.0209  0.1060  0.0514  98  LYS A CG  
792 C CD  . LYS A 98  ? 0.6721 0.7414 0.9608 0.0226  0.1029  0.0472  98  LYS A CD  
793 N N   . ALA A 99  ? 0.2719 0.2416 0.4491 0.0392  0.1231  0.0576  99  ALA A N   
794 C CA  . ALA A 99  ? 0.2909 0.2442 0.4614 0.0426  0.1333  0.0579  99  ALA A CA  
795 C C   . ALA A 99  ? 0.4133 0.3404 0.5524 0.0341  0.1413  0.0509  99  ALA A C   
796 O O   . ALA A 99  ? 0.6138 0.5247 0.7465 0.0320  0.1532  0.0465  99  ALA A O   
797 C CB  . ALA A 99  ? 0.2245 0.1805 0.3972 0.0542  0.1254  0.0660  99  ALA A CB  
798 N N   . MET A 100 ? 0.3800 0.3050 0.5012 0.0304  0.1331  0.0472  100 MET A N   
799 C CA  A MET A 100 ? 0.3295 0.2403 0.4250 0.0247  0.1345  0.0350  100 MET A CA  
800 C CA  B MET A 100 ? 0.3067 0.2178 0.4023 0.0247  0.1344  0.0350  100 MET A CA  
801 C C   . MET A 100 ? 0.3877 0.2901 0.4686 0.0193  0.1387  0.0262  100 MET A C   
802 O O   . MET A 100 ? 0.4206 0.3070 0.4844 0.0142  0.1461  0.0177  100 MET A O   
803 C CB  A MET A 100 ? 0.2995 0.2156 0.3856 0.0237  0.1258  0.0331  100 MET A CB  
804 C CB  B MET A 100 ? 0.3001 0.2168 0.3864 0.0238  0.1254  0.0333  100 MET A CB  
805 C CG  A MET A 100 ? 0.2933 0.2051 0.3774 0.0247  0.1295  0.0332  100 MET A CG  
806 C CG  B MET A 100 ? 0.3004 0.2085 0.3689 0.0151  0.1275  0.0212  100 MET A CG  
807 S SD  A MET A 100 ? 0.7059 0.6221 0.7810 0.0207  0.1222  0.0311  100 MET A SD  
808 S SD  B MET A 100 ? 0.3479 0.2672 0.4129 0.0112  0.1195  0.0190  100 MET A SD  
809 C CE  A MET A 100 ? 0.3498 0.2694 0.4143 0.0098  0.1195  0.0175  100 MET A CE  
810 C CE  B MET A 100 ? 0.6955 0.6038 0.7656 0.0160  0.1271  0.0242  100 MET A CE  
811 N N   . ILE A 101 ? 0.4013 0.3140 0.4857 0.0187  0.1354  0.0282  101 ILE A N   
812 C CA  . ILE A 101 ? 0.3560 0.2565 0.4211 0.0133  0.1427  0.0217  101 ILE A CA  
813 C C   . ILE A 101 ? 0.3162 0.2031 0.3865 0.0130  0.1575  0.0186  101 ILE A C   
814 O O   . ILE A 101 ? 0.3904 0.2562 0.4355 0.0083  0.1666  0.0113  101 ILE A O   
815 C CB  . ILE A 101 ? 0.2740 0.1843 0.3423 0.0104  0.1393  0.0247  101 ILE A CB  
816 C CG1 . ILE A 101 ? 0.3256 0.2407 0.3796 0.0092  0.1263  0.0276  101 ILE A CG1 
817 C CG2 . ILE A 101 ? 0.2621 0.1525 0.3076 0.0045  0.1514  0.0188  101 ILE A CG2 
818 C CD1 . ILE A 101 ? 0.2046 0.1163 0.2469 0.0036  0.1239  0.0294  101 ILE A CD1 
819 N N   . LYS A 102 ? 0.2319 0.1303 0.3338 0.0177  0.1606  0.0249  102 LYS A N   
820 C CA  . LYS A 102 ? 0.4011 0.2897 0.5133 0.0182  0.1758  0.0233  102 LYS A CA  
821 C C   . LYS A 102 ? 0.4701 0.3357 0.5641 0.0165  0.1834  0.0197  102 LYS A C   
822 O O   . LYS A 102 ? 0.4847 0.3305 0.5641 0.0121  0.1966  0.0132  102 LYS A O   
823 C CB  . LYS A 102 ? 0.4174 0.3292 0.5701 0.0256  0.1753  0.0316  102 LYS A CB  
824 C CG  . LYS A 102 ? 0.4948 0.4064 0.6665 0.0272  0.1913  0.0284  102 LYS A CG  
825 N N   . LYS A 103 ? 0.4339 0.3006 0.5272 0.0182  0.1765  0.0236  103 LYS A N   
826 C CA  . LYS A 103 ? 0.3382 0.1909 0.4148 0.0140  0.1819  0.0177  103 LYS A CA  
827 C C   . LYS A 103 ? 0.4717 0.3060 0.5178 0.0044  0.1867  0.0053  103 LYS A C   
828 O O   . LYS A 103 ? 0.6485 0.4652 0.6830 -0.0006 0.1992  -0.0002 103 LYS A O   
829 C CB  . LYS A 103 ? 0.3629 0.2250 0.4393 0.0150  0.1721  0.0199  103 LYS A CB  
830 C CG  . LYS A 103 ? 0.4622 0.3104 0.5283 0.0104  0.1813  0.0146  103 LYS A CG  
831 C CD  . LYS A 103 ? 0.4659 0.3217 0.5364 0.0138  0.1783  0.0197  103 LYS A CD  
832 C CE  . LYS A 103 ? 0.4745 0.3401 0.5413 0.0114  0.1634  0.0168  103 LYS A CE  
833 N NZ  . LYS A 103 ? 0.4187 0.2828 0.4810 0.0112  0.1672  0.0110  103 LYS A NZ  
834 N N   . HIS A 104 ? 0.5129 0.3494 0.5434 0.0017  0.1786  0.0018  104 HIS A N   
835 C CA  . HIS A 104 ? 0.5181 0.3409 0.5139 -0.0067 0.1812  -0.0093 104 HIS A CA  
836 C C   . HIS A 104 ? 0.5745 0.3802 0.5443 -0.0086 0.1884  -0.0115 104 HIS A C   
837 O O   . HIS A 104 ? 0.6927 0.4791 0.6274 -0.0143 0.1928  -0.0202 104 HIS A O   
838 C CB  . HIS A 104 ? 0.5984 0.4357 0.5853 -0.0076 0.1676  -0.0141 104 HIS A CB  
839 C CG  . HIS A 104 ? 0.4620 0.3104 0.4688 -0.0090 0.1641  -0.0151 104 HIS A CG  
840 N ND1 . HIS A 104 ? 0.4835 0.3237 0.4849 -0.0173 0.1703  -0.0268 104 HIS A ND1 
841 C CD2 . HIS A 104 ? 0.3835 0.2461 0.4123 -0.0040 0.1567  -0.0067 104 HIS A CD2 
842 C CE1 . HIS A 104 ? 0.4248 0.2723 0.4447 -0.0187 0.1694  -0.0251 104 HIS A CE1 
843 N NE2 . HIS A 104 ? 0.4228 0.2821 0.4570 -0.0098 0.1607  -0.0124 104 HIS A NE2 
844 N N   . ALA A 105 ? 0.4831 0.2948 0.4678 -0.0041 0.1894  -0.0051 105 ALA A N   
845 C CA  . ALA A 105 ? 0.4322 0.2251 0.3918 -0.0072 0.1980  -0.0072 105 ALA A CA  
846 C C   . ALA A 105 ? 0.6693 0.4355 0.6128 -0.0122 0.2158  -0.0125 105 ALA A C   
847 O O   . ALA A 105 ? 0.7763 0.5460 0.7472 -0.0102 0.2252  -0.0115 105 ALA A O   
848 C CB  . ALA A 105 ? 0.3543 0.1656 0.3422 -0.0038 0.1974  -0.0018 105 ALA A CB  
# 
